data_2Z84
# 
_entry.id   2Z84 
# 
_audit_conform.dict_name       mmcif_pdbx.dic 
_audit_conform.dict_version    5.388 
_audit_conform.dict_location   http://mmcif.pdb.org/dictionaries/ascii/mmcif_pdbx.dic 
# 
loop_
_database_2.database_id 
_database_2.database_code 
_database_2.pdbx_database_accession 
_database_2.pdbx_DOI 
PDB   2Z84         pdb_00002z84 10.2210/pdb2z84/pdb 
RCSB  RCSB027640   ?            ?                   
WWPDB D_1000027640 ?            ?                   
# 
loop_
_pdbx_audit_revision_history.ordinal 
_pdbx_audit_revision_history.data_content_type 
_pdbx_audit_revision_history.major_revision 
_pdbx_audit_revision_history.minor_revision 
_pdbx_audit_revision_history.revision_date 
1 'Structure model' 1 0 2008-03-04 
2 'Structure model' 1 1 2011-07-13 
3 'Structure model' 1 2 2017-06-07 
4 'Structure model' 1 3 2024-03-13 
# 
_pdbx_audit_revision_details.ordinal             1 
_pdbx_audit_revision_details.revision_ordinal    1 
_pdbx_audit_revision_details.data_content_type   'Structure model' 
_pdbx_audit_revision_details.provider            repository 
_pdbx_audit_revision_details.type                'Initial release' 
_pdbx_audit_revision_details.description         ? 
_pdbx_audit_revision_details.details             ? 
# 
loop_
_pdbx_audit_revision_group.ordinal 
_pdbx_audit_revision_group.revision_ordinal 
_pdbx_audit_revision_group.data_content_type 
_pdbx_audit_revision_group.group 
1 2 'Structure model' 'Version format compliance' 
2 3 'Structure model' 'Database references'       
3 4 'Structure model' 'Data collection'           
4 4 'Structure model' 'Database references'       
# 
loop_
_pdbx_audit_revision_category.ordinal 
_pdbx_audit_revision_category.revision_ordinal 
_pdbx_audit_revision_category.data_content_type 
_pdbx_audit_revision_category.category 
1 4 'Structure model' chem_comp_atom     
2 4 'Structure model' chem_comp_bond     
3 4 'Structure model' database_2         
4 4 'Structure model' struct_ref_seq_dif 
# 
loop_
_pdbx_audit_revision_item.ordinal 
_pdbx_audit_revision_item.revision_ordinal 
_pdbx_audit_revision_item.data_content_type 
_pdbx_audit_revision_item.item 
1 4 'Structure model' '_database_2.pdbx_DOI'                
2 4 'Structure model' '_database_2.pdbx_database_accession' 
3 4 'Structure model' '_struct_ref_seq_dif.details'         
# 
_pdbx_database_status.status_code                     REL 
_pdbx_database_status.entry_id                        2Z84 
_pdbx_database_status.recvd_initial_deposition_date   2007-08-30 
_pdbx_database_status.deposit_site                    PDBJ 
_pdbx_database_status.process_site                    PDBJ 
_pdbx_database_status.status_code_sf                  REL 
_pdbx_database_status.status_code_mr                  ? 
_pdbx_database_status.SG_entry                        ? 
_pdbx_database_status.pdb_format_compatible           Y 
_pdbx_database_status.status_code_cs                  ? 
_pdbx_database_status.methods_development_category    ? 
_pdbx_database_status.status_code_nmr_data            ? 
# 
loop_
_audit_author.name 
_audit_author.pdbx_ordinal 
'Ha, B.H.'    1 
'Ahn, H.C.'   2 
'Kang, S.H.'  3 
'Tanaka, K.'  4 
'Chung, C.H.' 5 
'Kim, E.E.'   6 
# 
_citation.id                        primary 
_citation.title                     'Structural basis for Ufm1 processing by UfSP1' 
_citation.journal_abbrev            'J. Biol. Chem.' 
_citation.journal_volume            283 
_citation.page_first                14893 
_citation.page_last                 14900 
_citation.year                      2008 
_citation.journal_id_ASTM           JBCHA3 
_citation.country                   US 
_citation.journal_id_ISSN           0021-9258 
_citation.journal_id_CSD            0071 
_citation.book_publisher            ? 
_citation.pdbx_database_id_PubMed   18321862 
_citation.pdbx_database_id_DOI      10.1074/jbc.M708756200 
# 
loop_
_citation_author.citation_id 
_citation_author.name 
_citation_author.ordinal 
_citation_author.identifier_ORCID 
primary 'Ha, B.H.'    1 ? 
primary 'Ahn, H.C.'   2 ? 
primary 'Kang, S.H.'  3 ? 
primary 'Tanaka, K.'  4 ? 
primary 'Chung, C.H.' 5 ? 
primary 'Kim, E.E.'   6 ? 
# 
loop_
_entity.id 
_entity.type 
_entity.src_method 
_entity.pdbx_description 
_entity.formula_weight 
_entity.pdbx_number_of_molecules 
_entity.pdbx_ec 
_entity.pdbx_mutation 
_entity.pdbx_fragment 
_entity.details 
1 polymer man 'Ufm1-specific protease 1' 23801.920 1   3.4.22.- ? 'residues 6-216' ? 
2 water   nat water                      18.015    111 ?        ? ?                ? 
# 
_entity_name_com.entity_id   1 
_entity_name_com.name        UfSP1 
# 
_entity_poly.entity_id                      1 
_entity_poly.type                           'polypeptide(L)' 
_entity_poly.nstd_linkage                   no 
_entity_poly.nstd_monomer                   no 
_entity_poly.pdbx_seq_one_letter_code       
;PSTLELLKDVHLGLPVPCHDPARLALLSGHYLYYHYGCDGLDDRGWGCGYRTLQTLCSWPGGQSSGVPGLPALQGALEAM
GDKPPGFRGSRNWIGCVEASLCLEHFGGPQGRLCHLPRGVGLRGEEERLYSHFTTGGGPVMVGGDADAQSKALLGICEGP
GSEVYVLILDPHYWGTPKNRCELQAAGWVGWQKVKSVFDSNSFYNLCFTRLEHHHHHH
;
_entity_poly.pdbx_seq_one_letter_code_can   
;PSTLELLKDVHLGLPVPCHDPARLALLSGHYLYYHYGCDGLDDRGWGCGYRTLQTLCSWPGGQSSGVPGLPALQGALEAM
GDKPPGFRGSRNWIGCVEASLCLEHFGGPQGRLCHLPRGVGLRGEEERLYSHFTTGGGPVMVGGDADAQSKALLGICEGP
GSEVYVLILDPHYWGTPKNRCELQAAGWVGWQKVKSVFDSNSFYNLCFTRLEHHHHHH
;
_entity_poly.pdbx_strand_id                 A 
_entity_poly.pdbx_target_identifier         ? 
# 
_pdbx_entity_nonpoly.entity_id   2 
_pdbx_entity_nonpoly.name        water 
_pdbx_entity_nonpoly.comp_id     HOH 
# 
loop_
_entity_poly_seq.entity_id 
_entity_poly_seq.num 
_entity_poly_seq.mon_id 
_entity_poly_seq.hetero 
1 1   PRO n 
1 2   SER n 
1 3   THR n 
1 4   LEU n 
1 5   GLU n 
1 6   LEU n 
1 7   LEU n 
1 8   LYS n 
1 9   ASP n 
1 10  VAL n 
1 11  HIS n 
1 12  LEU n 
1 13  GLY n 
1 14  LEU n 
1 15  PRO n 
1 16  VAL n 
1 17  PRO n 
1 18  CYS n 
1 19  HIS n 
1 20  ASP n 
1 21  PRO n 
1 22  ALA n 
1 23  ARG n 
1 24  LEU n 
1 25  ALA n 
1 26  LEU n 
1 27  LEU n 
1 28  SER n 
1 29  GLY n 
1 30  HIS n 
1 31  TYR n 
1 32  LEU n 
1 33  TYR n 
1 34  TYR n 
1 35  HIS n 
1 36  TYR n 
1 37  GLY n 
1 38  CYS n 
1 39  ASP n 
1 40  GLY n 
1 41  LEU n 
1 42  ASP n 
1 43  ASP n 
1 44  ARG n 
1 45  GLY n 
1 46  TRP n 
1 47  GLY n 
1 48  CYS n 
1 49  GLY n 
1 50  TYR n 
1 51  ARG n 
1 52  THR n 
1 53  LEU n 
1 54  GLN n 
1 55  THR n 
1 56  LEU n 
1 57  CYS n 
1 58  SER n 
1 59  TRP n 
1 60  PRO n 
1 61  GLY n 
1 62  GLY n 
1 63  GLN n 
1 64  SER n 
1 65  SER n 
1 66  GLY n 
1 67  VAL n 
1 68  PRO n 
1 69  GLY n 
1 70  LEU n 
1 71  PRO n 
1 72  ALA n 
1 73  LEU n 
1 74  GLN n 
1 75  GLY n 
1 76  ALA n 
1 77  LEU n 
1 78  GLU n 
1 79  ALA n 
1 80  MET n 
1 81  GLY n 
1 82  ASP n 
1 83  LYS n 
1 84  PRO n 
1 85  PRO n 
1 86  GLY n 
1 87  PHE n 
1 88  ARG n 
1 89  GLY n 
1 90  SER n 
1 91  ARG n 
1 92  ASN n 
1 93  TRP n 
1 94  ILE n 
1 95  GLY n 
1 96  CYS n 
1 97  VAL n 
1 98  GLU n 
1 99  ALA n 
1 100 SER n 
1 101 LEU n 
1 102 CYS n 
1 103 LEU n 
1 104 GLU n 
1 105 HIS n 
1 106 PHE n 
1 107 GLY n 
1 108 GLY n 
1 109 PRO n 
1 110 GLN n 
1 111 GLY n 
1 112 ARG n 
1 113 LEU n 
1 114 CYS n 
1 115 HIS n 
1 116 LEU n 
1 117 PRO n 
1 118 ARG n 
1 119 GLY n 
1 120 VAL n 
1 121 GLY n 
1 122 LEU n 
1 123 ARG n 
1 124 GLY n 
1 125 GLU n 
1 126 GLU n 
1 127 GLU n 
1 128 ARG n 
1 129 LEU n 
1 130 TYR n 
1 131 SER n 
1 132 HIS n 
1 133 PHE n 
1 134 THR n 
1 135 THR n 
1 136 GLY n 
1 137 GLY n 
1 138 GLY n 
1 139 PRO n 
1 140 VAL n 
1 141 MET n 
1 142 VAL n 
1 143 GLY n 
1 144 GLY n 
1 145 ASP n 
1 146 ALA n 
1 147 ASP n 
1 148 ALA n 
1 149 GLN n 
1 150 SER n 
1 151 LYS n 
1 152 ALA n 
1 153 LEU n 
1 154 LEU n 
1 155 GLY n 
1 156 ILE n 
1 157 CYS n 
1 158 GLU n 
1 159 GLY n 
1 160 PRO n 
1 161 GLY n 
1 162 SER n 
1 163 GLU n 
1 164 VAL n 
1 165 TYR n 
1 166 VAL n 
1 167 LEU n 
1 168 ILE n 
1 169 LEU n 
1 170 ASP n 
1 171 PRO n 
1 172 HIS n 
1 173 TYR n 
1 174 TRP n 
1 175 GLY n 
1 176 THR n 
1 177 PRO n 
1 178 LYS n 
1 179 ASN n 
1 180 ARG n 
1 181 CYS n 
1 182 GLU n 
1 183 LEU n 
1 184 GLN n 
1 185 ALA n 
1 186 ALA n 
1 187 GLY n 
1 188 TRP n 
1 189 VAL n 
1 190 GLY n 
1 191 TRP n 
1 192 GLN n 
1 193 LYS n 
1 194 VAL n 
1 195 LYS n 
1 196 SER n 
1 197 VAL n 
1 198 PHE n 
1 199 ASP n 
1 200 SER n 
1 201 ASN n 
1 202 SER n 
1 203 PHE n 
1 204 TYR n 
1 205 ASN n 
1 206 LEU n 
1 207 CYS n 
1 208 PHE n 
1 209 THR n 
1 210 ARG n 
1 211 LEU n 
1 212 GLU n 
1 213 HIS n 
1 214 HIS n 
1 215 HIS n 
1 216 HIS n 
1 217 HIS n 
1 218 HIS n 
# 
_entity_src_gen.entity_id                          1 
_entity_src_gen.pdbx_src_id                        1 
_entity_src_gen.pdbx_alt_source_flag               sample 
_entity_src_gen.pdbx_seq_type                      ? 
_entity_src_gen.pdbx_beg_seq_num                   ? 
_entity_src_gen.pdbx_end_seq_num                   ? 
_entity_src_gen.gene_src_common_name               'house mouse' 
_entity_src_gen.gene_src_genus                     Mus 
_entity_src_gen.pdbx_gene_src_gene                 ? 
_entity_src_gen.gene_src_species                   ? 
_entity_src_gen.gene_src_strain                    ? 
_entity_src_gen.gene_src_tissue                    ? 
_entity_src_gen.gene_src_tissue_fraction           ? 
_entity_src_gen.gene_src_details                   ? 
_entity_src_gen.pdbx_gene_src_fragment             ? 
_entity_src_gen.pdbx_gene_src_scientific_name      'Mus musculus' 
_entity_src_gen.pdbx_gene_src_ncbi_taxonomy_id     10090 
_entity_src_gen.pdbx_gene_src_variant              ? 
_entity_src_gen.pdbx_gene_src_cell_line            ? 
_entity_src_gen.pdbx_gene_src_atcc                 ? 
_entity_src_gen.pdbx_gene_src_organ                ? 
_entity_src_gen.pdbx_gene_src_organelle            ? 
_entity_src_gen.pdbx_gene_src_cell                 ? 
_entity_src_gen.pdbx_gene_src_cellular_location    ? 
_entity_src_gen.host_org_common_name               ? 
_entity_src_gen.pdbx_host_org_scientific_name      'Escherichia coli' 
_entity_src_gen.pdbx_host_org_ncbi_taxonomy_id     562 
_entity_src_gen.host_org_genus                     Escherichia 
_entity_src_gen.pdbx_host_org_gene                 ? 
_entity_src_gen.pdbx_host_org_organ                ? 
_entity_src_gen.host_org_species                   ? 
_entity_src_gen.pdbx_host_org_tissue               ? 
_entity_src_gen.pdbx_host_org_tissue_fraction      ? 
_entity_src_gen.pdbx_host_org_strain               'Rosetta (DE3)' 
_entity_src_gen.pdbx_host_org_variant              ? 
_entity_src_gen.pdbx_host_org_cell_line            ? 
_entity_src_gen.pdbx_host_org_atcc                 ? 
_entity_src_gen.pdbx_host_org_culture_collection   ? 
_entity_src_gen.pdbx_host_org_cell                 ? 
_entity_src_gen.pdbx_host_org_organelle            ? 
_entity_src_gen.pdbx_host_org_cellular_location    ? 
_entity_src_gen.pdbx_host_org_vector_type          plasmid 
_entity_src_gen.pdbx_host_org_vector               ? 
_entity_src_gen.host_org_details                   ? 
_entity_src_gen.expression_system_id               ? 
_entity_src_gen.plasmid_name                       pET22b 
_entity_src_gen.plasmid_details                    ? 
_entity_src_gen.pdbx_description                   ? 
# 
loop_
_chem_comp.id 
_chem_comp.type 
_chem_comp.mon_nstd_flag 
_chem_comp.name 
_chem_comp.pdbx_synonyms 
_chem_comp.formula 
_chem_comp.formula_weight 
ALA 'L-peptide linking' y ALANINE         ? 'C3 H7 N O2'     89.093  
ARG 'L-peptide linking' y ARGININE        ? 'C6 H15 N4 O2 1' 175.209 
ASN 'L-peptide linking' y ASPARAGINE      ? 'C4 H8 N2 O3'    132.118 
ASP 'L-peptide linking' y 'ASPARTIC ACID' ? 'C4 H7 N O4'     133.103 
CYS 'L-peptide linking' y CYSTEINE        ? 'C3 H7 N O2 S'   121.158 
GLN 'L-peptide linking' y GLUTAMINE       ? 'C5 H10 N2 O3'   146.144 
GLU 'L-peptide linking' y 'GLUTAMIC ACID' ? 'C5 H9 N O4'     147.129 
GLY 'peptide linking'   y GLYCINE         ? 'C2 H5 N O2'     75.067  
HIS 'L-peptide linking' y HISTIDINE       ? 'C6 H10 N3 O2 1' 156.162 
HOH non-polymer         . WATER           ? 'H2 O'           18.015  
ILE 'L-peptide linking' y ISOLEUCINE      ? 'C6 H13 N O2'    131.173 
LEU 'L-peptide linking' y LEUCINE         ? 'C6 H13 N O2'    131.173 
LYS 'L-peptide linking' y LYSINE          ? 'C6 H15 N2 O2 1' 147.195 
MET 'L-peptide linking' y METHIONINE      ? 'C5 H11 N O2 S'  149.211 
PHE 'L-peptide linking' y PHENYLALANINE   ? 'C9 H11 N O2'    165.189 
PRO 'L-peptide linking' y PROLINE         ? 'C5 H9 N O2'     115.130 
SER 'L-peptide linking' y SERINE          ? 'C3 H7 N O3'     105.093 
THR 'L-peptide linking' y THREONINE       ? 'C4 H9 N O3'     119.119 
TRP 'L-peptide linking' y TRYPTOPHAN      ? 'C11 H12 N2 O2'  204.225 
TYR 'L-peptide linking' y TYROSINE        ? 'C9 H11 N O3'    181.189 
VAL 'L-peptide linking' y VALINE          ? 'C5 H11 N O2'    117.146 
# 
loop_
_pdbx_poly_seq_scheme.asym_id 
_pdbx_poly_seq_scheme.entity_id 
_pdbx_poly_seq_scheme.seq_id 
_pdbx_poly_seq_scheme.mon_id 
_pdbx_poly_seq_scheme.ndb_seq_num 
_pdbx_poly_seq_scheme.pdb_seq_num 
_pdbx_poly_seq_scheme.auth_seq_num 
_pdbx_poly_seq_scheme.pdb_mon_id 
_pdbx_poly_seq_scheme.auth_mon_id 
_pdbx_poly_seq_scheme.pdb_strand_id 
_pdbx_poly_seq_scheme.pdb_ins_code 
_pdbx_poly_seq_scheme.hetero 
A 1 1   PRO 1   6   ?   ?   ?   A . n 
A 1 2   SER 2   7   7   SER SER A . n 
A 1 3   THR 3   8   8   THR THR A . n 
A 1 4   LEU 4   9   9   LEU LEU A . n 
A 1 5   GLU 5   10  10  GLU GLU A . n 
A 1 6   LEU 6   11  11  LEU LEU A . n 
A 1 7   LEU 7   12  12  LEU LEU A . n 
A 1 8   LYS 8   13  13  LYS LYS A . n 
A 1 9   ASP 9   14  14  ASP ASP A . n 
A 1 10  VAL 10  15  15  VAL VAL A . n 
A 1 11  HIS 11  16  16  HIS HIS A . n 
A 1 12  LEU 12  17  17  LEU LEU A . n 
A 1 13  GLY 13  18  18  GLY GLY A . n 
A 1 14  LEU 14  19  19  LEU LEU A . n 
A 1 15  PRO 15  20  20  PRO PRO A . n 
A 1 16  VAL 16  21  21  VAL VAL A . n 
A 1 17  PRO 17  22  22  PRO PRO A . n 
A 1 18  CYS 18  23  23  CYS CYS A . n 
A 1 19  HIS 19  24  24  HIS HIS A . n 
A 1 20  ASP 20  25  25  ASP ASP A . n 
A 1 21  PRO 21  26  26  PRO PRO A . n 
A 1 22  ALA 22  27  27  ALA ALA A . n 
A 1 23  ARG 23  28  28  ARG ARG A . n 
A 1 24  LEU 24  29  29  LEU LEU A . n 
A 1 25  ALA 25  30  30  ALA ALA A . n 
A 1 26  LEU 26  31  31  LEU LEU A . n 
A 1 27  LEU 27  32  32  LEU LEU A . n 
A 1 28  SER 28  33  33  SER SER A . n 
A 1 29  GLY 29  34  34  GLY GLY A . n 
A 1 30  HIS 30  35  35  HIS HIS A . n 
A 1 31  TYR 31  36  36  TYR TYR A . n 
A 1 32  LEU 32  37  37  LEU LEU A . n 
A 1 33  TYR 33  38  38  TYR TYR A . n 
A 1 34  TYR 34  39  39  TYR TYR A . n 
A 1 35  HIS 35  40  40  HIS HIS A . n 
A 1 36  TYR 36  41  41  TYR TYR A . n 
A 1 37  GLY 37  42  42  GLY GLY A . n 
A 1 38  CYS 38  43  43  CYS CYS A . n 
A 1 39  ASP 39  44  44  ASP ASP A . n 
A 1 40  GLY 40  45  45  GLY GLY A . n 
A 1 41  LEU 41  46  46  LEU LEU A . n 
A 1 42  ASP 42  47  47  ASP ASP A . n 
A 1 43  ASP 43  48  48  ASP ASP A . n 
A 1 44  ARG 44  49  49  ARG ARG A . n 
A 1 45  GLY 45  50  50  GLY GLY A . n 
A 1 46  TRP 46  51  51  TRP TRP A . n 
A 1 47  GLY 47  52  52  GLY GLY A . n 
A 1 48  CYS 48  53  53  CYS CYS A . n 
A 1 49  GLY 49  54  54  GLY GLY A . n 
A 1 50  TYR 50  55  55  TYR TYR A . n 
A 1 51  ARG 51  56  56  ARG ARG A . n 
A 1 52  THR 52  57  57  THR THR A . n 
A 1 53  LEU 53  58  58  LEU LEU A . n 
A 1 54  GLN 54  59  59  GLN GLN A . n 
A 1 55  THR 55  60  60  THR THR A . n 
A 1 56  LEU 56  61  61  LEU LEU A . n 
A 1 57  CYS 57  62  62  CYS CYS A . n 
A 1 58  SER 58  63  63  SER SER A . n 
A 1 59  TRP 59  64  64  TRP TRP A . n 
A 1 60  PRO 60  65  65  PRO PRO A . n 
A 1 61  GLY 61  66  66  GLY GLY A . n 
A 1 62  GLY 62  67  67  GLY GLY A . n 
A 1 63  GLN 63  68  68  GLN GLN A . n 
A 1 64  SER 64  69  69  SER SER A . n 
A 1 65  SER 65  70  70  SER SER A . n 
A 1 66  GLY 66  71  71  GLY GLY A . n 
A 1 67  VAL 67  72  72  VAL VAL A . n 
A 1 68  PRO 68  73  73  PRO PRO A . n 
A 1 69  GLY 69  74  74  GLY GLY A . n 
A 1 70  LEU 70  75  75  LEU LEU A . n 
A 1 71  PRO 71  76  76  PRO PRO A . n 
A 1 72  ALA 72  77  77  ALA ALA A . n 
A 1 73  LEU 73  78  78  LEU LEU A . n 
A 1 74  GLN 74  79  79  GLN GLN A . n 
A 1 75  GLY 75  80  80  GLY GLY A . n 
A 1 76  ALA 76  81  81  ALA ALA A . n 
A 1 77  LEU 77  82  82  LEU LEU A . n 
A 1 78  GLU 78  83  83  GLU GLU A . n 
A 1 79  ALA 79  84  84  ALA ALA A . n 
A 1 80  MET 80  85  85  MET MET A . n 
A 1 81  GLY 81  86  86  GLY GLY A . n 
A 1 82  ASP 82  87  87  ASP ASP A . n 
A 1 83  LYS 83  88  88  LYS LYS A . n 
A 1 84  PRO 84  89  89  PRO PRO A . n 
A 1 85  PRO 85  90  90  PRO PRO A . n 
A 1 86  GLY 86  91  91  GLY GLY A . n 
A 1 87  PHE 87  92  92  PHE PHE A . n 
A 1 88  ARG 88  93  93  ARG ARG A . n 
A 1 89  GLY 89  94  94  GLY GLY A . n 
A 1 90  SER 90  95  95  SER SER A . n 
A 1 91  ARG 91  96  96  ARG ARG A . n 
A 1 92  ASN 92  97  97  ASN ASN A . n 
A 1 93  TRP 93  98  98  TRP TRP A . n 
A 1 94  ILE 94  99  99  ILE ILE A . n 
A 1 95  GLY 95  100 100 GLY GLY A . n 
A 1 96  CYS 96  101 101 CYS CYS A . n 
A 1 97  VAL 97  102 102 VAL VAL A . n 
A 1 98  GLU 98  103 103 GLU GLU A . n 
A 1 99  ALA 99  104 104 ALA ALA A . n 
A 1 100 SER 100 105 105 SER SER A . n 
A 1 101 LEU 101 106 106 LEU LEU A . n 
A 1 102 CYS 102 107 107 CYS CYS A . n 
A 1 103 LEU 103 108 108 LEU LEU A . n 
A 1 104 GLU 104 109 109 GLU GLU A . n 
A 1 105 HIS 105 110 110 HIS HIS A . n 
A 1 106 PHE 106 111 111 PHE PHE A . n 
A 1 107 GLY 107 112 112 GLY GLY A . n 
A 1 108 GLY 108 113 113 GLY GLY A . n 
A 1 109 PRO 109 114 114 PRO PRO A . n 
A 1 110 GLN 110 115 115 GLN GLN A . n 
A 1 111 GLY 111 116 116 GLY GLY A . n 
A 1 112 ARG 112 117 117 ARG ARG A . n 
A 1 113 LEU 113 118 118 LEU LEU A . n 
A 1 114 CYS 114 119 119 CYS CYS A . n 
A 1 115 HIS 115 120 120 HIS HIS A . n 
A 1 116 LEU 116 121 121 LEU LEU A . n 
A 1 117 PRO 117 122 122 PRO PRO A . n 
A 1 118 ARG 118 123 123 ARG ARG A . n 
A 1 119 GLY 119 124 124 GLY GLY A . n 
A 1 120 VAL 120 125 125 VAL VAL A . n 
A 1 121 GLY 121 126 126 GLY GLY A . n 
A 1 122 LEU 122 127 127 LEU LEU A . n 
A 1 123 ARG 123 128 128 ARG ARG A . n 
A 1 124 GLY 124 129 129 GLY GLY A . n 
A 1 125 GLU 125 130 130 GLU GLU A . n 
A 1 126 GLU 126 131 131 GLU GLU A . n 
A 1 127 GLU 127 132 132 GLU GLU A . n 
A 1 128 ARG 128 133 133 ARG ARG A . n 
A 1 129 LEU 129 134 134 LEU LEU A . n 
A 1 130 TYR 130 135 135 TYR TYR A . n 
A 1 131 SER 131 136 136 SER SER A . n 
A 1 132 HIS 132 137 137 HIS HIS A . n 
A 1 133 PHE 133 138 138 PHE PHE A . n 
A 1 134 THR 134 139 139 THR THR A . n 
A 1 135 THR 135 140 140 THR THR A . n 
A 1 136 GLY 136 141 141 GLY GLY A . n 
A 1 137 GLY 137 142 142 GLY GLY A . n 
A 1 138 GLY 138 143 143 GLY GLY A . n 
A 1 139 PRO 139 144 144 PRO PRO A . n 
A 1 140 VAL 140 145 145 VAL VAL A . n 
A 1 141 MET 141 146 146 MET MET A . n 
A 1 142 VAL 142 147 147 VAL VAL A . n 
A 1 143 GLY 143 148 148 GLY GLY A . n 
A 1 144 GLY 144 149 149 GLY GLY A . n 
A 1 145 ASP 145 150 150 ASP ASP A . n 
A 1 146 ALA 146 151 151 ALA ALA A . n 
A 1 147 ASP 147 152 152 ASP ASP A . n 
A 1 148 ALA 148 153 153 ALA ALA A . n 
A 1 149 GLN 149 154 154 GLN GLN A . n 
A 1 150 SER 150 155 155 SER SER A . n 
A 1 151 LYS 151 156 156 LYS LYS A . n 
A 1 152 ALA 152 157 157 ALA ALA A . n 
A 1 153 LEU 153 158 158 LEU LEU A . n 
A 1 154 LEU 154 159 159 LEU LEU A . n 
A 1 155 GLY 155 160 160 GLY GLY A . n 
A 1 156 ILE 156 161 161 ILE ILE A . n 
A 1 157 CYS 157 162 162 CYS CYS A . n 
A 1 158 GLU 158 163 163 GLU GLU A . n 
A 1 159 GLY 159 164 164 GLY GLY A . n 
A 1 160 PRO 160 165 165 PRO PRO A . n 
A 1 161 GLY 161 166 166 GLY GLY A . n 
A 1 162 SER 162 167 167 SER SER A . n 
A 1 163 GLU 163 168 168 GLU GLU A . n 
A 1 164 VAL 164 169 169 VAL VAL A . n 
A 1 165 TYR 165 170 170 TYR TYR A . n 
A 1 166 VAL 166 171 171 VAL VAL A . n 
A 1 167 LEU 167 172 172 LEU LEU A . n 
A 1 168 ILE 168 173 173 ILE ILE A . n 
A 1 169 LEU 169 174 174 LEU LEU A . n 
A 1 170 ASP 170 175 175 ASP ASP A . n 
A 1 171 PRO 171 176 176 PRO PRO A . n 
A 1 172 HIS 172 177 177 HIS HIS A . n 
A 1 173 TYR 173 178 178 TYR TYR A . n 
A 1 174 TRP 174 179 179 TRP TRP A . n 
A 1 175 GLY 175 180 180 GLY GLY A . n 
A 1 176 THR 176 181 181 THR THR A . n 
A 1 177 PRO 177 182 182 PRO PRO A . n 
A 1 178 LYS 178 183 183 LYS LYS A . n 
A 1 179 ASN 179 184 184 ASN ASN A . n 
A 1 180 ARG 180 185 185 ARG ARG A . n 
A 1 181 CYS 181 186 186 CYS CYS A . n 
A 1 182 GLU 182 187 187 GLU GLU A . n 
A 1 183 LEU 183 188 188 LEU LEU A . n 
A 1 184 GLN 184 189 189 GLN GLN A . n 
A 1 185 ALA 185 190 190 ALA ALA A . n 
A 1 186 ALA 186 191 191 ALA ALA A . n 
A 1 187 GLY 187 192 192 GLY GLY A . n 
A 1 188 TRP 188 193 193 TRP TRP A . n 
A 1 189 VAL 189 194 194 VAL VAL A . n 
A 1 190 GLY 190 195 195 GLY GLY A . n 
A 1 191 TRP 191 196 196 TRP TRP A . n 
A 1 192 GLN 192 197 197 GLN GLN A . n 
A 1 193 LYS 193 198 198 LYS LYS A . n 
A 1 194 VAL 194 199 199 VAL VAL A . n 
A 1 195 LYS 195 200 200 LYS LYS A . n 
A 1 196 SER 196 201 201 SER SER A . n 
A 1 197 VAL 197 202 202 VAL VAL A . n 
A 1 198 PHE 198 203 203 PHE PHE A . n 
A 1 199 ASP 199 204 204 ASP ASP A . n 
A 1 200 SER 200 205 205 SER SER A . n 
A 1 201 ASN 201 206 206 ASN ASN A . n 
A 1 202 SER 202 207 207 SER SER A . n 
A 1 203 PHE 203 208 208 PHE PHE A . n 
A 1 204 TYR 204 209 209 TYR TYR A . n 
A 1 205 ASN 205 210 210 ASN ASN A . n 
A 1 206 LEU 206 211 211 LEU LEU A . n 
A 1 207 CYS 207 212 212 CYS CYS A . n 
A 1 208 PHE 208 213 213 PHE PHE A . n 
A 1 209 THR 209 214 214 THR THR A . n 
A 1 210 ARG 210 215 215 ARG ARG A . n 
A 1 211 LEU 211 216 216 LEU LEU A . n 
A 1 212 GLU 212 217 ?   ?   ?   A . n 
A 1 213 HIS 213 218 ?   ?   ?   A . n 
A 1 214 HIS 214 219 ?   ?   ?   A . n 
A 1 215 HIS 215 220 ?   ?   ?   A . n 
A 1 216 HIS 216 221 ?   ?   ?   A . n 
A 1 217 HIS 217 222 ?   ?   ?   A . n 
A 1 218 HIS 218 223 ?   ?   ?   A . n 
# 
loop_
_pdbx_nonpoly_scheme.asym_id 
_pdbx_nonpoly_scheme.entity_id 
_pdbx_nonpoly_scheme.mon_id 
_pdbx_nonpoly_scheme.ndb_seq_num 
_pdbx_nonpoly_scheme.pdb_seq_num 
_pdbx_nonpoly_scheme.auth_seq_num 
_pdbx_nonpoly_scheme.pdb_mon_id 
_pdbx_nonpoly_scheme.auth_mon_id 
_pdbx_nonpoly_scheme.pdb_strand_id 
_pdbx_nonpoly_scheme.pdb_ins_code 
B 2 HOH 1   1217 1217 HOH HOH A . 
B 2 HOH 2   1218 1218 HOH HOH A . 
B 2 HOH 3   1219 1219 HOH HOH A . 
B 2 HOH 4   1220 1220 HOH HOH A . 
B 2 HOH 5   1221 1221 HOH HOH A . 
B 2 HOH 6   1222 1222 HOH HOH A . 
B 2 HOH 7   1223 1223 HOH HOH A . 
B 2 HOH 8   1224 1224 HOH HOH A . 
B 2 HOH 9   1225 1225 HOH HOH A . 
B 2 HOH 10  1226 1226 HOH HOH A . 
B 2 HOH 11  1227 1227 HOH HOH A . 
B 2 HOH 12  1228 1228 HOH HOH A . 
B 2 HOH 13  1229 1229 HOH HOH A . 
B 2 HOH 14  1230 1230 HOH HOH A . 
B 2 HOH 15  1231 1231 HOH HOH A . 
B 2 HOH 16  1232 1232 HOH HOH A . 
B 2 HOH 17  1233 1233 HOH HOH A . 
B 2 HOH 18  1234 1234 HOH HOH A . 
B 2 HOH 19  1235 1235 HOH HOH A . 
B 2 HOH 20  1236 1236 HOH HOH A . 
B 2 HOH 21  1237 1237 HOH HOH A . 
B 2 HOH 22  1238 1238 HOH HOH A . 
B 2 HOH 23  1239 1239 HOH HOH A . 
B 2 HOH 24  1240 1240 HOH HOH A . 
B 2 HOH 25  1241 1241 HOH HOH A . 
B 2 HOH 26  1242 1242 HOH HOH A . 
B 2 HOH 27  1243 1243 HOH HOH A . 
B 2 HOH 28  1244 1244 HOH HOH A . 
B 2 HOH 29  1245 1245 HOH HOH A . 
B 2 HOH 30  1246 1246 HOH HOH A . 
B 2 HOH 31  1247 1247 HOH HOH A . 
B 2 HOH 32  1248 1248 HOH HOH A . 
B 2 HOH 33  1249 1249 HOH HOH A . 
B 2 HOH 34  1250 1250 HOH HOH A . 
B 2 HOH 35  1251 1251 HOH HOH A . 
B 2 HOH 36  1252 1252 HOH HOH A . 
B 2 HOH 37  1253 1253 HOH HOH A . 
B 2 HOH 38  1254 1254 HOH HOH A . 
B 2 HOH 39  1255 1255 HOH HOH A . 
B 2 HOH 40  1256 1256 HOH HOH A . 
B 2 HOH 41  1257 1257 HOH HOH A . 
B 2 HOH 42  1258 1258 HOH HOH A . 
B 2 HOH 43  1259 1259 HOH HOH A . 
B 2 HOH 44  1260 1260 HOH HOH A . 
B 2 HOH 45  1261 1261 HOH HOH A . 
B 2 HOH 46  1262 1262 HOH HOH A . 
B 2 HOH 47  1263 1263 HOH HOH A . 
B 2 HOH 48  1264 1264 HOH HOH A . 
B 2 HOH 49  1265 1265 HOH HOH A . 
B 2 HOH 50  1266 1266 HOH HOH A . 
B 2 HOH 51  1267 1267 HOH HOH A . 
B 2 HOH 52  1268 1268 HOH HOH A . 
B 2 HOH 53  1269 1269 HOH HOH A . 
B 2 HOH 54  1270 1270 HOH HOH A . 
B 2 HOH 55  1271 1271 HOH HOH A . 
B 2 HOH 56  1272 1272 HOH HOH A . 
B 2 HOH 57  1273 1273 HOH HOH A . 
B 2 HOH 58  1274 1274 HOH HOH A . 
B 2 HOH 59  1275 1275 HOH HOH A . 
B 2 HOH 60  1276 1276 HOH HOH A . 
B 2 HOH 61  1277 1277 HOH HOH A . 
B 2 HOH 62  1278 1278 HOH HOH A . 
B 2 HOH 63  1279 1279 HOH HOH A . 
B 2 HOH 64  1280 1280 HOH HOH A . 
B 2 HOH 65  1281 1281 HOH HOH A . 
B 2 HOH 66  1282 1282 HOH HOH A . 
B 2 HOH 67  1283 1283 HOH HOH A . 
B 2 HOH 68  1284 1284 HOH HOH A . 
B 2 HOH 69  1285 1285 HOH HOH A . 
B 2 HOH 70  1286 1286 HOH HOH A . 
B 2 HOH 71  1287 1287 HOH HOH A . 
B 2 HOH 72  1288 1288 HOH HOH A . 
B 2 HOH 73  1289 1289 HOH HOH A . 
B 2 HOH 74  1290 1290 HOH HOH A . 
B 2 HOH 75  1291 1291 HOH HOH A . 
B 2 HOH 76  1292 1292 HOH HOH A . 
B 2 HOH 77  1293 1293 HOH HOH A . 
B 2 HOH 78  1294 1294 HOH HOH A . 
B 2 HOH 79  1295 1295 HOH HOH A . 
B 2 HOH 80  1296 1296 HOH HOH A . 
B 2 HOH 81  1297 1297 HOH HOH A . 
B 2 HOH 82  1298 1298 HOH HOH A . 
B 2 HOH 83  1299 1299 HOH HOH A . 
B 2 HOH 84  1300 1300 HOH HOH A . 
B 2 HOH 85  1301 1301 HOH HOH A . 
B 2 HOH 86  1302 1302 HOH HOH A . 
B 2 HOH 87  1303 1303 HOH HOH A . 
B 2 HOH 88  1304 1304 HOH HOH A . 
B 2 HOH 89  1305 1305 HOH HOH A . 
B 2 HOH 90  1306 1306 HOH HOH A . 
B 2 HOH 91  1307 1307 HOH HOH A . 
B 2 HOH 92  1308 1308 HOH HOH A . 
B 2 HOH 93  1309 1309 HOH HOH A . 
B 2 HOH 94  1310 1310 HOH HOH A . 
B 2 HOH 95  1311 1311 HOH HOH A . 
B 2 HOH 96  1312 1312 HOH HOH A . 
B 2 HOH 97  1313 1313 HOH HOH A . 
B 2 HOH 98  1314 1314 HOH HOH A . 
B 2 HOH 99  1315 1315 HOH HOH A . 
B 2 HOH 100 1316 1316 HOH HOH A . 
B 2 HOH 101 1317 1317 HOH HOH A . 
B 2 HOH 102 1318 1318 HOH HOH A . 
B 2 HOH 103 1319 1319 HOH HOH A . 
B 2 HOH 104 1320 1320 HOH HOH A . 
B 2 HOH 105 1321 1321 HOH HOH A . 
B 2 HOH 106 1322 1322 HOH HOH A . 
B 2 HOH 107 1323 1323 HOH HOH A . 
B 2 HOH 108 1324 1324 HOH HOH A . 
B 2 HOH 109 1325 1325 HOH HOH A . 
B 2 HOH 110 1326 1326 HOH HOH A . 
B 2 HOH 111 1327 1327 HOH HOH A . 
# 
loop_
_software.name 
_software.classification 
_software.version 
_software.citation_id 
_software.pdbx_ordinal 
HKL-2000 'data collection' .        ? 1 
SOLVE    phasing           .        ? 2 
REFMAC   refinement        5.2.0019 ? 3 
HKL-2000 'data reduction'  .        ? 4 
HKL-2000 'data scaling'    .        ? 5 
# 
_cell.entry_id           2Z84 
_cell.length_a           71.704 
_cell.length_b           71.704 
_cell.length_c           209.228 
_cell.angle_alpha        90.00 
_cell.angle_beta         90.00 
_cell.angle_gamma        120.00 
_cell.Z_PDB              18 
_cell.pdbx_unique_axis   ? 
_cell.length_a_esd       ? 
_cell.length_b_esd       ? 
_cell.length_c_esd       ? 
_cell.angle_alpha_esd    ? 
_cell.angle_beta_esd     ? 
_cell.angle_gamma_esd    ? 
# 
_symmetry.entry_id                         2Z84 
_symmetry.space_group_name_H-M             'H 3 2' 
_symmetry.pdbx_full_space_group_name_H-M   ? 
_symmetry.cell_setting                     ? 
_symmetry.Int_Tables_number                155 
_symmetry.space_group_name_Hall            ? 
# 
_exptl.entry_id          2Z84 
_exptl.method            'X-RAY DIFFRACTION' 
_exptl.crystals_number   ? 
# 
_exptl_crystal.id                    1 
_exptl_crystal.density_meas          ? 
_exptl_crystal.density_Matthews      2.27 
_exptl_crystal.density_percent_sol   45.71 
_exptl_crystal.description           ? 
_exptl_crystal.F_000                 ? 
_exptl_crystal.preparation           ? 
# 
loop_
_diffrn.id 
_diffrn.ambient_temp 
_diffrn.ambient_temp_details 
_diffrn.crystal_id 
1 ? ? 1 
2 ? ? 1 
# 
loop_
_diffrn_detector.diffrn_id 
_diffrn_detector.detector 
_diffrn_detector.type 
_diffrn_detector.pdbx_collection_date 
_diffrn_detector.details 
1 ? ? 2007-04-02 ? 
2 ? ? 2007-04-02 ? 
# 
loop_
_diffrn_radiation.diffrn_id 
_diffrn_radiation.wavelength_id 
_diffrn_radiation.pdbx_monochromatic_or_laue_m_l 
_diffrn_radiation.monochromator 
_diffrn_radiation.pdbx_diffrn_protocol 
_diffrn_radiation.pdbx_scattering_type 
1 1 M ? 'SINGLE WAVELENGTH' x-ray 
2 1 M ? MAD                 x-ray 
# 
loop_
_diffrn_radiation_wavelength.id 
_diffrn_radiation_wavelength.wavelength 
_diffrn_radiation_wavelength.wt 
1 1.0      1.0 
2 0.979512 1.0 
3 0.979628 1.0 
4 0.971834 1.0 
# 
loop_
_diffrn_source.diffrn_id 
_diffrn_source.source 
_diffrn_source.type 
_diffrn_source.pdbx_synchrotron_site 
_diffrn_source.pdbx_synchrotron_beamline 
_diffrn_source.pdbx_wavelength 
_diffrn_source.pdbx_wavelength_list 
1 SYNCHROTRON 'PAL/PLS BEAMLINE 4A' PAL/PLS 4A ? 1.0                            
2 SYNCHROTRON 'PAL/PLS BEAMLINE 4A' PAL/PLS 4A ? '0.979512, 0.979628, 0.971834' 
# 
_reflns.entry_id                     2Z84 
_reflns.observed_criterion_sigma_F   ? 
_reflns.observed_criterion_sigma_I   ? 
_reflns.d_resolution_high            1.7 
_reflns.d_resolution_low             50.0 
_reflns.number_all                   ? 
_reflns.number_obs                   25883 
_reflns.percent_possible_obs         ? 
_reflns.pdbx_Rmerge_I_obs            0.086 
_reflns.pdbx_Rsym_value              ? 
_reflns.pdbx_netI_over_sigmaI        ? 
_reflns.B_iso_Wilson_estimate        ? 
_reflns.pdbx_redundancy              ? 
_reflns.R_free_details               ? 
_reflns.limit_h_max                  ? 
_reflns.limit_h_min                  ? 
_reflns.limit_k_max                  ? 
_reflns.limit_k_min                  ? 
_reflns.limit_l_max                  ? 
_reflns.limit_l_min                  ? 
_reflns.observed_criterion_F_max     ? 
_reflns.observed_criterion_F_min     ? 
_reflns.pdbx_chi_squared             ? 
_reflns.pdbx_scaling_rejects         ? 
_reflns.pdbx_diffrn_id               1,2 
_reflns.pdbx_ordinal                 1 
# 
_refine.entry_id                                 2Z84 
_refine.ls_d_res_high                            1.7 
_refine.ls_d_res_low                             40.0 
_refine.pdbx_ls_sigma_F                          ? 
_refine.pdbx_ls_sigma_I                          ? 
_refine.ls_number_reflns_all                     ? 
_refine.ls_number_reflns_obs                     22028 
_refine.ls_number_reflns_R_free                  1187 
_refine.ls_percent_reflns_obs                    99.79 
_refine.ls_R_factor_all                          ? 
_refine.ls_R_factor_obs                          0.18788 
_refine.ls_R_factor_R_work                       0.18577 
_refine.ls_R_factor_R_free                       0.22727 
_refine.ls_redundancy_reflns_obs                 ? 
_refine.pdbx_data_cutoff_high_absF               ? 
_refine.pdbx_data_cutoff_low_absF                ? 
_refine.ls_number_parameters                     ? 
_refine.ls_number_restraints                     ? 
_refine.ls_percent_reflns_R_free                 5.1 
_refine.ls_R_factor_R_free_error                 ? 
_refine.ls_R_factor_R_free_error_details         ? 
_refine.pdbx_method_to_determine_struct          MAD 
_refine.pdbx_starting_model                      ? 
_refine.pdbx_ls_cross_valid_method               THROUGHOUT 
_refine.pdbx_R_Free_selection_details            RANDOM 
_refine.pdbx_stereochem_target_val_spec_case     ? 
_refine.pdbx_stereochemistry_target_values       'MAXIMUM LIKELIHOOD' 
_refine.solvent_model_details                    MASK 
_refine.solvent_model_param_bsol                 ? 
_refine.solvent_model_param_ksol                 ? 
_refine.occupancy_max                            ? 
_refine.occupancy_min                            ? 
_refine.pdbx_isotropic_thermal_model             ? 
_refine.B_iso_mean                               23.172 
_refine.aniso_B[1][1]                            0.06 
_refine.aniso_B[2][2]                            0.06 
_refine.aniso_B[3][3]                            -0.09 
_refine.aniso_B[1][2]                            0.03 
_refine.aniso_B[1][3]                            0.00 
_refine.aniso_B[2][3]                            0.00 
_refine.details                                  'HYDROGENS HAVE BEEN ADDED IN THE RIDING POSITIONS' 
_refine.B_iso_min                                ? 
_refine.B_iso_max                                ? 
_refine.correlation_coeff_Fo_to_Fc               0.953 
_refine.correlation_coeff_Fo_to_Fc_free          0.934 
_refine.pdbx_solvent_vdw_probe_radii             1.20 
_refine.pdbx_solvent_ion_probe_radii             0.80 
_refine.pdbx_solvent_shrinkage_radii             0.80 
_refine.overall_SU_R_Cruickshank_DPI             ? 
_refine.overall_SU_R_free                        ? 
_refine.overall_SU_ML                            0.063 
_refine.overall_SU_B                             4.051 
_refine.pdbx_overall_ESU_R_Free                  0.110 
_refine.pdbx_data_cutoff_high_rms_absF           ? 
_refine.pdbx_overall_ESU_R                       0.163 
_refine.ls_wR_factor_R_free                      ? 
_refine.ls_wR_factor_R_work                      ? 
_refine.overall_FOM_free_R_set                   ? 
_refine.overall_FOM_work_R_set                   ? 
_refine.pdbx_overall_phase_error                 ? 
_refine.pdbx_refine_id                           'X-RAY DIFFRACTION' 
_refine.pdbx_diffrn_id                           1 
_refine.pdbx_TLS_residual_ADP_flag               ? 
_refine.pdbx_overall_SU_R_free_Cruickshank_DPI   ? 
_refine.pdbx_overall_SU_R_Blow_DPI               ? 
_refine.pdbx_overall_SU_R_free_Blow_DPI          ? 
# 
_refine_hist.pdbx_refine_id                   'X-RAY DIFFRACTION' 
_refine_hist.cycle_id                         LAST 
_refine_hist.pdbx_number_atoms_protein        1598 
_refine_hist.pdbx_number_atoms_nucleic_acid   0 
_refine_hist.pdbx_number_atoms_ligand         0 
_refine_hist.number_atoms_solvent             111 
_refine_hist.number_atoms_total               1709 
_refine_hist.d_res_high                       1.7 
_refine_hist.d_res_low                        40.0 
# 
loop_
_refine_ls_restr.type 
_refine_ls_restr.dev_ideal 
_refine_ls_restr.dev_ideal_target 
_refine_ls_restr.weight 
_refine_ls_restr.number 
_refine_ls_restr.pdbx_refine_id 
_refine_ls_restr.pdbx_restraint_function 
r_bond_refined_d             0.010  0.021  ? 1646 'X-RAY DIFFRACTION' ? 
r_bond_other_d               ?      ?      ? ?    'X-RAY DIFFRACTION' ? 
r_angle_refined_deg          1.367  1.962  ? 2236 'X-RAY DIFFRACTION' ? 
r_angle_other_deg            ?      ?      ? ?    'X-RAY DIFFRACTION' ? 
r_dihedral_angle_1_deg       5.047  5.000  ? 209  'X-RAY DIFFRACTION' ? 
r_dihedral_angle_2_deg       33.328 22.817 ? 71   'X-RAY DIFFRACTION' ? 
r_dihedral_angle_3_deg       14.151 15.000 ? 244  'X-RAY DIFFRACTION' ? 
r_dihedral_angle_4_deg       21.398 15.000 ? 11   'X-RAY DIFFRACTION' ? 
r_chiral_restr               0.114  0.200  ? 227  'X-RAY DIFFRACTION' ? 
r_gen_planes_refined         0.005  0.020  ? 1293 'X-RAY DIFFRACTION' ? 
r_gen_planes_other           ?      ?      ? ?    'X-RAY DIFFRACTION' ? 
r_nbd_refined                0.205  0.200  ? 694  'X-RAY DIFFRACTION' ? 
r_nbd_other                  ?      ?      ? ?    'X-RAY DIFFRACTION' ? 
r_nbtor_refined              0.305  0.200  ? 1105 'X-RAY DIFFRACTION' ? 
r_nbtor_other                ?      ?      ? ?    'X-RAY DIFFRACTION' ? 
r_xyhbond_nbd_refined        0.133  0.200  ? 101  'X-RAY DIFFRACTION' ? 
r_xyhbond_nbd_other          ?      ?      ? ?    'X-RAY DIFFRACTION' ? 
r_metal_ion_refined          ?      ?      ? ?    'X-RAY DIFFRACTION' ? 
r_metal_ion_other            ?      ?      ? ?    'X-RAY DIFFRACTION' ? 
r_symmetry_vdw_refined       0.224  0.200  ? 34   'X-RAY DIFFRACTION' ? 
r_symmetry_vdw_other         ?      ?      ? ?    'X-RAY DIFFRACTION' ? 
r_symmetry_hbond_refined     0.165  0.200  ? 11   'X-RAY DIFFRACTION' ? 
r_symmetry_hbond_other       ?      ?      ? ?    'X-RAY DIFFRACTION' ? 
r_symmetry_metal_ion_refined ?      ?      ? ?    'X-RAY DIFFRACTION' ? 
r_symmetry_metal_ion_other   ?      ?      ? ?    'X-RAY DIFFRACTION' ? 
r_mcbond_it                  1.489  1.500  ? 1055 'X-RAY DIFFRACTION' ? 
r_mcbond_other               ?      ?      ? ?    'X-RAY DIFFRACTION' ? 
r_mcangle_it                 2.451  2.000  ? 1631 'X-RAY DIFFRACTION' ? 
r_scbond_it                  4.864  3.000  ? 693  'X-RAY DIFFRACTION' ? 
r_scangle_it                 4.874  4.500  ? 605  'X-RAY DIFFRACTION' ? 
r_rigid_bond_restr           5.740  3.000  ? 1748 'X-RAY DIFFRACTION' ? 
r_sphericity_free            4.633  3.000  ? 111  'X-RAY DIFFRACTION' ? 
r_sphericity_bonded          3.093  3.000  ? 1598 'X-RAY DIFFRACTION' ? 
# 
_refine_ls_shell.pdbx_total_number_of_bins_used   20 
_refine_ls_shell.d_res_high                       1.700 
_refine_ls_shell.d_res_low                        1.744 
_refine_ls_shell.number_reflns_R_work             1618 
_refine_ls_shell.R_factor_R_work                  0.175 
_refine_ls_shell.percent_reflns_obs               99.71 
_refine_ls_shell.R_factor_R_free                  0.246 
_refine_ls_shell.R_factor_R_free_error            ? 
_refine_ls_shell.percent_reflns_R_free            ? 
_refine_ls_shell.number_reflns_R_free             81 
_refine_ls_shell.number_reflns_all                ? 
_refine_ls_shell.R_factor_all                     ? 
_refine_ls_shell.redundancy_reflns_obs            ? 
_refine_ls_shell.number_reflns_obs                ? 
_refine_ls_shell.pdbx_refine_id                   'X-RAY DIFFRACTION' 
# 
_struct.entry_id                  2Z84 
_struct.title                     'Insights from crystal and solution structures of mouse UfSP1' 
_struct.pdbx_model_details        ? 
_struct.pdbx_CASP_flag            ? 
_struct.pdbx_model_type_details   ? 
# 
_struct_keywords.entry_id        2Z84 
_struct_keywords.pdbx_keywords   HYDROLASE 
_struct_keywords.text            'alpha/beta, papain like fold, Hydrolase, Protease, Thiol protease, Ubl conjugation pathway' 
# 
loop_
_struct_asym.id 
_struct_asym.pdbx_blank_PDB_chainid_flag 
_struct_asym.pdbx_modified 
_struct_asym.entity_id 
_struct_asym.details 
A N N 1 ? 
B N N 2 ? 
# 
_struct_ref.id                         1 
_struct_ref.db_name                    UNP 
_struct_ref.db_code                    UFSP1_MOUSE 
_struct_ref.pdbx_db_accession          Q9CZP0 
_struct_ref.entity_id                  1 
_struct_ref.pdbx_seq_one_letter_code   
;PSTLELLKDVHLGLPVPCHDPARLALLSGHYLYYHYGCDGLDDRGWGCGYRTLQTLCSWPGGQSSGVPGLPALQGALEAM
GDKPPGFRGSRNWIGCVEASLCLEHFGGPQGRLCHLPRGVGLRGEEERLYSHFTTGGGPVMVGGDADAQSKALLGICEGP
GSEVYVLILDPHYWGTPKNRCELQAAGWVGWQKVKSVFDSNSFYNLCFTR
;
_struct_ref.pdbx_align_begin           6 
_struct_ref.pdbx_db_isoform            ? 
# 
_struct_ref_seq.align_id                      1 
_struct_ref_seq.ref_id                        1 
_struct_ref_seq.pdbx_PDB_id_code              2Z84 
_struct_ref_seq.pdbx_strand_id                A 
_struct_ref_seq.seq_align_beg                 1 
_struct_ref_seq.pdbx_seq_align_beg_ins_code   ? 
_struct_ref_seq.seq_align_end                 210 
_struct_ref_seq.pdbx_seq_align_end_ins_code   ? 
_struct_ref_seq.pdbx_db_accession             Q9CZP0 
_struct_ref_seq.db_align_beg                  6 
_struct_ref_seq.pdbx_db_align_beg_ins_code    ? 
_struct_ref_seq.db_align_end                  215 
_struct_ref_seq.pdbx_db_align_end_ins_code    ? 
_struct_ref_seq.pdbx_auth_seq_align_beg       6 
_struct_ref_seq.pdbx_auth_seq_align_end       215 
# 
loop_
_struct_ref_seq_dif.align_id 
_struct_ref_seq_dif.pdbx_pdb_id_code 
_struct_ref_seq_dif.mon_id 
_struct_ref_seq_dif.pdbx_pdb_strand_id 
_struct_ref_seq_dif.seq_num 
_struct_ref_seq_dif.pdbx_pdb_ins_code 
_struct_ref_seq_dif.pdbx_seq_db_name 
_struct_ref_seq_dif.pdbx_seq_db_accession_code 
_struct_ref_seq_dif.db_mon_id 
_struct_ref_seq_dif.pdbx_seq_db_seq_num 
_struct_ref_seq_dif.details 
_struct_ref_seq_dif.pdbx_auth_seq_num 
_struct_ref_seq_dif.pdbx_ordinal 
1 2Z84 LEU A 211 ? UNP Q9CZP0 ? ? 'expression tag' 216 1 
1 2Z84 GLU A 212 ? UNP Q9CZP0 ? ? 'expression tag' 217 2 
1 2Z84 HIS A 213 ? UNP Q9CZP0 ? ? 'expression tag' 218 3 
1 2Z84 HIS A 214 ? UNP Q9CZP0 ? ? 'expression tag' 219 4 
1 2Z84 HIS A 215 ? UNP Q9CZP0 ? ? 'expression tag' 220 5 
1 2Z84 HIS A 216 ? UNP Q9CZP0 ? ? 'expression tag' 221 6 
1 2Z84 HIS A 217 ? UNP Q9CZP0 ? ? 'expression tag' 222 7 
1 2Z84 HIS A 218 ? UNP Q9CZP0 ? ? 'expression tag' 223 8 
# 
_pdbx_struct_assembly.id                   1 
_pdbx_struct_assembly.details              author_and_software_defined_assembly 
_pdbx_struct_assembly.method_details       PISA 
_pdbx_struct_assembly.oligomeric_details   monomeric 
_pdbx_struct_assembly.oligomeric_count     1 
# 
_pdbx_struct_assembly_gen.assembly_id       1 
_pdbx_struct_assembly_gen.oper_expression   1 
_pdbx_struct_assembly_gen.asym_id_list      A,B 
# 
_pdbx_struct_oper_list.id                   1 
_pdbx_struct_oper_list.type                 'identity operation' 
_pdbx_struct_oper_list.name                 1_555 
_pdbx_struct_oper_list.symmetry_operation   x,y,z 
_pdbx_struct_oper_list.matrix[1][1]         1.0000000000 
_pdbx_struct_oper_list.matrix[1][2]         0.0000000000 
_pdbx_struct_oper_list.matrix[1][3]         0.0000000000 
_pdbx_struct_oper_list.vector[1]            0.0000000000 
_pdbx_struct_oper_list.matrix[2][1]         0.0000000000 
_pdbx_struct_oper_list.matrix[2][2]         1.0000000000 
_pdbx_struct_oper_list.matrix[2][3]         0.0000000000 
_pdbx_struct_oper_list.vector[2]            0.0000000000 
_pdbx_struct_oper_list.matrix[3][1]         0.0000000000 
_pdbx_struct_oper_list.matrix[3][2]         0.0000000000 
_pdbx_struct_oper_list.matrix[3][3]         1.0000000000 
_pdbx_struct_oper_list.vector[3]            0.0000000000 
# 
_struct_biol.id        1 
_struct_biol.details   ? 
# 
loop_
_struct_conf.conf_type_id 
_struct_conf.id 
_struct_conf.pdbx_PDB_helix_id 
_struct_conf.beg_label_comp_id 
_struct_conf.beg_label_asym_id 
_struct_conf.beg_label_seq_id 
_struct_conf.pdbx_beg_PDB_ins_code 
_struct_conf.end_label_comp_id 
_struct_conf.end_label_asym_id 
_struct_conf.end_label_seq_id 
_struct_conf.pdbx_end_PDB_ins_code 
_struct_conf.beg_auth_comp_id 
_struct_conf.beg_auth_asym_id 
_struct_conf.beg_auth_seq_id 
_struct_conf.end_auth_comp_id 
_struct_conf.end_auth_asym_id 
_struct_conf.end_auth_seq_id 
_struct_conf.pdbx_PDB_helix_class 
_struct_conf.details 
_struct_conf.pdbx_PDB_helix_length 
HELX_P HELX_P1 1 GLY A 47  ? SER A 58  ? GLY A 52  SER A 63  1 ? 12 
HELX_P HELX_P2 2 GLY A 69  ? MET A 80  ? GLY A 74  MET A 85  1 ? 12 
HELX_P HELX_P3 3 GLY A 95  ? PHE A 106 ? GLY A 100 PHE A 111 1 ? 12 
HELX_P HELX_P4 4 GLU A 125 ? THR A 135 ? GLU A 130 THR A 140 1 ? 11 
HELX_P HELX_P5 5 ASN A 179 ? ALA A 186 ? ASN A 184 ALA A 191 1 ? 8  
HELX_P HELX_P6 6 VAL A 194 ? PHE A 198 ? VAL A 199 PHE A 203 1 ? 5  
# 
_struct_conf_type.id          HELX_P 
_struct_conf_type.criteria    ? 
_struct_conf_type.reference   ? 
# 
_struct_mon_prot_cis.pdbx_id                1 
_struct_mon_prot_cis.label_comp_id          TRP 
_struct_mon_prot_cis.label_seq_id           59 
_struct_mon_prot_cis.label_asym_id          A 
_struct_mon_prot_cis.label_alt_id           . 
_struct_mon_prot_cis.pdbx_PDB_ins_code      ? 
_struct_mon_prot_cis.auth_comp_id           TRP 
_struct_mon_prot_cis.auth_seq_id            64 
_struct_mon_prot_cis.auth_asym_id           A 
_struct_mon_prot_cis.pdbx_label_comp_id_2   PRO 
_struct_mon_prot_cis.pdbx_label_seq_id_2    60 
_struct_mon_prot_cis.pdbx_label_asym_id_2   A 
_struct_mon_prot_cis.pdbx_PDB_ins_code_2    ? 
_struct_mon_prot_cis.pdbx_auth_comp_id_2    PRO 
_struct_mon_prot_cis.pdbx_auth_seq_id_2     65 
_struct_mon_prot_cis.pdbx_auth_asym_id_2    A 
_struct_mon_prot_cis.pdbx_PDB_model_num     1 
_struct_mon_prot_cis.pdbx_omega_angle       4.36 
# 
loop_
_struct_sheet.id 
_struct_sheet.type 
_struct_sheet.number_strands 
_struct_sheet.details 
A ? 5 ? 
B ? 4 ? 
# 
loop_
_struct_sheet_order.sheet_id 
_struct_sheet_order.range_id_1 
_struct_sheet_order.range_id_2 
_struct_sheet_order.offset 
_struct_sheet_order.sense 
A 1 2 ? anti-parallel 
A 2 3 ? anti-parallel 
A 3 4 ? anti-parallel 
A 4 5 ? anti-parallel 
B 1 2 ? anti-parallel 
B 2 3 ? anti-parallel 
B 3 4 ? anti-parallel 
# 
loop_
_struct_sheet_range.sheet_id 
_struct_sheet_range.id 
_struct_sheet_range.beg_label_comp_id 
_struct_sheet_range.beg_label_asym_id 
_struct_sheet_range.beg_label_seq_id 
_struct_sheet_range.pdbx_beg_PDB_ins_code 
_struct_sheet_range.end_label_comp_id 
_struct_sheet_range.end_label_asym_id 
_struct_sheet_range.end_label_seq_id 
_struct_sheet_range.pdbx_end_PDB_ins_code 
_struct_sheet_range.beg_auth_comp_id 
_struct_sheet_range.beg_auth_asym_id 
_struct_sheet_range.beg_auth_seq_id 
_struct_sheet_range.end_auth_comp_id 
_struct_sheet_range.end_auth_asym_id 
_struct_sheet_range.end_auth_seq_id 
A 1 ARG A 23  ? LEU A 26  ? ARG A 28  LEU A 31  
A 2 LYS A 151 ? GLU A 158 ? LYS A 156 GLU A 163 
A 3 VAL A 140 ? VAL A 142 ? VAL A 145 VAL A 147 
A 4 TYR A 204 ? ARG A 210 ? TYR A 209 ARG A 215 
A 5 GLN A 110 ? LEU A 116 ? GLN A 115 LEU A 121 
B 1 ARG A 23  ? LEU A 26  ? ARG A 28  LEU A 31  
B 2 LYS A 151 ? GLU A 158 ? LYS A 156 GLU A 163 
B 3 VAL A 164 ? LEU A 169 ? VAL A 169 LEU A 174 
B 4 VAL A 189 ? LYS A 193 ? VAL A 194 LYS A 198 
# 
loop_
_pdbx_struct_sheet_hbond.sheet_id 
_pdbx_struct_sheet_hbond.range_id_1 
_pdbx_struct_sheet_hbond.range_id_2 
_pdbx_struct_sheet_hbond.range_1_label_atom_id 
_pdbx_struct_sheet_hbond.range_1_label_comp_id 
_pdbx_struct_sheet_hbond.range_1_label_asym_id 
_pdbx_struct_sheet_hbond.range_1_label_seq_id 
_pdbx_struct_sheet_hbond.range_1_PDB_ins_code 
_pdbx_struct_sheet_hbond.range_1_auth_atom_id 
_pdbx_struct_sheet_hbond.range_1_auth_comp_id 
_pdbx_struct_sheet_hbond.range_1_auth_asym_id 
_pdbx_struct_sheet_hbond.range_1_auth_seq_id 
_pdbx_struct_sheet_hbond.range_2_label_atom_id 
_pdbx_struct_sheet_hbond.range_2_label_comp_id 
_pdbx_struct_sheet_hbond.range_2_label_asym_id 
_pdbx_struct_sheet_hbond.range_2_label_seq_id 
_pdbx_struct_sheet_hbond.range_2_PDB_ins_code 
_pdbx_struct_sheet_hbond.range_2_auth_atom_id 
_pdbx_struct_sheet_hbond.range_2_auth_comp_id 
_pdbx_struct_sheet_hbond.range_2_auth_asym_id 
_pdbx_struct_sheet_hbond.range_2_auth_seq_id 
A 1 2 N ALA A 25  ? N ALA A 30  O ILE A 156 ? O ILE A 161 
A 2 3 O LYS A 151 ? O LYS A 156 N VAL A 142 ? N VAL A 147 
A 3 4 N MET A 141 ? N MET A 146 O CYS A 207 ? O CYS A 212 
A 4 5 O TYR A 204 ? O TYR A 209 N LEU A 116 ? N LEU A 121 
B 1 2 N ALA A 25  ? N ALA A 30  O ILE A 156 ? O ILE A 161 
B 2 3 N CYS A 157 ? N CYS A 162 O TYR A 165 ? O TYR A 170 
B 3 4 N ILE A 168 ? N ILE A 173 O GLY A 190 ? O GLY A 195 
# 
_pdbx_validate_torsion.id              1 
_pdbx_validate_torsion.PDB_model_num   1 
_pdbx_validate_torsion.auth_comp_id    TRP 
_pdbx_validate_torsion.auth_asym_id    A 
_pdbx_validate_torsion.auth_seq_id     51 
_pdbx_validate_torsion.PDB_ins_code    ? 
_pdbx_validate_torsion.label_alt_id    ? 
_pdbx_validate_torsion.phi             -141.97 
_pdbx_validate_torsion.psi             -15.85 
# 
loop_
_pdbx_unobs_or_zero_occ_residues.id 
_pdbx_unobs_or_zero_occ_residues.PDB_model_num 
_pdbx_unobs_or_zero_occ_residues.polymer_flag 
_pdbx_unobs_or_zero_occ_residues.occupancy_flag 
_pdbx_unobs_or_zero_occ_residues.auth_asym_id 
_pdbx_unobs_or_zero_occ_residues.auth_comp_id 
_pdbx_unobs_or_zero_occ_residues.auth_seq_id 
_pdbx_unobs_or_zero_occ_residues.PDB_ins_code 
_pdbx_unobs_or_zero_occ_residues.label_asym_id 
_pdbx_unobs_or_zero_occ_residues.label_comp_id 
_pdbx_unobs_or_zero_occ_residues.label_seq_id 
1 1 Y 1 A PRO 6   ? A PRO 1   
2 1 Y 1 A GLU 217 ? A GLU 212 
3 1 Y 1 A HIS 218 ? A HIS 213 
4 1 Y 1 A HIS 219 ? A HIS 214 
5 1 Y 1 A HIS 220 ? A HIS 215 
6 1 Y 1 A HIS 221 ? A HIS 216 
7 1 Y 1 A HIS 222 ? A HIS 217 
8 1 Y 1 A HIS 223 ? A HIS 218 
# 
loop_
_chem_comp_atom.comp_id 
_chem_comp_atom.atom_id 
_chem_comp_atom.type_symbol 
_chem_comp_atom.pdbx_aromatic_flag 
_chem_comp_atom.pdbx_stereo_config 
_chem_comp_atom.pdbx_ordinal 
ALA N    N N N 1   
ALA CA   C N S 2   
ALA C    C N N 3   
ALA O    O N N 4   
ALA CB   C N N 5   
ALA OXT  O N N 6   
ALA H    H N N 7   
ALA H2   H N N 8   
ALA HA   H N N 9   
ALA HB1  H N N 10  
ALA HB2  H N N 11  
ALA HB3  H N N 12  
ALA HXT  H N N 13  
ARG N    N N N 14  
ARG CA   C N S 15  
ARG C    C N N 16  
ARG O    O N N 17  
ARG CB   C N N 18  
ARG CG   C N N 19  
ARG CD   C N N 20  
ARG NE   N N N 21  
ARG CZ   C N N 22  
ARG NH1  N N N 23  
ARG NH2  N N N 24  
ARG OXT  O N N 25  
ARG H    H N N 26  
ARG H2   H N N 27  
ARG HA   H N N 28  
ARG HB2  H N N 29  
ARG HB3  H N N 30  
ARG HG2  H N N 31  
ARG HG3  H N N 32  
ARG HD2  H N N 33  
ARG HD3  H N N 34  
ARG HE   H N N 35  
ARG HH11 H N N 36  
ARG HH12 H N N 37  
ARG HH21 H N N 38  
ARG HH22 H N N 39  
ARG HXT  H N N 40  
ASN N    N N N 41  
ASN CA   C N S 42  
ASN C    C N N 43  
ASN O    O N N 44  
ASN CB   C N N 45  
ASN CG   C N N 46  
ASN OD1  O N N 47  
ASN ND2  N N N 48  
ASN OXT  O N N 49  
ASN H    H N N 50  
ASN H2   H N N 51  
ASN HA   H N N 52  
ASN HB2  H N N 53  
ASN HB3  H N N 54  
ASN HD21 H N N 55  
ASN HD22 H N N 56  
ASN HXT  H N N 57  
ASP N    N N N 58  
ASP CA   C N S 59  
ASP C    C N N 60  
ASP O    O N N 61  
ASP CB   C N N 62  
ASP CG   C N N 63  
ASP OD1  O N N 64  
ASP OD2  O N N 65  
ASP OXT  O N N 66  
ASP H    H N N 67  
ASP H2   H N N 68  
ASP HA   H N N 69  
ASP HB2  H N N 70  
ASP HB3  H N N 71  
ASP HD2  H N N 72  
ASP HXT  H N N 73  
CYS N    N N N 74  
CYS CA   C N R 75  
CYS C    C N N 76  
CYS O    O N N 77  
CYS CB   C N N 78  
CYS SG   S N N 79  
CYS OXT  O N N 80  
CYS H    H N N 81  
CYS H2   H N N 82  
CYS HA   H N N 83  
CYS HB2  H N N 84  
CYS HB3  H N N 85  
CYS HG   H N N 86  
CYS HXT  H N N 87  
GLN N    N N N 88  
GLN CA   C N S 89  
GLN C    C N N 90  
GLN O    O N N 91  
GLN CB   C N N 92  
GLN CG   C N N 93  
GLN CD   C N N 94  
GLN OE1  O N N 95  
GLN NE2  N N N 96  
GLN OXT  O N N 97  
GLN H    H N N 98  
GLN H2   H N N 99  
GLN HA   H N N 100 
GLN HB2  H N N 101 
GLN HB3  H N N 102 
GLN HG2  H N N 103 
GLN HG3  H N N 104 
GLN HE21 H N N 105 
GLN HE22 H N N 106 
GLN HXT  H N N 107 
GLU N    N N N 108 
GLU CA   C N S 109 
GLU C    C N N 110 
GLU O    O N N 111 
GLU CB   C N N 112 
GLU CG   C N N 113 
GLU CD   C N N 114 
GLU OE1  O N N 115 
GLU OE2  O N N 116 
GLU OXT  O N N 117 
GLU H    H N N 118 
GLU H2   H N N 119 
GLU HA   H N N 120 
GLU HB2  H N N 121 
GLU HB3  H N N 122 
GLU HG2  H N N 123 
GLU HG3  H N N 124 
GLU HE2  H N N 125 
GLU HXT  H N N 126 
GLY N    N N N 127 
GLY CA   C N N 128 
GLY C    C N N 129 
GLY O    O N N 130 
GLY OXT  O N N 131 
GLY H    H N N 132 
GLY H2   H N N 133 
GLY HA2  H N N 134 
GLY HA3  H N N 135 
GLY HXT  H N N 136 
HIS N    N N N 137 
HIS CA   C N S 138 
HIS C    C N N 139 
HIS O    O N N 140 
HIS CB   C N N 141 
HIS CG   C Y N 142 
HIS ND1  N Y N 143 
HIS CD2  C Y N 144 
HIS CE1  C Y N 145 
HIS NE2  N Y N 146 
HIS OXT  O N N 147 
HIS H    H N N 148 
HIS H2   H N N 149 
HIS HA   H N N 150 
HIS HB2  H N N 151 
HIS HB3  H N N 152 
HIS HD1  H N N 153 
HIS HD2  H N N 154 
HIS HE1  H N N 155 
HIS HE2  H N N 156 
HIS HXT  H N N 157 
HOH O    O N N 158 
HOH H1   H N N 159 
HOH H2   H N N 160 
ILE N    N N N 161 
ILE CA   C N S 162 
ILE C    C N N 163 
ILE O    O N N 164 
ILE CB   C N S 165 
ILE CG1  C N N 166 
ILE CG2  C N N 167 
ILE CD1  C N N 168 
ILE OXT  O N N 169 
ILE H    H N N 170 
ILE H2   H N N 171 
ILE HA   H N N 172 
ILE HB   H N N 173 
ILE HG12 H N N 174 
ILE HG13 H N N 175 
ILE HG21 H N N 176 
ILE HG22 H N N 177 
ILE HG23 H N N 178 
ILE HD11 H N N 179 
ILE HD12 H N N 180 
ILE HD13 H N N 181 
ILE HXT  H N N 182 
LEU N    N N N 183 
LEU CA   C N S 184 
LEU C    C N N 185 
LEU O    O N N 186 
LEU CB   C N N 187 
LEU CG   C N N 188 
LEU CD1  C N N 189 
LEU CD2  C N N 190 
LEU OXT  O N N 191 
LEU H    H N N 192 
LEU H2   H N N 193 
LEU HA   H N N 194 
LEU HB2  H N N 195 
LEU HB3  H N N 196 
LEU HG   H N N 197 
LEU HD11 H N N 198 
LEU HD12 H N N 199 
LEU HD13 H N N 200 
LEU HD21 H N N 201 
LEU HD22 H N N 202 
LEU HD23 H N N 203 
LEU HXT  H N N 204 
LYS N    N N N 205 
LYS CA   C N S 206 
LYS C    C N N 207 
LYS O    O N N 208 
LYS CB   C N N 209 
LYS CG   C N N 210 
LYS CD   C N N 211 
LYS CE   C N N 212 
LYS NZ   N N N 213 
LYS OXT  O N N 214 
LYS H    H N N 215 
LYS H2   H N N 216 
LYS HA   H N N 217 
LYS HB2  H N N 218 
LYS HB3  H N N 219 
LYS HG2  H N N 220 
LYS HG3  H N N 221 
LYS HD2  H N N 222 
LYS HD3  H N N 223 
LYS HE2  H N N 224 
LYS HE3  H N N 225 
LYS HZ1  H N N 226 
LYS HZ2  H N N 227 
LYS HZ3  H N N 228 
LYS HXT  H N N 229 
MET N    N N N 230 
MET CA   C N S 231 
MET C    C N N 232 
MET O    O N N 233 
MET CB   C N N 234 
MET CG   C N N 235 
MET SD   S N N 236 
MET CE   C N N 237 
MET OXT  O N N 238 
MET H    H N N 239 
MET H2   H N N 240 
MET HA   H N N 241 
MET HB2  H N N 242 
MET HB3  H N N 243 
MET HG2  H N N 244 
MET HG3  H N N 245 
MET HE1  H N N 246 
MET HE2  H N N 247 
MET HE3  H N N 248 
MET HXT  H N N 249 
PHE N    N N N 250 
PHE CA   C N S 251 
PHE C    C N N 252 
PHE O    O N N 253 
PHE CB   C N N 254 
PHE CG   C Y N 255 
PHE CD1  C Y N 256 
PHE CD2  C Y N 257 
PHE CE1  C Y N 258 
PHE CE2  C Y N 259 
PHE CZ   C Y N 260 
PHE OXT  O N N 261 
PHE H    H N N 262 
PHE H2   H N N 263 
PHE HA   H N N 264 
PHE HB2  H N N 265 
PHE HB3  H N N 266 
PHE HD1  H N N 267 
PHE HD2  H N N 268 
PHE HE1  H N N 269 
PHE HE2  H N N 270 
PHE HZ   H N N 271 
PHE HXT  H N N 272 
PRO N    N N N 273 
PRO CA   C N S 274 
PRO C    C N N 275 
PRO O    O N N 276 
PRO CB   C N N 277 
PRO CG   C N N 278 
PRO CD   C N N 279 
PRO OXT  O N N 280 
PRO H    H N N 281 
PRO HA   H N N 282 
PRO HB2  H N N 283 
PRO HB3  H N N 284 
PRO HG2  H N N 285 
PRO HG3  H N N 286 
PRO HD2  H N N 287 
PRO HD3  H N N 288 
PRO HXT  H N N 289 
SER N    N N N 290 
SER CA   C N S 291 
SER C    C N N 292 
SER O    O N N 293 
SER CB   C N N 294 
SER OG   O N N 295 
SER OXT  O N N 296 
SER H    H N N 297 
SER H2   H N N 298 
SER HA   H N N 299 
SER HB2  H N N 300 
SER HB3  H N N 301 
SER HG   H N N 302 
SER HXT  H N N 303 
THR N    N N N 304 
THR CA   C N S 305 
THR C    C N N 306 
THR O    O N N 307 
THR CB   C N R 308 
THR OG1  O N N 309 
THR CG2  C N N 310 
THR OXT  O N N 311 
THR H    H N N 312 
THR H2   H N N 313 
THR HA   H N N 314 
THR HB   H N N 315 
THR HG1  H N N 316 
THR HG21 H N N 317 
THR HG22 H N N 318 
THR HG23 H N N 319 
THR HXT  H N N 320 
TRP N    N N N 321 
TRP CA   C N S 322 
TRP C    C N N 323 
TRP O    O N N 324 
TRP CB   C N N 325 
TRP CG   C Y N 326 
TRP CD1  C Y N 327 
TRP CD2  C Y N 328 
TRP NE1  N Y N 329 
TRP CE2  C Y N 330 
TRP CE3  C Y N 331 
TRP CZ2  C Y N 332 
TRP CZ3  C Y N 333 
TRP CH2  C Y N 334 
TRP OXT  O N N 335 
TRP H    H N N 336 
TRP H2   H N N 337 
TRP HA   H N N 338 
TRP HB2  H N N 339 
TRP HB3  H N N 340 
TRP HD1  H N N 341 
TRP HE1  H N N 342 
TRP HE3  H N N 343 
TRP HZ2  H N N 344 
TRP HZ3  H N N 345 
TRP HH2  H N N 346 
TRP HXT  H N N 347 
TYR N    N N N 348 
TYR CA   C N S 349 
TYR C    C N N 350 
TYR O    O N N 351 
TYR CB   C N N 352 
TYR CG   C Y N 353 
TYR CD1  C Y N 354 
TYR CD2  C Y N 355 
TYR CE1  C Y N 356 
TYR CE2  C Y N 357 
TYR CZ   C Y N 358 
TYR OH   O N N 359 
TYR OXT  O N N 360 
TYR H    H N N 361 
TYR H2   H N N 362 
TYR HA   H N N 363 
TYR HB2  H N N 364 
TYR HB3  H N N 365 
TYR HD1  H N N 366 
TYR HD2  H N N 367 
TYR HE1  H N N 368 
TYR HE2  H N N 369 
TYR HH   H N N 370 
TYR HXT  H N N 371 
VAL N    N N N 372 
VAL CA   C N S 373 
VAL C    C N N 374 
VAL O    O N N 375 
VAL CB   C N N 376 
VAL CG1  C N N 377 
VAL CG2  C N N 378 
VAL OXT  O N N 379 
VAL H    H N N 380 
VAL H2   H N N 381 
VAL HA   H N N 382 
VAL HB   H N N 383 
VAL HG11 H N N 384 
VAL HG12 H N N 385 
VAL HG13 H N N 386 
VAL HG21 H N N 387 
VAL HG22 H N N 388 
VAL HG23 H N N 389 
VAL HXT  H N N 390 
# 
loop_
_chem_comp_bond.comp_id 
_chem_comp_bond.atom_id_1 
_chem_comp_bond.atom_id_2 
_chem_comp_bond.value_order 
_chem_comp_bond.pdbx_aromatic_flag 
_chem_comp_bond.pdbx_stereo_config 
_chem_comp_bond.pdbx_ordinal 
ALA N   CA   sing N N 1   
ALA N   H    sing N N 2   
ALA N   H2   sing N N 3   
ALA CA  C    sing N N 4   
ALA CA  CB   sing N N 5   
ALA CA  HA   sing N N 6   
ALA C   O    doub N N 7   
ALA C   OXT  sing N N 8   
ALA CB  HB1  sing N N 9   
ALA CB  HB2  sing N N 10  
ALA CB  HB3  sing N N 11  
ALA OXT HXT  sing N N 12  
ARG N   CA   sing N N 13  
ARG N   H    sing N N 14  
ARG N   H2   sing N N 15  
ARG CA  C    sing N N 16  
ARG CA  CB   sing N N 17  
ARG CA  HA   sing N N 18  
ARG C   O    doub N N 19  
ARG C   OXT  sing N N 20  
ARG CB  CG   sing N N 21  
ARG CB  HB2  sing N N 22  
ARG CB  HB3  sing N N 23  
ARG CG  CD   sing N N 24  
ARG CG  HG2  sing N N 25  
ARG CG  HG3  sing N N 26  
ARG CD  NE   sing N N 27  
ARG CD  HD2  sing N N 28  
ARG CD  HD3  sing N N 29  
ARG NE  CZ   sing N N 30  
ARG NE  HE   sing N N 31  
ARG CZ  NH1  sing N N 32  
ARG CZ  NH2  doub N N 33  
ARG NH1 HH11 sing N N 34  
ARG NH1 HH12 sing N N 35  
ARG NH2 HH21 sing N N 36  
ARG NH2 HH22 sing N N 37  
ARG OXT HXT  sing N N 38  
ASN N   CA   sing N N 39  
ASN N   H    sing N N 40  
ASN N   H2   sing N N 41  
ASN CA  C    sing N N 42  
ASN CA  CB   sing N N 43  
ASN CA  HA   sing N N 44  
ASN C   O    doub N N 45  
ASN C   OXT  sing N N 46  
ASN CB  CG   sing N N 47  
ASN CB  HB2  sing N N 48  
ASN CB  HB3  sing N N 49  
ASN CG  OD1  doub N N 50  
ASN CG  ND2  sing N N 51  
ASN ND2 HD21 sing N N 52  
ASN ND2 HD22 sing N N 53  
ASN OXT HXT  sing N N 54  
ASP N   CA   sing N N 55  
ASP N   H    sing N N 56  
ASP N   H2   sing N N 57  
ASP CA  C    sing N N 58  
ASP CA  CB   sing N N 59  
ASP CA  HA   sing N N 60  
ASP C   O    doub N N 61  
ASP C   OXT  sing N N 62  
ASP CB  CG   sing N N 63  
ASP CB  HB2  sing N N 64  
ASP CB  HB3  sing N N 65  
ASP CG  OD1  doub N N 66  
ASP CG  OD2  sing N N 67  
ASP OD2 HD2  sing N N 68  
ASP OXT HXT  sing N N 69  
CYS N   CA   sing N N 70  
CYS N   H    sing N N 71  
CYS N   H2   sing N N 72  
CYS CA  C    sing N N 73  
CYS CA  CB   sing N N 74  
CYS CA  HA   sing N N 75  
CYS C   O    doub N N 76  
CYS C   OXT  sing N N 77  
CYS CB  SG   sing N N 78  
CYS CB  HB2  sing N N 79  
CYS CB  HB3  sing N N 80  
CYS SG  HG   sing N N 81  
CYS OXT HXT  sing N N 82  
GLN N   CA   sing N N 83  
GLN N   H    sing N N 84  
GLN N   H2   sing N N 85  
GLN CA  C    sing N N 86  
GLN CA  CB   sing N N 87  
GLN CA  HA   sing N N 88  
GLN C   O    doub N N 89  
GLN C   OXT  sing N N 90  
GLN CB  CG   sing N N 91  
GLN CB  HB2  sing N N 92  
GLN CB  HB3  sing N N 93  
GLN CG  CD   sing N N 94  
GLN CG  HG2  sing N N 95  
GLN CG  HG3  sing N N 96  
GLN CD  OE1  doub N N 97  
GLN CD  NE2  sing N N 98  
GLN NE2 HE21 sing N N 99  
GLN NE2 HE22 sing N N 100 
GLN OXT HXT  sing N N 101 
GLU N   CA   sing N N 102 
GLU N   H    sing N N 103 
GLU N   H2   sing N N 104 
GLU CA  C    sing N N 105 
GLU CA  CB   sing N N 106 
GLU CA  HA   sing N N 107 
GLU C   O    doub N N 108 
GLU C   OXT  sing N N 109 
GLU CB  CG   sing N N 110 
GLU CB  HB2  sing N N 111 
GLU CB  HB3  sing N N 112 
GLU CG  CD   sing N N 113 
GLU CG  HG2  sing N N 114 
GLU CG  HG3  sing N N 115 
GLU CD  OE1  doub N N 116 
GLU CD  OE2  sing N N 117 
GLU OE2 HE2  sing N N 118 
GLU OXT HXT  sing N N 119 
GLY N   CA   sing N N 120 
GLY N   H    sing N N 121 
GLY N   H2   sing N N 122 
GLY CA  C    sing N N 123 
GLY CA  HA2  sing N N 124 
GLY CA  HA3  sing N N 125 
GLY C   O    doub N N 126 
GLY C   OXT  sing N N 127 
GLY OXT HXT  sing N N 128 
HIS N   CA   sing N N 129 
HIS N   H    sing N N 130 
HIS N   H2   sing N N 131 
HIS CA  C    sing N N 132 
HIS CA  CB   sing N N 133 
HIS CA  HA   sing N N 134 
HIS C   O    doub N N 135 
HIS C   OXT  sing N N 136 
HIS CB  CG   sing N N 137 
HIS CB  HB2  sing N N 138 
HIS CB  HB3  sing N N 139 
HIS CG  ND1  sing Y N 140 
HIS CG  CD2  doub Y N 141 
HIS ND1 CE1  doub Y N 142 
HIS ND1 HD1  sing N N 143 
HIS CD2 NE2  sing Y N 144 
HIS CD2 HD2  sing N N 145 
HIS CE1 NE2  sing Y N 146 
HIS CE1 HE1  sing N N 147 
HIS NE2 HE2  sing N N 148 
HIS OXT HXT  sing N N 149 
HOH O   H1   sing N N 150 
HOH O   H2   sing N N 151 
ILE N   CA   sing N N 152 
ILE N   H    sing N N 153 
ILE N   H2   sing N N 154 
ILE CA  C    sing N N 155 
ILE CA  CB   sing N N 156 
ILE CA  HA   sing N N 157 
ILE C   O    doub N N 158 
ILE C   OXT  sing N N 159 
ILE CB  CG1  sing N N 160 
ILE CB  CG2  sing N N 161 
ILE CB  HB   sing N N 162 
ILE CG1 CD1  sing N N 163 
ILE CG1 HG12 sing N N 164 
ILE CG1 HG13 sing N N 165 
ILE CG2 HG21 sing N N 166 
ILE CG2 HG22 sing N N 167 
ILE CG2 HG23 sing N N 168 
ILE CD1 HD11 sing N N 169 
ILE CD1 HD12 sing N N 170 
ILE CD1 HD13 sing N N 171 
ILE OXT HXT  sing N N 172 
LEU N   CA   sing N N 173 
LEU N   H    sing N N 174 
LEU N   H2   sing N N 175 
LEU CA  C    sing N N 176 
LEU CA  CB   sing N N 177 
LEU CA  HA   sing N N 178 
LEU C   O    doub N N 179 
LEU C   OXT  sing N N 180 
LEU CB  CG   sing N N 181 
LEU CB  HB2  sing N N 182 
LEU CB  HB3  sing N N 183 
LEU CG  CD1  sing N N 184 
LEU CG  CD2  sing N N 185 
LEU CG  HG   sing N N 186 
LEU CD1 HD11 sing N N 187 
LEU CD1 HD12 sing N N 188 
LEU CD1 HD13 sing N N 189 
LEU CD2 HD21 sing N N 190 
LEU CD2 HD22 sing N N 191 
LEU CD2 HD23 sing N N 192 
LEU OXT HXT  sing N N 193 
LYS N   CA   sing N N 194 
LYS N   H    sing N N 195 
LYS N   H2   sing N N 196 
LYS CA  C    sing N N 197 
LYS CA  CB   sing N N 198 
LYS CA  HA   sing N N 199 
LYS C   O    doub N N 200 
LYS C   OXT  sing N N 201 
LYS CB  CG   sing N N 202 
LYS CB  HB2  sing N N 203 
LYS CB  HB3  sing N N 204 
LYS CG  CD   sing N N 205 
LYS CG  HG2  sing N N 206 
LYS CG  HG3  sing N N 207 
LYS CD  CE   sing N N 208 
LYS CD  HD2  sing N N 209 
LYS CD  HD3  sing N N 210 
LYS CE  NZ   sing N N 211 
LYS CE  HE2  sing N N 212 
LYS CE  HE3  sing N N 213 
LYS NZ  HZ1  sing N N 214 
LYS NZ  HZ2  sing N N 215 
LYS NZ  HZ3  sing N N 216 
LYS OXT HXT  sing N N 217 
MET N   CA   sing N N 218 
MET N   H    sing N N 219 
MET N   H2   sing N N 220 
MET CA  C    sing N N 221 
MET CA  CB   sing N N 222 
MET CA  HA   sing N N 223 
MET C   O    doub N N 224 
MET C   OXT  sing N N 225 
MET CB  CG   sing N N 226 
MET CB  HB2  sing N N 227 
MET CB  HB3  sing N N 228 
MET CG  SD   sing N N 229 
MET CG  HG2  sing N N 230 
MET CG  HG3  sing N N 231 
MET SD  CE   sing N N 232 
MET CE  HE1  sing N N 233 
MET CE  HE2  sing N N 234 
MET CE  HE3  sing N N 235 
MET OXT HXT  sing N N 236 
PHE N   CA   sing N N 237 
PHE N   H    sing N N 238 
PHE N   H2   sing N N 239 
PHE CA  C    sing N N 240 
PHE CA  CB   sing N N 241 
PHE CA  HA   sing N N 242 
PHE C   O    doub N N 243 
PHE C   OXT  sing N N 244 
PHE CB  CG   sing N N 245 
PHE CB  HB2  sing N N 246 
PHE CB  HB3  sing N N 247 
PHE CG  CD1  doub Y N 248 
PHE CG  CD2  sing Y N 249 
PHE CD1 CE1  sing Y N 250 
PHE CD1 HD1  sing N N 251 
PHE CD2 CE2  doub Y N 252 
PHE CD2 HD2  sing N N 253 
PHE CE1 CZ   doub Y N 254 
PHE CE1 HE1  sing N N 255 
PHE CE2 CZ   sing Y N 256 
PHE CE2 HE2  sing N N 257 
PHE CZ  HZ   sing N N 258 
PHE OXT HXT  sing N N 259 
PRO N   CA   sing N N 260 
PRO N   CD   sing N N 261 
PRO N   H    sing N N 262 
PRO CA  C    sing N N 263 
PRO CA  CB   sing N N 264 
PRO CA  HA   sing N N 265 
PRO C   O    doub N N 266 
PRO C   OXT  sing N N 267 
PRO CB  CG   sing N N 268 
PRO CB  HB2  sing N N 269 
PRO CB  HB3  sing N N 270 
PRO CG  CD   sing N N 271 
PRO CG  HG2  sing N N 272 
PRO CG  HG3  sing N N 273 
PRO CD  HD2  sing N N 274 
PRO CD  HD3  sing N N 275 
PRO OXT HXT  sing N N 276 
SER N   CA   sing N N 277 
SER N   H    sing N N 278 
SER N   H2   sing N N 279 
SER CA  C    sing N N 280 
SER CA  CB   sing N N 281 
SER CA  HA   sing N N 282 
SER C   O    doub N N 283 
SER C   OXT  sing N N 284 
SER CB  OG   sing N N 285 
SER CB  HB2  sing N N 286 
SER CB  HB3  sing N N 287 
SER OG  HG   sing N N 288 
SER OXT HXT  sing N N 289 
THR N   CA   sing N N 290 
THR N   H    sing N N 291 
THR N   H2   sing N N 292 
THR CA  C    sing N N 293 
THR CA  CB   sing N N 294 
THR CA  HA   sing N N 295 
THR C   O    doub N N 296 
THR C   OXT  sing N N 297 
THR CB  OG1  sing N N 298 
THR CB  CG2  sing N N 299 
THR CB  HB   sing N N 300 
THR OG1 HG1  sing N N 301 
THR CG2 HG21 sing N N 302 
THR CG2 HG22 sing N N 303 
THR CG2 HG23 sing N N 304 
THR OXT HXT  sing N N 305 
TRP N   CA   sing N N 306 
TRP N   H    sing N N 307 
TRP N   H2   sing N N 308 
TRP CA  C    sing N N 309 
TRP CA  CB   sing N N 310 
TRP CA  HA   sing N N 311 
TRP C   O    doub N N 312 
TRP C   OXT  sing N N 313 
TRP CB  CG   sing N N 314 
TRP CB  HB2  sing N N 315 
TRP CB  HB3  sing N N 316 
TRP CG  CD1  doub Y N 317 
TRP CG  CD2  sing Y N 318 
TRP CD1 NE1  sing Y N 319 
TRP CD1 HD1  sing N N 320 
TRP CD2 CE2  doub Y N 321 
TRP CD2 CE3  sing Y N 322 
TRP NE1 CE2  sing Y N 323 
TRP NE1 HE1  sing N N 324 
TRP CE2 CZ2  sing Y N 325 
TRP CE3 CZ3  doub Y N 326 
TRP CE3 HE3  sing N N 327 
TRP CZ2 CH2  doub Y N 328 
TRP CZ2 HZ2  sing N N 329 
TRP CZ3 CH2  sing Y N 330 
TRP CZ3 HZ3  sing N N 331 
TRP CH2 HH2  sing N N 332 
TRP OXT HXT  sing N N 333 
TYR N   CA   sing N N 334 
TYR N   H    sing N N 335 
TYR N   H2   sing N N 336 
TYR CA  C    sing N N 337 
TYR CA  CB   sing N N 338 
TYR CA  HA   sing N N 339 
TYR C   O    doub N N 340 
TYR C   OXT  sing N N 341 
TYR CB  CG   sing N N 342 
TYR CB  HB2  sing N N 343 
TYR CB  HB3  sing N N 344 
TYR CG  CD1  doub Y N 345 
TYR CG  CD2  sing Y N 346 
TYR CD1 CE1  sing Y N 347 
TYR CD1 HD1  sing N N 348 
TYR CD2 CE2  doub Y N 349 
TYR CD2 HD2  sing N N 350 
TYR CE1 CZ   doub Y N 351 
TYR CE1 HE1  sing N N 352 
TYR CE2 CZ   sing Y N 353 
TYR CE2 HE2  sing N N 354 
TYR CZ  OH   sing N N 355 
TYR OH  HH   sing N N 356 
TYR OXT HXT  sing N N 357 
VAL N   CA   sing N N 358 
VAL N   H    sing N N 359 
VAL N   H2   sing N N 360 
VAL CA  C    sing N N 361 
VAL CA  CB   sing N N 362 
VAL CA  HA   sing N N 363 
VAL C   O    doub N N 364 
VAL C   OXT  sing N N 365 
VAL CB  CG1  sing N N 366 
VAL CB  CG2  sing N N 367 
VAL CB  HB   sing N N 368 
VAL CG1 HG11 sing N N 369 
VAL CG1 HG12 sing N N 370 
VAL CG1 HG13 sing N N 371 
VAL CG2 HG21 sing N N 372 
VAL CG2 HG22 sing N N 373 
VAL CG2 HG23 sing N N 374 
VAL OXT HXT  sing N N 375 
# 
_atom_sites.entry_id                    2Z84 
_atom_sites.fract_transf_matrix[1][1]   0.01186855 
_atom_sites.fract_transf_matrix[1][2]   0.01071986 
_atom_sites.fract_transf_matrix[1][3]   -0.00188356 
_atom_sites.fract_transf_matrix[2][1]   0.01027486 
_atom_sites.fract_transf_matrix[2][2]   0.00284117 
_atom_sites.fract_transf_matrix[2][3]   0.01207037 
_atom_sites.fract_transf_matrix[3][1]   0.00286724 
_atom_sites.fract_transf_matrix[3][2]   -0.00346022 
_atom_sites.fract_transf_matrix[3][3]   -0.00162625 
_atom_sites.fract_transf_vector[1]      0.673231 
_atom_sites.fract_transf_vector[2]      0.751249 
_atom_sites.fract_transf_vector[3]      0.429292 
# 
loop_
_atom_type.symbol 
C 
N 
O 
S 
# 
loop_
_atom_site.group_PDB 
_atom_site.id 
_atom_site.type_symbol 
_atom_site.label_atom_id 
_atom_site.label_alt_id 
_atom_site.label_comp_id 
_atom_site.label_asym_id 
_atom_site.label_entity_id 
_atom_site.label_seq_id 
_atom_site.pdbx_PDB_ins_code 
_atom_site.Cartn_x 
_atom_site.Cartn_y 
_atom_site.Cartn_z 
_atom_site.occupancy 
_atom_site.B_iso_or_equiv 
_atom_site.pdbx_formal_charge 
_atom_site.auth_seq_id 
_atom_site.auth_comp_id 
_atom_site.auth_asym_id 
_atom_site.auth_atom_id 
_atom_site.pdbx_PDB_model_num 
ATOM   1    N N   . SER A 1 2   ? -16.643 -8.969  18.507  1.00 64.94 ? 7    SER A N   1 
ATOM   2    C CA  . SER A 1 2   ? -16.983 -10.021 17.502  1.00 64.76 ? 7    SER A CA  1 
ATOM   3    C C   . SER A 1 2   ? -16.303 -9.800  16.146  1.00 64.17 ? 7    SER A C   1 
ATOM   4    O O   . SER A 1 2   ? -15.967 -10.763 15.449  1.00 64.37 ? 7    SER A O   1 
ATOM   5    C CB  . SER A 1 2   ? -18.502 -10.120 17.319  1.00 65.11 ? 7    SER A CB  1 
ATOM   6    O OG  . SER A 1 2   ? -19.133 -10.600 18.495  1.00 65.53 ? 7    SER A OG  1 
ATOM   7    N N   . THR A 1 3   ? -16.105 -8.535  15.776  1.00 62.93 ? 8    THR A N   1 
ATOM   8    C CA  . THR A 1 3   ? -15.574 -8.181  14.451  1.00 61.29 ? 8    THR A CA  1 
ATOM   9    C C   . THR A 1 3   ? -14.381 -7.223  14.509  1.00 59.32 ? 8    THR A C   1 
ATOM   10   O O   . THR A 1 3   ? -14.295 -6.375  15.402  1.00 59.24 ? 8    THR A O   1 
ATOM   11   C CB  . THR A 1 3   ? -16.672 -7.559  13.546  1.00 61.76 ? 8    THR A CB  1 
ATOM   12   O OG1 . THR A 1 3   ? -17.371 -6.533  14.268  1.00 62.14 ? 8    THR A OG1 1 
ATOM   13   C CG2 . THR A 1 3   ? -17.665 -8.625  13.078  1.00 61.86 ? 8    THR A CG2 1 
ATOM   14   N N   . LEU A 1 4   ? -13.474 -7.363  13.542  1.00 56.49 ? 9    LEU A N   1 
ATOM   15   C CA  . LEU A 1 4   ? -12.295 -6.501  13.426  1.00 53.38 ? 9    LEU A CA  1 
ATOM   16   C C   . LEU A 1 4   ? -12.659 -5.103  12.914  1.00 50.62 ? 9    LEU A C   1 
ATOM   17   O O   . LEU A 1 4   ? -13.021 -4.930  11.744  1.00 50.88 ? 9    LEU A O   1 
ATOM   18   C CB  . LEU A 1 4   ? -11.241 -7.156  12.519  1.00 53.65 ? 9    LEU A CB  1 
ATOM   19   C CG  . LEU A 1 4   ? -9.836  -6.544  12.430  1.00 53.62 ? 9    LEU A CG  1 
ATOM   20   C CD1 . LEU A 1 4   ? -9.138  -6.509  13.789  1.00 53.73 ? 9    LEU A CD1 1 
ATOM   21   C CD2 . LEU A 1 4   ? -8.991  -7.306  11.421  1.00 53.41 ? 9    LEU A CD2 1 
ATOM   22   N N   . GLU A 1 5   ? -12.543 -4.107  13.792  1.00 46.40 ? 10   GLU A N   1 
ATOM   23   C CA  . GLU A 1 5   ? -12.991 -2.741  13.489  1.00 41.55 ? 10   GLU A CA  1 
ATOM   24   C C   . GLU A 1 5   ? -11.857 -1.820  13.054  1.00 35.95 ? 10   GLU A C   1 
ATOM   25   O O   . GLU A 1 5   ? -11.302 -1.070  13.854  1.00 35.79 ? 10   GLU A O   1 
ATOM   26   C CB  . GLU A 1 5   ? -13.722 -2.134  14.685  1.00 43.49 ? 10   GLU A CB  1 
ATOM   27   C CG  . GLU A 1 5   ? -14.692 -1.044  14.297  1.00 50.24 ? 10   GLU A CG  1 
ATOM   28   C CD  . GLU A 1 5   ? -15.942 -1.597  13.653  1.00 49.15 ? 10   GLU A CD  1 
ATOM   29   O OE1 . GLU A 1 5   ? -16.840 -2.038  14.397  1.00 59.47 ? 10   GLU A OE1 1 
ATOM   30   O OE2 . GLU A 1 5   ? -16.030 -1.587  12.406  1.00 59.93 ? 10   GLU A OE2 1 
ATOM   31   N N   . LEU A 1 6   ? -11.539 -1.858  11.772  1.00 28.32 ? 11   LEU A N   1 
ATOM   32   C CA  . LEU A 1 6   ? -10.433 -1.056  11.252  1.00 21.57 ? 11   LEU A CA  1 
ATOM   33   C C   . LEU A 1 6   ? -10.943 0.236   10.672  1.00 18.78 ? 11   LEU A C   1 
ATOM   34   O O   . LEU A 1 6   ? -12.128 0.342   10.312  1.00 17.94 ? 11   LEU A O   1 
ATOM   35   C CB  . LEU A 1 6   ? -9.693  -1.844  10.174  1.00 20.30 ? 11   LEU A CB  1 
ATOM   36   C CG  . LEU A 1 6   ? -9.081  -3.158  10.673  1.00 18.82 ? 11   LEU A CG  1 
ATOM   37   C CD1 . LEU A 1 6   ? -8.584  -3.973  9.488   1.00 19.42 ? 11   LEU A CD1 1 
ATOM   38   C CD2 . LEU A 1 6   ? -7.957  -2.912  11.650  1.00 18.39 ? 11   LEU A CD2 1 
ATOM   39   N N   . LEU A 1 7   ? -10.062 1.235   10.595  1.00 14.45 ? 12   LEU A N   1 
ATOM   40   C CA  . LEU A 1 7   ? -10.463 2.522   10.015  1.00 14.79 ? 12   LEU A CA  1 
ATOM   41   C C   . LEU A 1 7   ? -10.555 2.466   8.489   1.00 14.99 ? 12   LEU A C   1 
ATOM   42   O O   . LEU A 1 7   ? -9.710  1.859   7.826   1.00 15.41 ? 12   LEU A O   1 
ATOM   43   C CB  . LEU A 1 7   ? -9.485  3.628   10.437  1.00 14.26 ? 12   LEU A CB  1 
ATOM   44   C CG  . LEU A 1 7   ? -9.347  3.870   11.942  1.00 14.46 ? 12   LEU A CG  1 
ATOM   45   C CD1 . LEU A 1 7   ? -8.314  4.953   12.200  1.00 15.68 ? 12   LEU A CD1 1 
ATOM   46   C CD2 . LEU A 1 7   ? -10.687 4.249   12.561  1.00 17.81 ? 12   LEU A CD2 1 
ATOM   47   N N   . LYS A 1 8   ? -11.579 3.121   7.945   1.00 15.78 ? 13   LYS A N   1 
ATOM   48   C CA  . LYS A 1 8   ? -11.851 3.122   6.516   1.00 16.48 ? 13   LYS A CA  1 
ATOM   49   C C   . LYS A 1 8   ? -11.527 4.478   5.876   1.00 16.09 ? 13   LYS A C   1 
ATOM   50   O O   . LYS A 1 8   ? -11.766 5.528   6.498   1.00 16.36 ? 13   LYS A O   1 
ATOM   51   C CB  . LYS A 1 8   ? -13.342 2.797   6.302   1.00 17.04 ? 13   LYS A CB  1 
ATOM   52   C CG  . LYS A 1 8   ? -13.784 2.607   4.863   1.00 18.09 ? 13   LYS A CG  1 
ATOM   53   C CD  . LYS A 1 8   ? -15.282 2.269   4.808   1.00 20.47 ? 13   LYS A CD  1 
ATOM   54   C CE  . LYS A 1 8   ? -15.531 0.776   5.039   1.00 25.08 ? 13   LYS A CE  1 
ATOM   55   N NZ  . LYS A 1 8   ? -16.993 0.419   4.959   1.00 30.71 ? 13   LYS A NZ  1 
ATOM   56   N N   . ASP A 1 9   ? -11.015 4.450   4.637   1.00 15.78 ? 14   ASP A N   1 
ATOM   57   C CA  . ASP A 1 9   ? -10.839 5.670   3.807   1.00 16.20 ? 14   ASP A CA  1 
ATOM   58   C C   . ASP A 1 9   ? -10.161 6.812   4.583   1.00 15.87 ? 14   ASP A C   1 
ATOM   59   O O   . ASP A 1 9   ? -10.681 7.938   4.694   1.00 16.12 ? 14   ASP A O   1 
ATOM   60   C CB  . ASP A 1 9   ? -12.188 6.131   3.240   1.00 16.68 ? 14   ASP A CB  1 
ATOM   61   C CG  . ASP A 1 9   ? -12.839 5.091   2.336   1.00 18.75 ? 14   ASP A CG  1 
ATOM   62   O OD1 . ASP A 1 9   ? -14.045 5.255   2.031   1.00 23.18 ? 14   ASP A OD1 1 
ATOM   63   O OD2 . ASP A 1 9   ? -12.163 4.124   1.920   1.00 17.76 ? 14   ASP A OD2 1 
ATOM   64   N N   . VAL A 1 10  ? -9.003  6.494   5.146   1.00 15.27 ? 15   VAL A N   1 
ATOM   65   C CA  . VAL A 1 10  ? -8.368  7.363   6.139   1.00 14.85 ? 15   VAL A CA  1 
ATOM   66   C C   . VAL A 1 10  ? -7.760  8.634   5.522   1.00 15.40 ? 15   VAL A C   1 
ATOM   67   O O   . VAL A 1 10  ? -7.390  9.543   6.244   1.00 15.94 ? 15   VAL A O   1 
ATOM   68   C CB  . VAL A 1 10  ? -7.324  6.616   6.974   1.00 14.49 ? 15   VAL A CB  1 
ATOM   69   C CG1 . VAL A 1 10  ? -7.991  5.523   7.819   1.00 14.58 ? 15   VAL A CG1 1 
ATOM   70   C CG2 . VAL A 1 10  ? -6.252  5.999   6.068   1.00 12.67 ? 15   VAL A CG2 1 
ATOM   71   N N   . HIS A 1 11  ? -7.662  8.687   4.200   1.00 16.86 ? 16   HIS A N   1 
ATOM   72   C CA  . HIS A 1 11  ? -7.093  9.875   3.530   1.00 19.26 ? 16   HIS A CA  1 
ATOM   73   C C   . HIS A 1 11  ? -8.106  11.026  3.429   1.00 20.71 ? 16   HIS A C   1 
ATOM   74   O O   . HIS A 1 11  ? -7.734  12.159  3.100   1.00 20.94 ? 16   HIS A O   1 
ATOM   75   C CB  . HIS A 1 11  ? -6.596  9.495   2.135   1.00 19.97 ? 16   HIS A CB  1 
ATOM   76   C CG  . HIS A 1 11  ? -7.683  9.010   1.236   1.00 22.22 ? 16   HIS A CG  1 
ATOM   77   N ND1 . HIS A 1 11  ? -8.204  9.777   0.213   1.00 25.69 ? 16   HIS A ND1 1 
ATOM   78   C CD2 . HIS A 1 11  ? -8.387  7.856   1.240   1.00 21.42 ? 16   HIS A CD2 1 
ATOM   79   C CE1 . HIS A 1 11  ? -9.170  9.100   -0.388  1.00 26.15 ? 16   HIS A CE1 1 
ATOM   80   N NE2 . HIS A 1 11  ? -9.301  7.934   0.218   1.00 25.86 ? 16   HIS A NE2 1 
ATOM   81   N N   . LEU A 1 12  ? -9.377  10.746  3.697   1.00 21.77 ? 17   LEU A N   1 
ATOM   82   C CA  . LEU A 1 12  ? -10.434 11.761  3.495   1.00 23.66 ? 17   LEU A CA  1 
ATOM   83   C C   . LEU A 1 12  ? -10.278 12.919  4.468   1.00 23.88 ? 17   LEU A C   1 
ATOM   84   O O   . LEU A 1 12  ? -10.128 12.711  5.666   1.00 24.12 ? 17   LEU A O   1 
ATOM   85   C CB  . LEU A 1 12  ? -11.832 11.159  3.631   1.00 24.36 ? 17   LEU A CB  1 
ATOM   86   C CG  . LEU A 1 12  ? -12.285 10.173  2.561   1.00 26.09 ? 17   LEU A CG  1 
ATOM   87   C CD1 . LEU A 1 12  ? -13.614 9.564   2.991   1.00 27.41 ? 17   LEU A CD1 1 
ATOM   88   C CD2 . LEU A 1 12  ? -12.391 10.840  1.183   1.00 28.06 ? 17   LEU A CD2 1 
ATOM   89   N N   . GLY A 1 13  ? -10.338 14.142  3.941   1.00 24.85 ? 18   GLY A N   1 
ATOM   90   C CA  . GLY A 1 13  ? -10.126 15.335  4.751   1.00 24.85 ? 18   GLY A CA  1 
ATOM   91   C C   . GLY A 1 13  ? -8.737  15.957  4.623   1.00 25.01 ? 18   GLY A C   1 
ATOM   92   O O   . GLY A 1 13  ? -8.542  17.108  5.043   1.00 25.32 ? 18   GLY A O   1 
ATOM   93   N N   . LEU A 1 14  ? -7.763  15.221  4.075   1.00 24.31 ? 19   LEU A N   1 
ATOM   94   C CA  . LEU A 1 14  ? -6.409  15.768  3.871   1.00 23.98 ? 19   LEU A CA  1 
ATOM   95   C C   . LEU A 1 14  ? -6.425  16.933  2.890   1.00 24.48 ? 19   LEU A C   1 
ATOM   96   O O   . LEU A 1 14  ? -7.088  16.864  1.861   1.00 23.69 ? 19   LEU A O   1 
ATOM   97   C CB  . LEU A 1 14  ? -5.449  14.712  3.311   1.00 23.29 ? 19   LEU A CB  1 
ATOM   98   C CG  . LEU A 1 14  ? -4.753  13.787  4.294   1.00 22.75 ? 19   LEU A CG  1 
ATOM   99   C CD1 . LEU A 1 14  ? -4.073  12.681  3.501   1.00 22.43 ? 19   LEU A CD1 1 
ATOM   100  C CD2 . LEU A 1 14  ? -3.763  14.546  5.197   1.00 21.12 ? 19   LEU A CD2 1 
ATOM   101  N N   . PRO A 1 15  ? -5.679  18.004  3.206   1.00 25.61 ? 20   PRO A N   1 
ATOM   102  C CA  . PRO A 1 15  ? -5.541  19.087  2.250   1.00 26.46 ? 20   PRO A CA  1 
ATOM   103  C C   . PRO A 1 15  ? -4.676  18.669  1.068   1.00 27.39 ? 20   PRO A C   1 
ATOM   104  O O   . PRO A 1 15  ? -3.757  17.858  1.225   1.00 26.59 ? 20   PRO A O   1 
ATOM   105  C CB  . PRO A 1 15  ? -4.842  20.187  3.058   1.00 26.55 ? 20   PRO A CB  1 
ATOM   106  C CG  . PRO A 1 15  ? -4.130  19.494  4.119   1.00 26.82 ? 20   PRO A CG  1 
ATOM   107  C CD  . PRO A 1 15  ? -4.955  18.273  4.460   1.00 25.64 ? 20   PRO A CD  1 
ATOM   108  N N   . VAL A 1 16  ? -4.993  19.200  -0.108  1.00 29.18 ? 21   VAL A N   1 
ATOM   109  C CA  . VAL A 1 16  ? -4.110  19.110  -1.270  1.00 31.28 ? 21   VAL A CA  1 
ATOM   110  C C   . VAL A 1 16  ? -2.742  19.686  -0.860  1.00 32.65 ? 21   VAL A C   1 
ATOM   111  O O   . VAL A 1 16  ? -2.681  20.677  -0.117  1.00 32.66 ? 21   VAL A O   1 
ATOM   112  C CB  . VAL A 1 16  ? -4.725  19.884  -2.472  1.00 31.81 ? 21   VAL A CB  1 
ATOM   113  C CG1 . VAL A 1 16  ? -5.073  21.323  -2.061  1.00 32.38 ? 21   VAL A CG1 1 
ATOM   114  C CG2 . VAL A 1 16  ? -3.802  19.871  -3.692  1.00 31.98 ? 21   VAL A CG2 1 
ATOM   115  N N   . PRO A 1 17  ? -1.642  19.058  -1.312  1.00 34.02 ? 22   PRO A N   1 
ATOM   116  C CA  . PRO A 1 17  ? -0.326  19.549  -0.927  1.00 36.41 ? 22   PRO A CA  1 
ATOM   117  C C   . PRO A 1 17  ? 0.132   20.769  -1.742  1.00 39.68 ? 22   PRO A C   1 
ATOM   118  O O   . PRO A 1 17  ? 1.201   21.315  -1.460  1.00 40.01 ? 22   PRO A O   1 
ATOM   119  C CB  . PRO A 1 17  ? 0.574   18.350  -1.204  1.00 35.64 ? 22   PRO A CB  1 
ATOM   120  C CG  . PRO A 1 17  ? -0.066  17.685  -2.349  1.00 34.08 ? 22   PRO A CG  1 
ATOM   121  C CD  . PRO A 1 17  ? -1.547  17.868  -2.179  1.00 33.73 ? 22   PRO A CD  1 
ATOM   122  N N   . CYS A 1 18  ? -0.675  21.171  -2.729  1.00 43.77 ? 23   CYS A N   1 
ATOM   123  C CA  . CYS A 1 18  ? -0.427  22.345  -3.580  1.00 48.06 ? 23   CYS A CA  1 
ATOM   124  C C   . CYS A 1 18  ? -1.407  23.466  -3.303  1.00 51.20 ? 23   CYS A C   1 
ATOM   125  O O   . CYS A 1 18  ? -2.544  23.219  -2.901  1.00 51.69 ? 23   CYS A O   1 
ATOM   126  C CB  . CYS A 1 18  ? -0.643  21.991  -5.047  1.00 47.98 ? 23   CYS A CB  1 
ATOM   127  S SG  . CYS A 1 18  ? 0.543   20.931  -5.775  1.00 46.66 ? 23   CYS A SG  1 
ATOM   128  N N   . HIS A 1 19  ? -0.978  24.696  -3.570  1.00 54.92 ? 24   HIS A N   1 
ATOM   129  C CA  . HIS A 1 19  ? -1.900  25.826  -3.657  1.00 58.17 ? 24   HIS A CA  1 
ATOM   130  C C   . HIS A 1 19  ? -2.806  25.681  -4.880  1.00 58.45 ? 24   HIS A C   1 
ATOM   131  O O   . HIS A 1 19  ? -4.030  25.762  -4.763  1.00 58.84 ? 24   HIS A O   1 
ATOM   132  C CB  . HIS A 1 19  ? -1.140  27.152  -3.707  1.00 59.58 ? 24   HIS A CB  1 
ATOM   133  C CG  . HIS A 1 19  ? -0.497  27.526  -2.411  1.00 64.01 ? 24   HIS A CG  1 
ATOM   134  N ND1 . HIS A 1 19  ? -1.198  28.098  -1.371  1.00 65.89 ? 24   HIS A ND1 1 
ATOM   135  C CD2 . HIS A 1 19  ? 0.782   27.407  -1.983  1.00 66.42 ? 24   HIS A CD2 1 
ATOM   136  C CE1 . HIS A 1 19  ? -0.378  28.317  -0.358  1.00 68.26 ? 24   HIS A CE1 1 
ATOM   137  N NE2 . HIS A 1 19  ? 0.829   27.907  -0.704  1.00 68.72 ? 24   HIS A NE2 1 
ATOM   138  N N   . ASP A 1 20  ? -2.200  25.461  -6.048  1.00 58.08 ? 25   ASP A N   1 
ATOM   139  C CA  . ASP A 1 20  ? -2.957  25.254  -7.282  1.00 56.76 ? 25   ASP A CA  1 
ATOM   140  C C   . ASP A 1 20  ? -2.453  24.020  -8.033  1.00 54.74 ? 25   ASP A C   1 
ATOM   141  O O   . ASP A 1 20  ? -1.525  24.114  -8.848  1.00 54.69 ? 25   ASP A O   1 
ATOM   142  C CB  . ASP A 1 20  ? -2.917  26.502  -8.175  1.00 58.06 ? 25   ASP A CB  1 
ATOM   143  C CG  . ASP A 1 20  ? -3.828  26.385  -9.401  1.00 64.35 ? 25   ASP A CG  1 
ATOM   144  O OD1 . ASP A 1 20  ? -4.798  25.589  -9.371  1.00 60.07 ? 25   ASP A OD1 1 
ATOM   145  O OD2 . ASP A 1 20  ? -3.573  27.100  -10.395 1.00 60.22 ? 25   ASP A OD2 1 
ATOM   146  N N   . PRO A 1 21  ? -3.064  22.851  -7.752  1.00 51.91 ? 26   PRO A N   1 
ATOM   147  C CA  . PRO A 1 21  ? -2.675  21.612  -8.424  1.00 49.04 ? 26   PRO A CA  1 
ATOM   148  C C   . PRO A 1 21  ? -3.114  21.603  -9.887  1.00 45.77 ? 26   PRO A C   1 
ATOM   149  O O   . PRO A 1 21  ? -4.262  21.924  -10.193 1.00 45.62 ? 26   PRO A O   1 
ATOM   150  C CB  . PRO A 1 21  ? -3.403  20.530  -7.618  1.00 49.31 ? 26   PRO A CB  1 
ATOM   151  C CG  . PRO A 1 21  ? -4.570  21.222  -7.023  1.00 50.61 ? 26   PRO A CG  1 
ATOM   152  C CD  . PRO A 1 21  ? -4.150  22.637  -6.777  1.00 51.66 ? 26   PRO A CD  1 
ATOM   153  N N   . ALA A 1 22  ? -2.194  21.260  -10.781 1.00 41.87 ? 27   ALA A N   1 
ATOM   154  C CA  . ALA A 1 22  ? -2.500  21.209  -12.208 1.00 38.13 ? 27   ALA A CA  1 
ATOM   155  C C   . ALA A 1 22  ? -3.259  19.937  -12.585 1.00 35.31 ? 27   ALA A C   1 
ATOM   156  O O   . ALA A 1 22  ? -4.012  19.923  -13.562 1.00 34.96 ? 27   ALA A O   1 
ATOM   157  C CB  . ALA A 1 22  ? -1.221  21.343  -13.034 1.00 38.22 ? 27   ALA A CB  1 
ATOM   158  N N   . ARG A 1 23  ? -3.041  18.868  -11.811 1.00 31.47 ? 28   ARG A N   1 
ATOM   159  C CA  . ARG A 1 23  ? -3.659  17.561  -12.044 1.00 27.93 ? 28   ARG A CA  1 
ATOM   160  C C   . ARG A 1 23  ? -3.787  16.901  -10.682 1.00 26.38 ? 28   ARG A C   1 
ATOM   161  O O   . ARG A 1 23  ? -2.943  17.135  -9.813  1.00 24.34 ? 28   ARG A O   1 
ATOM   162  C CB  . ARG A 1 23  ? -2.769  16.673  -12.927 1.00 27.74 ? 28   ARG A CB  1 
ATOM   163  C CG  . ARG A 1 23  ? -2.414  17.250  -14.285 1.00 26.76 ? 28   ARG A CG  1 
ATOM   164  C CD  . ARG A 1 23  ? -1.512  16.330  -15.073 1.00 27.86 ? 28   ARG A CD  1 
ATOM   165  N NE  . ARG A 1 23  ? -2.225  15.144  -15.555 1.00 26.48 ? 28   ARG A NE  1 
ATOM   166  C CZ  . ARG A 1 23  ? -1.664  14.193  -16.296 1.00 26.14 ? 28   ARG A CZ  1 
ATOM   167  N NH1 . ARG A 1 23  ? -0.389  14.294  -16.646 1.00 26.02 ? 28   ARG A NH1 1 
ATOM   168  N NH2 . ARG A 1 23  ? -2.372  13.149  -16.699 1.00 24.68 ? 28   ARG A NH2 1 
ATOM   169  N N   . LEU A 1 24  ? -4.836  16.098  -10.500 1.00 24.89 ? 29   LEU A N   1 
ATOM   170  C CA  . LEU A 1 24  ? -5.076  15.391  -9.236  1.00 23.63 ? 29   LEU A CA  1 
ATOM   171  C C   . LEU A 1 24  ? -5.916  14.153  -9.516  1.00 22.47 ? 29   LEU A C   1 
ATOM   172  O O   . LEU A 1 24  ? -6.940  14.241  -10.198 1.00 21.63 ? 29   LEU A O   1 
ATOM   173  C CB  . LEU A 1 24  ? -5.787  16.308  -8.219  1.00 24.29 ? 29   LEU A CB  1 
ATOM   174  C CG  . LEU A 1 24  ? -6.156  15.857  -6.796  1.00 25.81 ? 29   LEU A CG  1 
ATOM   175  C CD1 . LEU A 1 24  ? -7.472  15.114  -6.735  1.00 28.11 ? 29   LEU A CD1 1 
ATOM   176  C CD2 . LEU A 1 24  ? -5.095  15.046  -6.144  1.00 27.82 ? 29   LEU A CD2 1 
ATOM   177  N N   . ALA A 1 25  ? -5.486  13.002  -8.998  1.00 20.88 ? 30   ALA A N   1 
ATOM   178  C CA  . ALA A 1 25  ? -6.233  11.751  -9.177  1.00 20.47 ? 30   ALA A CA  1 
ATOM   179  C C   . ALA A 1 25  ? -6.152  10.982  -7.871  1.00 20.31 ? 30   ALA A C   1 
ATOM   180  O O   . ALA A 1 25  ? -5.067  10.806  -7.324  1.00 19.48 ? 30   ALA A O   1 
ATOM   181  C CB  . ALA A 1 25  ? -5.672  10.929  -10.332 1.00 20.78 ? 30   ALA A CB  1 
ATOM   182  N N   . LEU A 1 26  ? -7.312  10.593  -7.353  1.00 19.97 ? 31   LEU A N   1 
ATOM   183  C CA  . LEU A 1 26  ? -7.416  9.814   -6.121  1.00 20.82 ? 31   LEU A CA  1 
ATOM   184  C C   . LEU A 1 26  ? -8.102  8.508   -6.472  1.00 19.87 ? 31   LEU A C   1 
ATOM   185  O O   . LEU A 1 26  ? -8.901  8.470   -7.415  1.00 19.81 ? 31   LEU A O   1 
ATOM   186  C CB  . LEU A 1 26  ? -8.280  10.564  -5.103  1.00 21.04 ? 31   LEU A CB  1 
ATOM   187  C CG  . LEU A 1 26  ? -7.675  11.394  -3.964  1.00 24.33 ? 31   LEU A CG  1 
ATOM   188  C CD1 . LEU A 1 26  ? -6.388  12.088  -4.338  1.00 25.66 ? 31   LEU A CD1 1 
ATOM   189  C CD2 . LEU A 1 26  ? -8.707  12.378  -3.416  1.00 23.55 ? 31   LEU A CD2 1 
ATOM   190  N N   . LEU A 1 27  ? -7.831  7.445   -5.717  1.00 18.40 ? 32   LEU A N   1 
ATOM   191  C CA  . LEU A 1 27  ? -8.505  6.179   -6.009  1.00 18.65 ? 32   LEU A CA  1 
ATOM   192  C C   . LEU A 1 27  ? -9.976  6.269   -5.700  1.00 18.44 ? 32   LEU A C   1 
ATOM   193  O O   . LEU A 1 27  ? -10.408 7.060   -4.838  1.00 18.32 ? 32   LEU A O   1 
ATOM   194  C CB  . LEU A 1 27  ? -7.901  4.963   -5.287  1.00 18.27 ? 32   LEU A CB  1 
ATOM   195  C CG  . LEU A 1 27  ? -7.607  4.942   -3.782  1.00 21.62 ? 32   LEU A CG  1 
ATOM   196  C CD1 . LEU A 1 27  ? -8.202  6.028   -2.906  1.00 20.18 ? 32   LEU A CD1 1 
ATOM   197  C CD2 . LEU A 1 27  ? -7.764  3.523   -3.200  1.00 18.82 ? 32   LEU A CD2 1 
ATOM   198  N N   . SER A 1 28  ? -10.729 5.466   -6.441  1.00 19.05 ? 33   SER A N   1 
ATOM   199  C CA  . SER A 1 28  ? -12.142 5.262   -6.176  1.00 18.95 ? 33   SER A CA  1 
ATOM   200  C C   . SER A 1 28  ? -12.283 3.990   -5.361  1.00 18.53 ? 33   SER A C   1 
ATOM   201  O O   . SER A 1 28  ? -11.310 3.247   -5.167  1.00 18.47 ? 33   SER A O   1 
ATOM   202  C CB  . SER A 1 28  ? -12.930 5.159   -7.481  1.00 20.07 ? 33   SER A CB  1 
ATOM   203  O OG  . SER A 1 28  ? -12.465 4.053   -8.226  1.00 23.65 ? 33   SER A OG  1 
ATOM   204  N N   . GLY A 1 29  ? -13.487 3.758   -4.846  1.00 17.95 ? 34   GLY A N   1 
ATOM   205  C CA  . GLY A 1 29  ? -13.704 2.616   -3.979  1.00 17.13 ? 34   GLY A CA  1 
ATOM   206  C C   . GLY A 1 29  ? -13.181 2.870   -2.581  1.00 17.05 ? 34   GLY A C   1 
ATOM   207  O O   . GLY A 1 29  ? -12.805 3.999   -2.246  1.00 18.31 ? 34   GLY A O   1 
ATOM   208  N N   . HIS A 1 30  ? -13.181 1.819   -1.760  1.00 15.62 ? 35   HIS A N   1 
ATOM   209  C CA  . HIS A 1 30  ? -12.959 1.948   -0.325  1.00 14.53 ? 35   HIS A CA  1 
ATOM   210  C C   . HIS A 1 30  ? -11.885 0.962   0.117   1.00 13.36 ? 35   HIS A C   1 
ATOM   211  O O   . HIS A 1 30  ? -11.711 -0.077  -0.507  1.00 13.46 ? 35   HIS A O   1 
ATOM   212  C CB  . HIS A 1 30  ? -14.256 1.645   0.425   1.00 15.66 ? 35   HIS A CB  1 
ATOM   213  C CG  . HIS A 1 30  ? -15.395 2.521   0.000   1.00 18.45 ? 35   HIS A CG  1 
ATOM   214  N ND1 . HIS A 1 30  ? -15.523 3.820   0.434   1.00 21.63 ? 35   HIS A ND1 1 
ATOM   215  C CD2 . HIS A 1 30  ? -16.425 2.303   -0.854  1.00 22.07 ? 35   HIS A CD2 1 
ATOM   216  C CE1 . HIS A 1 30  ? -16.605 4.359   -0.104  1.00 22.79 ? 35   HIS A CE1 1 
ATOM   217  N NE2 . HIS A 1 30  ? -17.165 3.463   -0.898  1.00 22.73 ? 35   HIS A NE2 1 
ATOM   218  N N   . TYR A 1 31  ? -11.187 1.277   1.203   1.00 12.77 ? 36   TYR A N   1 
ATOM   219  C CA  . TYR A 1 31  ? -10.162 0.378   1.734   1.00 12.40 ? 36   TYR A CA  1 
ATOM   220  C C   . TYR A 1 31  ? -10.078 0.570   3.242   1.00 11.94 ? 36   TYR A C   1 
ATOM   221  O O   . TYR A 1 31  ? -10.598 1.565   3.786   1.00 12.79 ? 36   TYR A O   1 
ATOM   222  C CB  . TYR A 1 31  ? -8.780  0.653   1.100   1.00 12.43 ? 36   TYR A CB  1 
ATOM   223  C CG  . TYR A 1 31  ? -8.291  2.030   1.481   1.00 12.31 ? 36   TYR A CG  1 
ATOM   224  C CD1 . TYR A 1 31  ? -8.683  3.163   0.744   1.00 14.86 ? 36   TYR A CD1 1 
ATOM   225  C CD2 . TYR A 1 31  ? -7.492  2.207   2.603   1.00 11.16 ? 36   TYR A CD2 1 
ATOM   226  C CE1 . TYR A 1 31  ? -8.272  4.429   1.122   1.00 14.90 ? 36   TYR A CE1 1 
ATOM   227  C CE2 . TYR A 1 31  ? -7.084  3.473   2.995   1.00 13.07 ? 36   TYR A CE2 1 
ATOM   228  C CZ  . TYR A 1 31  ? -7.475  4.566   2.257   1.00 13.80 ? 36   TYR A CZ  1 
ATOM   229  O OH  . TYR A 1 31  ? -7.058  5.809   2.675   1.00 16.31 ? 36   TYR A OH  1 
ATOM   230  N N   . LEU A 1 32  ? -9.439  -0.392  3.910   1.00 11.86 ? 37   LEU A N   1 
ATOM   231  C CA  . LEU A 1 32  ? -9.242  -0.352  5.345   1.00 11.33 ? 37   LEU A CA  1 
ATOM   232  C C   . LEU A 1 32  ? -7.768  -0.214  5.632   1.00 11.31 ? 37   LEU A C   1 
ATOM   233  O O   . LEU A 1 32  ? -6.929  -0.697  4.864   1.00 11.72 ? 37   LEU A O   1 
ATOM   234  C CB  . LEU A 1 32  ? -9.753  -1.638  5.994   1.00 12.26 ? 37   LEU A CB  1 
ATOM   235  C CG  . LEU A 1 32  ? -11.253 -1.860  5.839   1.00 12.53 ? 37   LEU A CG  1 
ATOM   236  C CD1 . LEU A 1 32  ? -11.604 -3.209  6.451   1.00 13.89 ? 37   LEU A CD1 1 
ATOM   237  C CD2 . LEU A 1 32  ? -12.087 -0.760  6.487   1.00 14.23 ? 37   LEU A CD2 1 
ATOM   238  N N   . TYR A 1 33  ? -7.473  0.433   6.748   1.00 10.92 ? 38   TYR A N   1 
ATOM   239  C CA  . TYR A 1 33  ? -6.098  0.607   7.208   1.00 10.57 ? 38   TYR A CA  1 
ATOM   240  C C   . TYR A 1 33  ? -5.619  -0.547  8.096   1.00 10.90 ? 38   TYR A C   1 
ATOM   241  O O   . TYR A 1 33  ? -5.940  -0.631  9.296   1.00 11.71 ? 38   TYR A O   1 
ATOM   242  C CB  . TYR A 1 33  ? -5.971  1.943   7.931   1.00 11.17 ? 38   TYR A CB  1 
ATOM   243  C CG  . TYR A 1 33  ? -4.579  2.237   8.448   1.00 10.93 ? 38   TYR A CG  1 
ATOM   244  C CD1 . TYR A 1 33  ? -4.357  2.458   9.824   1.00 10.96 ? 38   TYR A CD1 1 
ATOM   245  C CD2 . TYR A 1 33  ? -3.484  2.289   7.574   1.00 10.91 ? 38   TYR A CD2 1 
ATOM   246  C CE1 . TYR A 1 33  ? -3.079  2.754   10.317  1.00 10.51 ? 38   TYR A CE1 1 
ATOM   247  C CE2 . TYR A 1 33  ? -2.198  2.581   8.064   1.00 11.48 ? 38   TYR A CE2 1 
ATOM   248  C CZ  . TYR A 1 33  ? -2.011  2.798   9.429   1.00 10.52 ? 38   TYR A CZ  1 
ATOM   249  O OH  . TYR A 1 33  ? -0.746  3.102   9.886   1.00 11.91 ? 38   TYR A OH  1 
ATOM   250  N N   . TYR A 1 34  ? -4.846  -1.452  7.492   1.00 10.10 ? 39   TYR A N   1 
ATOM   251  C CA  . TYR A 1 34  ? -4.153  -2.489  8.236   1.00 9.87  ? 39   TYR A CA  1 
ATOM   252  C C   . TYR A 1 34  ? -2.761  -1.980  8.637   1.00 10.50 ? 39   TYR A C   1 
ATOM   253  O O   . TYR A 1 34  ? -2.086  -1.239  7.892   1.00 10.62 ? 39   TYR A O   1 
ATOM   254  C CB  . TYR A 1 34  ? -4.026  -3.776  7.395   1.00 10.56 ? 39   TYR A CB  1 
ATOM   255  C CG  . TYR A 1 34  ? -5.302  -4.568  7.284   1.00 10.42 ? 39   TYR A CG  1 
ATOM   256  C CD1 . TYR A 1 34  ? -5.513  -5.674  8.102   1.00 10.90 ? 39   TYR A CD1 1 
ATOM   257  C CD2 . TYR A 1 34  ? -6.284  -4.230  6.340   1.00 11.36 ? 39   TYR A CD2 1 
ATOM   258  C CE1 . TYR A 1 34  ? -6.689  -6.422  8.016   1.00 12.40 ? 39   TYR A CE1 1 
ATOM   259  C CE2 . TYR A 1 34  ? -7.475  -4.976  6.235   1.00 12.09 ? 39   TYR A CE2 1 
ATOM   260  C CZ  . TYR A 1 34  ? -7.659  -6.077  7.073   1.00 11.72 ? 39   TYR A CZ  1 
ATOM   261  O OH  . TYR A 1 34  ? -8.822  -6.835  7.012   1.00 14.35 ? 39   TYR A OH  1 
ATOM   262  N N   . HIS A 1 35  ? -2.335  -2.386  9.818   1.00 10.55 ? 40   HIS A N   1 
ATOM   263  C CA  . HIS A 1 35  ? -1.065  -1.908  10.371  1.00 11.11 ? 40   HIS A CA  1 
ATOM   264  C C   . HIS A 1 35  ? -0.533  -2.904  11.381  1.00 11.46 ? 40   HIS A C   1 
ATOM   265  O O   . HIS A 1 35  ? -1.239  -3.840  11.774  1.00 12.03 ? 40   HIS A O   1 
ATOM   266  C CB  . HIS A 1 35  ? -1.251  -0.514  11.016  1.00 11.33 ? 40   HIS A CB  1 
ATOM   267  C CG  . HIS A 1 35  ? -2.272  -0.487  12.114  1.00 11.64 ? 40   HIS A CG  1 
ATOM   268  N ND1 . HIS A 1 35  ? -1.951  -0.711  13.434  1.00 13.24 ? 40   HIS A ND1 1 
ATOM   269  C CD2 . HIS A 1 35  ? -3.608  -0.275  12.082  1.00 12.51 ? 40   HIS A CD2 1 
ATOM   270  C CE1 . HIS A 1 35  ? -3.049  -0.638  14.173  1.00 14.75 ? 40   HIS A CE1 1 
ATOM   271  N NE2 . HIS A 1 35  ? -4.070  -0.383  13.373  1.00 13.55 ? 40   HIS A NE2 1 
ATOM   272  N N   . TYR A 1 36  ? 0.719   -2.703  11.803  1.00 11.89 ? 41   TYR A N   1 
ATOM   273  C CA  . TYR A 1 36  ? 1.328   -3.581  12.782  1.00 12.77 ? 41   TYR A CA  1 
ATOM   274  C C   . TYR A 1 36  ? 0.349   -3.876  13.920  1.00 12.98 ? 41   TYR A C   1 
ATOM   275  O O   . TYR A 1 36  ? -0.225  -2.960  14.517  1.00 13.59 ? 41   TYR A O   1 
ATOM   276  C CB  . TYR A 1 36  ? 2.525   -2.910  13.418  1.00 13.13 ? 41   TYR A CB  1 
ATOM   277  C CG  . TYR A 1 36  ? 3.828   -2.879  12.655  1.00 13.39 ? 41   TYR A CG  1 
ATOM   278  C CD1 . TYR A 1 36  ? 4.176   -3.871  11.722  1.00 13.39 ? 41   TYR A CD1 1 
ATOM   279  C CD2 . TYR A 1 36  ? 4.773   -1.900  12.955  1.00 13.86 ? 41   TYR A CD2 1 
ATOM   280  C CE1 . TYR A 1 36  ? 5.427   -3.850  11.085  1.00 15.38 ? 41   TYR A CE1 1 
ATOM   281  C CE2 . TYR A 1 36  ? 6.013   -1.881  12.332  1.00 15.19 ? 41   TYR A CE2 1 
ATOM   282  C CZ  . TYR A 1 36  ? 6.336   -2.845  11.408  1.00 15.59 ? 41   TYR A CZ  1 
ATOM   283  O OH  . TYR A 1 36  ? 7.581   -2.825  10.794  1.00 16.25 ? 41   TYR A OH  1 
ATOM   284  N N   . GLY A 1 37  ? 0.180   -5.153  14.217  1.00 14.66 ? 42   GLY A N   1 
ATOM   285  C CA  . GLY A 1 37  ? -0.597  -5.589  15.384  1.00 15.50 ? 42   GLY A CA  1 
ATOM   286  C C   . GLY A 1 37  ? -2.094  -5.304  15.354  1.00 16.95 ? 42   GLY A C   1 
ATOM   287  O O   . GLY A 1 37  ? -2.769  -5.482  16.374  1.00 17.53 ? 42   GLY A O   1 
ATOM   288  N N   . CYS A 1 38  ? -2.642  -4.903  14.202  1.00 17.44 ? 43   CYS A N   1 
ATOM   289  C CA  . CYS A 1 38  ? -4.042  -4.426  14.173  1.00 18.67 ? 43   CYS A CA  1 
ATOM   290  C C   . CYS A 1 38  ? -5.051  -5.526  14.457  1.00 19.80 ? 43   CYS A C   1 
ATOM   291  O O   . CYS A 1 38  ? -6.211  -5.257  14.752  1.00 21.23 ? 43   CYS A O   1 
ATOM   292  C CB  . CYS A 1 38  ? -4.386  -3.735  12.848  1.00 17.79 ? 43   CYS A CB  1 
ATOM   293  S SG  . CYS A 1 38  ? -4.479  -4.828  11.428  1.00 18.41 ? 43   CYS A SG  1 
ATOM   294  N N   . ASP A 1 39  ? -4.602  -6.765  14.345  1.00 20.79 ? 44   ASP A N   1 
ATOM   295  C CA  . ASP A 1 39  ? -5.466  -7.912  14.546  1.00 21.98 ? 44   ASP A CA  1 
ATOM   296  C C   . ASP A 1 39  ? -4.990  -8.737  15.722  1.00 22.75 ? 44   ASP A C   1 
ATOM   297  O O   . ASP A 1 39  ? -5.458  -9.857  15.925  1.00 23.94 ? 44   ASP A O   1 
ATOM   298  C CB  . ASP A 1 39  ? -5.504  -8.761  13.264  1.00 21.70 ? 44   ASP A CB  1 
ATOM   299  C CG  . ASP A 1 39  ? -4.114  -9.110  12.742  1.00 21.75 ? 44   ASP A CG  1 
ATOM   300  O OD1 . ASP A 1 39  ? -3.112  -9.014  13.504  1.00 22.15 ? 44   ASP A OD1 1 
ATOM   301  O OD2 . ASP A 1 39  ? -4.036  -9.497  11.554  1.00 21.85 ? 44   ASP A OD2 1 
ATOM   302  N N   . GLY A 1 40  ? -4.063  -8.178  16.499  1.00 23.11 ? 45   GLY A N   1 
ATOM   303  C CA  . GLY A 1 40  ? -3.518  -8.857  17.666  1.00 23.33 ? 45   GLY A CA  1 
ATOM   304  C C   . GLY A 1 40  ? -2.200  -9.579  17.493  1.00 23.17 ? 45   GLY A C   1 
ATOM   305  O O   . GLY A 1 40  ? -1.575  -9.946  18.482  1.00 24.00 ? 45   GLY A O   1 
ATOM   306  N N   . LEU A 1 41  ? -1.763  -9.799  16.250  1.00 22.43 ? 46   LEU A N   1 
ATOM   307  C CA  . LEU A 1 41  ? -0.481  -10.461 16.006  1.00 22.14 ? 46   LEU A CA  1 
ATOM   308  C C   . LEU A 1 41  ? 0.625   -9.418  15.966  1.00 21.40 ? 46   LEU A C   1 
ATOM   309  O O   . LEU A 1 41  ? 0.554   -8.495  15.153  1.00 21.20 ? 46   LEU A O   1 
ATOM   310  C CB  . LEU A 1 41  ? -0.528  -11.252 14.680  1.00 22.50 ? 46   LEU A CB  1 
ATOM   311  C CG  . LEU A 1 41  ? 0.534   -12.318 14.391  1.00 23.68 ? 46   LEU A CG  1 
ATOM   312  C CD1 . LEU A 1 41  ? 0.034   -13.294 13.319  1.00 24.19 ? 46   LEU A CD1 1 
ATOM   313  C CD2 . LEU A 1 41  ? 1.854   -11.706 13.976  1.00 26.01 ? 46   LEU A CD2 1 
ATOM   314  N N   . ASP A 1 42  ? 1.640   -9.567  16.823  1.00 20.29 ? 47   ASP A N   1 
ATOM   315  C CA  . ASP A 1 42  ? 2.767   -8.623  16.869  1.00 19.83 ? 47   ASP A CA  1 
ATOM   316  C C   . ASP A 1 42  ? 3.808   -8.894  15.778  1.00 18.73 ? 47   ASP A C   1 
ATOM   317  O O   . ASP A 1 42  ? 4.741   -9.702  15.955  1.00 18.75 ? 47   ASP A O   1 
ATOM   318  C CB  . ASP A 1 42  ? 3.427   -8.612  18.260  1.00 20.31 ? 47   ASP A CB  1 
ATOM   319  C CG  . ASP A 1 42  ? 4.572   -7.606  18.365  1.00 21.99 ? 47   ASP A CG  1 
ATOM   320  O OD1 . ASP A 1 42  ? 4.780   -6.802  17.428  1.00 21.76 ? 47   ASP A OD1 1 
ATOM   321  O OD2 . ASP A 1 42  ? 5.285   -7.624  19.392  1.00 24.07 ? 47   ASP A OD2 1 
ATOM   322  N N   . ASP A 1 43  ? 3.659   -8.185  14.664  1.00 17.27 ? 48   ASP A N   1 
ATOM   323  C CA  . ASP A 1 43  ? 4.547   -8.330  13.513  1.00 16.46 ? 48   ASP A CA  1 
ATOM   324  C C   . ASP A 1 43  ? 5.519   -7.152  13.358  1.00 16.25 ? 48   ASP A C   1 
ATOM   325  O O   . ASP A 1 43  ? 6.106   -6.954  12.291  1.00 15.72 ? 48   ASP A O   1 
ATOM   326  C CB  . ASP A 1 43  ? 3.730   -8.536  12.220  1.00 16.24 ? 48   ASP A CB  1 
ATOM   327  C CG  . ASP A 1 43  ? 2.707   -7.420  11.979  1.00 15.94 ? 48   ASP A CG  1 
ATOM   328  O OD1 . ASP A 1 43  ? 2.050   -6.966  12.946  1.00 14.86 ? 48   ASP A OD1 1 
ATOM   329  O OD2 . ASP A 1 43  ? 2.555   -7.009  10.809  1.00 15.13 ? 48   ASP A OD2 1 
ATOM   330  N N   . ARG A 1 44  ? 5.716   -6.383  14.432  1.00 16.19 ? 49   ARG A N   1 
ATOM   331  C CA  . ARG A 1 44  ? 6.646   -5.254  14.359  1.00 16.76 ? 49   ARG A CA  1 
ATOM   332  C C   . ARG A 1 44  ? 8.013   -5.684  13.829  1.00 17.40 ? 49   ARG A C   1 
ATOM   333  O O   . ARG A 1 44  ? 8.583   -6.681  14.298  1.00 18.16 ? 49   ARG A O   1 
ATOM   334  C CB  . ARG A 1 44  ? 6.817   -4.577  15.711  1.00 16.60 ? 49   ARG A CB  1 
ATOM   335  C CG  . ARG A 1 44  ? 5.650   -3.719  16.121  1.00 15.84 ? 49   ARG A CG  1 
ATOM   336  C CD  . ARG A 1 44  ? 5.857   -3.186  17.529  1.00 18.05 ? 49   ARG A CD  1 
ATOM   337  N NE  . ARG A 1 44  ? 5.705   -4.246  18.536  1.00 19.70 ? 49   ARG A NE  1 
ATOM   338  C CZ  . ARG A 1 44  ? 5.826   -4.045  19.845  1.00 20.82 ? 49   ARG A CZ  1 
ATOM   339  N NH1 . ARG A 1 44  ? 6.078   -2.812  20.316  1.00 21.99 ? 49   ARG A NH1 1 
ATOM   340  N NH2 . ARG A 1 44  ? 5.670   -5.059  20.676  1.00 21.66 ? 49   ARG A NH2 1 
ATOM   341  N N   . GLY A 1 45  ? 8.521   -4.936  12.855  1.00 18.44 ? 50   GLY A N   1 
ATOM   342  C CA  . GLY A 1 45  ? 9.861   -5.138  12.305  1.00 19.17 ? 50   GLY A CA  1 
ATOM   343  C C   . GLY A 1 45  ? 9.927   -6.003  11.053  1.00 19.38 ? 50   GLY A C   1 
ATOM   344  O O   . GLY A 1 45  ? 10.945  -6.002  10.339  1.00 20.80 ? 50   GLY A O   1 
ATOM   345  N N   . TRP A 1 46  ? 8.862   -6.758  10.788  1.00 18.13 ? 51   TRP A N   1 
ATOM   346  C CA  . TRP A 1 46  ? 8.841   -7.691  9.649   1.00 16.96 ? 51   TRP A CA  1 
ATOM   347  C C   . TRP A 1 46  ? 7.505   -7.807  8.887   1.00 15.79 ? 51   TRP A C   1 
ATOM   348  O O   . TRP A 1 46  ? 7.483   -8.347  7.782   1.00 16.10 ? 51   TRP A O   1 
ATOM   349  C CB  . TRP A 1 46  ? 9.292   -9.106  10.089  1.00 16.36 ? 51   TRP A CB  1 
ATOM   350  C CG  . TRP A 1 46  ? 8.414   -9.708  11.156  1.00 17.22 ? 51   TRP A CG  1 
ATOM   351  C CD1 . TRP A 1 46  ? 8.544   -9.558  12.512  1.00 16.69 ? 51   TRP A CD1 1 
ATOM   352  C CD2 . TRP A 1 46  ? 7.271   -10.525 10.949  1.00 15.97 ? 51   TRP A CD2 1 
ATOM   353  N NE1 . TRP A 1 46  ? 7.549   -10.246 13.161  1.00 17.49 ? 51   TRP A NE1 1 
ATOM   354  C CE2 . TRP A 1 46  ? 6.747   -10.849 12.223  1.00 17.96 ? 51   TRP A CE2 1 
ATOM   355  C CE3 . TRP A 1 46  ? 6.621   -11.006 9.803   1.00 16.18 ? 51   TRP A CE3 1 
ATOM   356  C CZ2 . TRP A 1 46  ? 5.603   -11.648 12.384  1.00 17.21 ? 51   TRP A CZ2 1 
ATOM   357  C CZ3 . TRP A 1 46  ? 5.497   -11.809 9.963   1.00 16.40 ? 51   TRP A CZ3 1 
ATOM   358  C CH2 . TRP A 1 46  ? 4.990   -12.116 11.245  1.00 17.00 ? 51   TRP A CH2 1 
ATOM   359  N N   . GLY A 1 47  ? 6.397   -7.335  9.472   1.00 14.89 ? 52   GLY A N   1 
ATOM   360  C CA  . GLY A 1 47  ? 5.075   -7.618  8.888   1.00 13.41 ? 52   GLY A CA  1 
ATOM   361  C C   . GLY A 1 47  ? 4.493   -6.604  7.918   1.00 13.15 ? 52   GLY A C   1 
ATOM   362  O O   . GLY A 1 47  ? 3.405   -6.831  7.371   1.00 12.30 ? 52   GLY A O   1 
ATOM   363  N N   . CYS A 1 48  ? 5.190   -5.491  7.663   1.00 13.16 ? 53   CYS A N   1 
ATOM   364  C CA  . CYS A 1 48  ? 4.534   -4.398  6.931   1.00 13.00 ? 53   CYS A CA  1 
ATOM   365  C C   . CYS A 1 48  ? 4.092   -4.703  5.491   1.00 12.93 ? 53   CYS A C   1 
ATOM   366  O O   . CYS A 1 48  ? 3.095   -4.137  5.034   1.00 12.37 ? 53   CYS A O   1 
ATOM   367  C CB  . CYS A 1 48  ? 5.336   -3.091  6.999   1.00 14.43 ? 53   CYS A CB  1 
ATOM   368  S SG  . CYS A 1 48  ? 6.938   -3.124  6.179   1.00 16.65 ? 53   CYS A SG  1 
ATOM   369  N N   . GLY A 1 49  ? 4.810   -5.594  4.802   1.00 12.30 ? 54   GLY A N   1 
ATOM   370  C CA  . GLY A 1 49  ? 4.394   -6.020  3.463   1.00 11.91 ? 54   GLY A CA  1 
ATOM   371  C C   . GLY A 1 49  ? 3.056   -6.745  3.518   1.00 11.96 ? 54   GLY A C   1 
ATOM   372  O O   . GLY A 1 49  ? 2.208   -6.589  2.631   1.00 12.12 ? 54   GLY A O   1 
ATOM   373  N N   . TYR A 1 50  ? 2.883   -7.574  4.545   1.00 10.79 ? 55   TYR A N   1 
ATOM   374  C CA  . TYR A 1 50  ? 1.600   -8.254  4.732   1.00 10.58 ? 55   TYR A CA  1 
ATOM   375  C C   . TYR A 1 50  ? 0.496   -7.257  5.013   1.00 10.76 ? 55   TYR A C   1 
ATOM   376  O O   . TYR A 1 50  ? -0.637  -7.435  4.559   1.00 11.09 ? 55   TYR A O   1 
ATOM   377  C CB  . TYR A 1 50  ? 1.642   -9.240  5.906   1.00 10.14 ? 55   TYR A CB  1 
ATOM   378  C CG  . TYR A 1 50  ? 2.710   -10.317 5.836   1.00 11.87 ? 55   TYR A CG  1 
ATOM   379  C CD1 . TYR A 1 50  ? 2.426   -11.564 5.297   1.00 10.42 ? 55   TYR A CD1 1 
ATOM   380  C CD2 . TYR A 1 50  ? 4.002   -10.091 6.351   1.00 12.21 ? 55   TYR A CD2 1 
ATOM   381  C CE1 . TYR A 1 50  ? 3.413   -12.572 5.247   1.00 12.21 ? 55   TYR A CE1 1 
ATOM   382  C CE2 . TYR A 1 50  ? 4.987   -11.101 6.320   1.00 12.65 ? 55   TYR A CE2 1 
ATOM   383  C CZ  . TYR A 1 50  ? 4.682   -12.331 5.770   1.00 11.83 ? 55   TYR A CZ  1 
ATOM   384  O OH  . TYR A 1 50  ? 5.642   -13.341 5.744   1.00 13.27 ? 55   TYR A OH  1 
ATOM   385  N N   . ARG A 1 51  ? 0.813   -6.223  5.800   1.00 10.78 ? 56   ARG A N   1 
ATOM   386  C CA  . ARG A 1 51  ? -0.207  -5.232  6.179   1.00 10.47 ? 56   ARG A CA  1 
ATOM   387  C C   . ARG A 1 51  ? -0.647  -4.427  4.967   1.00 10.58 ? 56   ARG A C   1 
ATOM   388  O O   . ARG A 1 51  ? -1.844  -4.204  4.763   1.00 10.19 ? 56   ARG A O   1 
ATOM   389  C CB  . ARG A 1 51  ? 0.335   -4.320  7.287   1.00 11.10 ? 56   ARG A CB  1 
ATOM   390  C CG  . ARG A 1 51  ? 0.713   -5.078  8.571   1.00 9.73  ? 56   ARG A CG  1 
ATOM   391  C CD  . ARG A 1 51  ? -0.449  -5.970  9.052   1.00 10.98 ? 56   ARG A CD  1 
ATOM   392  N NE  . ARG A 1 51  ? -0.140  -6.639  10.323  1.00 11.30 ? 56   ARG A NE  1 
ATOM   393  C CZ  . ARG A 1 51  ? -1.015  -7.368  11.016  1.00 12.07 ? 56   ARG A CZ  1 
ATOM   394  N NH1 . ARG A 1 51  ? -2.249  -7.543  10.541  1.00 13.49 ? 56   ARG A NH1 1 
ATOM   395  N NH2 . ARG A 1 51  ? -0.642  -7.950  12.163  1.00 13.36 ? 56   ARG A NH2 1 
ATOM   396  N N   . THR A 1 52  ? 0.314   -4.000  4.146   1.00 10.65 ? 57   THR A N   1 
ATOM   397  C CA  . THR A 1 52  ? -0.053  -3.296  2.917   1.00 10.67 ? 57   THR A CA  1 
ATOM   398  C C   . THR A 1 52  ? -0.905  -4.211  2.031   1.00 10.63 ? 57   THR A C   1 
ATOM   399  O O   . THR A 1 52  ? -1.910  -3.784  1.476   1.00 10.51 ? 57   THR A O   1 
ATOM   400  C CB  . THR A 1 52  ? 1.204   -2.759  2.197   1.00 10.78 ? 57   THR A CB  1 
ATOM   401  O OG1 . THR A 1 52  ? 1.792   -1.775  3.053   1.00 11.36 ? 57   THR A OG1 1 
ATOM   402  C CG2 . THR A 1 52  ? 0.849   -2.082  0.862   1.00 12.81 ? 57   THR A CG2 1 
ATOM   403  N N   . LEU A 1 53  ? -0.509  -5.481  1.931   1.00 9.70  ? 58   LEU A N   1 
ATOM   404  C CA  . LEU A 1 53  ? -1.263  -6.450  1.123   1.00 10.09 ? 58   LEU A CA  1 
ATOM   405  C C   . LEU A 1 53  ? -2.702  -6.603  1.636   1.00 10.21 ? 58   LEU A C   1 
ATOM   406  O O   . LEU A 1 53  ? -3.650  -6.651  0.854   1.00 10.44 ? 58   LEU A O   1 
ATOM   407  C CB  . LEU A 1 53  ? -0.549  -7.799  1.167   1.00 9.72  ? 58   LEU A CB  1 
ATOM   408  C CG  . LEU A 1 53  ? -1.283  -8.999  0.567   1.00 10.91 ? 58   LEU A CG  1 
ATOM   409  C CD1 . LEU A 1 53  ? -1.715  -8.754  -0.882  1.00 12.30 ? 58   LEU A CD1 1 
ATOM   410  C CD2 . LEU A 1 53  ? -0.387  -10.243 0.710   1.00 11.64 ? 58   LEU A CD2 1 
ATOM   411  N N   . GLN A 1 54  ? -2.862  -6.676  2.958   1.00 10.03 ? 59   GLN A N   1 
ATOM   412  C CA  . GLN A 1 54  ? -4.210  -6.739  3.532   1.00 10.01 ? 59   GLN A CA  1 
ATOM   413  C C   . GLN A 1 54  ? -5.038  -5.518  3.154   1.00 9.46  ? 59   GLN A C   1 
ATOM   414  O O   . GLN A 1 54  ? -6.221  -5.628  2.826   1.00 10.18 ? 59   GLN A O   1 
ATOM   415  C CB  . GLN A 1 54  ? -4.142  -6.897  5.042   1.00 9.37  ? 59   GLN A CB  1 
ATOM   416  C CG  . GLN A 1 54  ? -3.665  -8.272  5.485   1.00 10.15 ? 59   GLN A CG  1 
ATOM   417  C CD  . GLN A 1 54  ? -3.528  -8.361  6.997   1.00 9.61  ? 59   GLN A CD  1 
ATOM   418  O OE1 . GLN A 1 54  ? -2.888  -7.517  7.626   1.00 12.08 ? 59   GLN A OE1 1 
ATOM   419  N NE2 . GLN A 1 54  ? -4.129  -9.392  7.595   1.00 13.33 ? 59   GLN A NE2 1 
ATOM   420  N N   . THR A 1 55  ? -4.429  -4.338  3.194   1.00 10.21 ? 60   THR A N   1 
ATOM   421  C CA  . THR A 1 55  ? -5.132  -3.136  2.714   1.00 10.83 ? 60   THR A CA  1 
ATOM   422  C C   . THR A 1 55  ? -5.608  -3.293  1.233   1.00 11.59 ? 60   THR A C   1 
ATOM   423  O O   . THR A 1 55  ? -6.747  -2.956  0.893   1.00 12.17 ? 60   THR A O   1 
ATOM   424  C CB  . THR A 1 55  ? -4.259  -1.863  2.938   1.00 10.67 ? 60   THR A CB  1 
ATOM   425  O OG1 . THR A 1 55  ? -4.288  -1.505  4.329   1.00 12.10 ? 60   THR A OG1 1 
ATOM   426  C CG2 . THR A 1 55  ? -4.774  -0.683  2.154   1.00 12.19 ? 60   THR A CG2 1 
ATOM   427  N N   . LEU A 1 56  ? -4.733  -3.802  0.368   1.00 11.79 ? 61   LEU A N   1 
ATOM   428  C CA  . LEU A 1 56  ? -5.099  -4.059  -1.035  1.00 12.49 ? 61   LEU A CA  1 
ATOM   429  C C   . LEU A 1 56  ? -6.270  -5.033  -1.117  1.00 12.58 ? 61   LEU A C   1 
ATOM   430  O O   . LEU A 1 56  ? -7.192  -4.838  -1.913  1.00 12.93 ? 61   LEU A O   1 
ATOM   431  C CB  . LEU A 1 56  ? -3.895  -4.601  -1.823  1.00 13.57 ? 61   LEU A CB  1 
ATOM   432  C CG  . LEU A 1 56  ? -2.915  -3.584  -2.462  1.00 14.30 ? 61   LEU A CG  1 
ATOM   433  C CD1 . LEU A 1 56  ? -2.408  -2.495  -1.544  1.00 15.55 ? 61   LEU A CD1 1 
ATOM   434  C CD2 . LEU A 1 56  ? -1.728  -4.376  -3.122  1.00 14.85 ? 61   LEU A CD2 1 
ATOM   435  N N   . CYS A 1 57  ? -6.231  -6.075  -0.297  1.00 12.39 ? 62   CYS A N   1 
ATOM   436  C CA  . CYS A 1 57  ? -7.292  -7.081  -0.271  1.00 13.28 ? 62   CYS A CA  1 
ATOM   437  C C   . CYS A 1 57  ? -8.626  -6.499  0.177   1.00 13.27 ? 62   CYS A C   1 
ATOM   438  O O   . CYS A 1 57  ? -9.699  -7.044  -0.163  1.00 15.21 ? 62   CYS A O   1 
ATOM   439  C CB  . CYS A 1 57  ? -6.913  -8.199  0.687   1.00 12.42 ? 62   CYS A CB  1 
ATOM   440  S SG  . CYS A 1 57  ? -5.626  -9.306  0.055   1.00 17.39 ? 62   CYS A SG  1 
ATOM   441  N N   . SER A 1 58  ? -8.568  -5.427  0.968   1.00 12.31 ? 63   SER A N   1 
ATOM   442  C CA  . SER A 1 58  ? -9.780  -4.790  1.509   1.00 12.35 ? 63   SER A CA  1 
ATOM   443  C C   . SER A 1 58  ? -10.522 -3.931  0.472   1.00 12.64 ? 63   SER A C   1 
ATOM   444  O O   . SER A 1 58  ? -11.639 -3.494  0.717   1.00 14.23 ? 63   SER A O   1 
ATOM   445  C CB  . SER A 1 58  ? -9.458  -3.958  2.748   1.00 12.06 ? 63   SER A CB  1 
ATOM   446  O OG  . SER A 1 58  ? -8.866  -2.715  2.411   1.00 12.95 ? 63   SER A OG  1 
ATOM   447  N N   . TRP A 1 59  ? -9.880  -3.676  -0.661  1.00 12.43 ? 64   TRP A N   1 
ATOM   448  C CA  . TRP A 1 59  ? -10.396 -2.785  -1.701  1.00 13.23 ? 64   TRP A CA  1 
ATOM   449  C C   . TRP A 1 59  ? -11.059 -3.625  -2.805  1.00 14.28 ? 64   TRP A C   1 
ATOM   450  O O   . TRP A 1 59  ? -10.569 -4.706  -3.123  1.00 15.17 ? 64   TRP A O   1 
ATOM   451  C CB  . TRP A 1 59  ? -9.220  -1.965  -2.255  1.00 13.73 ? 64   TRP A CB  1 
ATOM   452  C CG  . TRP A 1 59  ? -9.596  -1.041  -3.383  1.00 13.24 ? 64   TRP A CG  1 
ATOM   453  C CD1 . TRP A 1 59  ? -10.015 0.263   -3.291  1.00 13.25 ? 64   TRP A CD1 1 
ATOM   454  C CD2 . TRP A 1 59  ? -9.595  -1.368  -4.771  1.00 13.12 ? 64   TRP A CD2 1 
ATOM   455  N NE1 . TRP A 1 59  ? -10.266 0.762   -4.543  1.00 14.20 ? 64   TRP A NE1 1 
ATOM   456  C CE2 . TRP A 1 59  ? -10.036 -0.224  -5.470  1.00 12.76 ? 64   TRP A CE2 1 
ATOM   457  C CE3 . TRP A 1 59  ? -9.278  -2.529  -5.494  1.00 12.97 ? 64   TRP A CE3 1 
ATOM   458  C CZ2 . TRP A 1 59  ? -10.145 -0.198  -6.857  1.00 14.17 ? 64   TRP A CZ2 1 
ATOM   459  C CZ3 . TRP A 1 59  ? -9.378  -2.501  -6.876  1.00 13.97 ? 64   TRP A CZ3 1 
ATOM   460  C CH2 . TRP A 1 59  ? -9.797  -1.333  -7.547  1.00 13.97 ? 64   TRP A CH2 1 
ATOM   461  N N   . PRO A 1 60  ? -12.152 -3.116  -3.423  1.00 14.44 ? 65   PRO A N   1 
ATOM   462  C CA  . PRO A 1 60  ? -12.794 -1.802  -3.269  1.00 14.83 ? 65   PRO A CA  1 
ATOM   463  C C   . PRO A 1 60  ? -13.957 -1.688  -2.277  1.00 15.39 ? 65   PRO A C   1 
ATOM   464  O O   . PRO A 1 60  ? -14.538 -0.597  -2.129  1.00 16.05 ? 65   PRO A O   1 
ATOM   465  C CB  . PRO A 1 60  ? -13.306 -1.534  -4.681  1.00 15.34 ? 65   PRO A CB  1 
ATOM   466  C CG  . PRO A 1 60  ? -13.696 -2.882  -5.165  1.00 15.17 ? 65   PRO A CG  1 
ATOM   467  C CD  . PRO A 1 60  ? -12.773 -3.881  -4.528  1.00 15.49 ? 65   PRO A CD  1 
ATOM   468  N N   . GLY A 1 61  ? -14.300 -2.787  -1.607  1.00 15.80 ? 66   GLY A N   1 
ATOM   469  C CA  . GLY A 1 61  ? -15.439 -2.774  -0.679  1.00 16.46 ? 66   GLY A CA  1 
ATOM   470  C C   . GLY A 1 61  ? -15.219 -2.136  0.678   1.00 17.04 ? 66   GLY A C   1 
ATOM   471  O O   . GLY A 1 61  ? -16.184 -1.771  1.364   1.00 18.11 ? 66   GLY A O   1 
ATOM   472  N N   . GLY A 1 62  ? -13.951 -2.021  1.082   1.00 16.36 ? 67   GLY A N   1 
ATOM   473  C CA  . GLY A 1 62  ? -13.593 -1.516  2.393   1.00 16.58 ? 67   GLY A CA  1 
ATOM   474  C C   . GLY A 1 62  ? -14.087 -2.476  3.447   1.00 17.44 ? 67   GLY A C   1 
ATOM   475  O O   . GLY A 1 62  ? -14.624 -2.064  4.471   1.00 17.14 ? 67   GLY A O   1 
ATOM   476  N N   . GLN A 1 63  ? -13.902 -3.759  3.175   1.00 18.44 ? 68   GLN A N   1 
ATOM   477  C CA  . GLN A 1 63  ? -14.394 -4.830  4.036   1.00 20.46 ? 68   GLN A CA  1 
ATOM   478  C C   . GLN A 1 63  ? -13.265 -5.735  4.513   1.00 19.87 ? 68   GLN A C   1 
ATOM   479  O O   . GLN A 1 63  ? -12.341 -6.001  3.769   1.00 19.80 ? 68   GLN A O   1 
ATOM   480  C CB  . GLN A 1 63  ? -15.428 -5.660  3.274   1.00 22.63 ? 68   GLN A CB  1 
ATOM   481  C CG  . GLN A 1 63  ? -16.696 -4.878  3.011   1.00 30.09 ? 68   GLN A CG  1 
ATOM   482  C CD  . GLN A 1 63  ? -17.626 -5.564  2.047   1.00 32.37 ? 68   GLN A CD  1 
ATOM   483  O OE1 . GLN A 1 63  ? -17.211 -6.399  1.238   1.00 42.98 ? 68   GLN A OE1 1 
ATOM   484  N NE2 . GLN A 1 63  ? -18.900 -5.207  2.113   1.00 43.30 ? 68   GLN A NE2 1 
ATOM   485  N N   . SER A 1 64  ? -13.350 -6.209  5.749   1.00 19.54 ? 69   SER A N   1 
ATOM   486  C CA  . SER A 1 64  ? -12.297 -7.050  6.287   1.00 20.10 ? 69   SER A CA  1 
ATOM   487  C C   . SER A 1 64  ? -12.673 -8.529  6.203   1.00 20.68 ? 69   SER A C   1 
ATOM   488  O O   . SER A 1 64  ? -11.810 -9.392  6.299   1.00 19.54 ? 69   SER A O   1 
ATOM   489  C CB  . SER A 1 64  ? -11.942 -6.636  7.729   1.00 20.56 ? 69   SER A CB  1 
ATOM   490  O OG  . SER A 1 64  ? -13.089 -6.621  8.575   1.00 23.08 ? 69   SER A OG  1 
ATOM   491  N N   . SER A 1 65  ? -13.957 -8.823  5.988   1.00 21.82 ? 70   SER A N   1 
ATOM   492  C CA  . SER A 1 65  ? -14.421 -10.206 6.176   1.00 23.50 ? 70   SER A CA  1 
ATOM   493  C C   . SER A 1 65  ? -13.688 -11.302 5.369   1.00 23.82 ? 70   SER A C   1 
ATOM   494  O O   . SER A 1 65  ? -13.445 -12.408 5.908   1.00 25.33 ? 70   SER A O   1 
ATOM   495  C CB  . SER A 1 65  ? -15.945 -10.303 6.018   1.00 24.05 ? 70   SER A CB  1 
ATOM   496  O OG  . SER A 1 65  ? -16.368 -9.708  4.819   1.00 26.02 ? 70   SER A OG  1 
ATOM   497  N N   . GLY A 1 66  ? -13.338 -11.021 4.114   1.00 22.13 ? 71   GLY A N   1 
ATOM   498  C CA  . GLY A 1 66  ? -12.558 -11.970 3.305   1.00 20.62 ? 71   GLY A CA  1 
ATOM   499  C C   . GLY A 1 66  ? -11.046 -11.736 3.215   1.00 19.41 ? 71   GLY A C   1 
ATOM   500  O O   . GLY A 1 66  ? -10.364 -12.349 2.370   1.00 19.84 ? 71   GLY A O   1 
ATOM   501  N N   . VAL A 1 67  ? -10.518 -10.859 4.064   1.00 17.16 ? 72   VAL A N   1 
ATOM   502  C CA  . VAL A 1 67  ? -9.085  -10.533 4.029   1.00 15.73 ? 72   VAL A CA  1 
ATOM   503  C C   . VAL A 1 67  ? -8.327  -11.550 4.899   1.00 15.11 ? 72   VAL A C   1 
ATOM   504  O O   . VAL A 1 67  ? -8.601  -11.662 6.111   1.00 14.42 ? 72   VAL A O   1 
ATOM   505  C CB  . VAL A 1 67  ? -8.813  -9.090  4.537   1.00 15.62 ? 72   VAL A CB  1 
ATOM   506  C CG1 . VAL A 1 67  ? -7.300  -8.798  4.576   1.00 14.05 ? 72   VAL A CG1 1 
ATOM   507  C CG2 . VAL A 1 67  ? -9.523  -8.040  3.676   1.00 15.05 ? 72   VAL A CG2 1 
ATOM   508  N N   . PRO A 1 68  ? -7.379  -12.302 4.293   1.00 14.91 ? 73   PRO A N   1 
ATOM   509  C CA  . PRO A 1 68  ? -6.648  -13.293 5.079   1.00 14.49 ? 73   PRO A CA  1 
ATOM   510  C C   . PRO A 1 68  ? -5.747  -12.673 6.129   1.00 14.09 ? 73   PRO A C   1 
ATOM   511  O O   . PRO A 1 68  ? -5.223  -11.582 5.912   1.00 12.92 ? 73   PRO A O   1 
ATOM   512  C CB  . PRO A 1 68  ? -5.792  -14.046 4.039   1.00 14.62 ? 73   PRO A CB  1 
ATOM   513  C CG  . PRO A 1 68  ? -5.883  -13.291 2.773   1.00 16.51 ? 73   PRO A CG  1 
ATOM   514  C CD  . PRO A 1 68  ? -6.982  -12.273 2.873   1.00 14.91 ? 73   PRO A CD  1 
ATOM   515  N N   . GLY A 1 69  ? -5.580  -13.369 7.254   1.00 13.91 ? 74   GLY A N   1 
ATOM   516  C CA  . GLY A 1 69  ? -4.553  -13.011 8.229   1.00 14.30 ? 74   GLY A CA  1 
ATOM   517  C C   . GLY A 1 69  ? -3.150  -13.366 7.774   1.00 13.27 ? 74   GLY A C   1 
ATOM   518  O O   . GLY A 1 69  ? -2.956  -14.035 6.748   1.00 13.92 ? 74   GLY A O   1 
ATOM   519  N N   . LEU A 1 70  ? -2.164  -12.888 8.526   1.00 13.09 ? 75   LEU A N   1 
ATOM   520  C CA  . LEU A 1 70  ? -0.754  -13.147 8.201   1.00 12.73 ? 75   LEU A CA  1 
ATOM   521  C C   . LEU A 1 70  ? -0.437  -14.651 8.125   1.00 12.63 ? 75   LEU A C   1 
ATOM   522  O O   . LEU A 1 70  ? 0.201   -15.100 7.161   1.00 12.18 ? 75   LEU A O   1 
ATOM   523  C CB  . LEU A 1 70  ? 0.195   -12.433 9.178   1.00 13.35 ? 75   LEU A CB  1 
ATOM   524  C CG  . LEU A 1 70  ? 0.585   -11.006 8.772   1.00 14.32 ? 75   LEU A CG  1 
ATOM   525  C CD1 . LEU A 1 70  ? -0.680  -10.124 8.661   1.00 15.37 ? 75   LEU A CD1 1 
ATOM   526  C CD2 . LEU A 1 70  ? 1.597   -10.404 9.730   1.00 14.36 ? 75   LEU A CD2 1 
ATOM   527  N N   . PRO A 1 71  ? -0.900  -15.455 9.107   1.00 13.00 ? 76   PRO A N   1 
ATOM   528  C CA  . PRO A 1 71  ? -0.621  -16.891 8.978   1.00 13.12 ? 76   PRO A CA  1 
ATOM   529  C C   . PRO A 1 71  ? -1.178  -17.523 7.693   1.00 13.25 ? 76   PRO A C   1 
ATOM   530  O O   . PRO A 1 71  ? -0.477  -18.303 7.027   1.00 13.28 ? 76   PRO A O   1 
ATOM   531  C CB  . PRO A 1 71  ? -1.273  -17.488 10.238  1.00 13.58 ? 76   PRO A CB  1 
ATOM   532  C CG  . PRO A 1 71  ? -1.210  -16.331 11.244  1.00 12.89 ? 76   PRO A CG  1 
ATOM   533  C CD  . PRO A 1 71  ? -1.599  -15.149 10.374  1.00 13.44 ? 76   PRO A CD  1 
ATOM   534  N N   . ALA A 1 72  ? -2.407  -17.169 7.334   1.00 13.13 ? 77   ALA A N   1 
ATOM   535  C CA  . ALA A 1 72  ? -3.027  -17.648 6.094   1.00 12.85 ? 77   ALA A CA  1 
ATOM   536  C C   . ALA A 1 72  ? -2.238  -17.206 4.856   1.00 12.57 ? 77   ALA A C   1 
ATOM   537  O O   . ALA A 1 72  ? -2.052  -18.002 3.912   1.00 13.16 ? 77   ALA A O   1 
ATOM   538  C CB  . ALA A 1 72  ? -4.482  -17.165 6.012   1.00 13.06 ? 77   ALA A CB  1 
ATOM   539  N N   . LEU A 1 73  ? -1.781  -15.949 4.856   1.00 11.89 ? 78   LEU A N   1 
ATOM   540  C CA  . LEU A 1 73  ? -0.889  -15.458 3.796   1.00 12.92 ? 78   LEU A CA  1 
ATOM   541  C C   . LEU A 1 73  ? 0.395   -16.280 3.671   1.00 12.90 ? 78   LEU A C   1 
ATOM   542  O O   . LEU A 1 73  ? 0.772   -16.702 2.577   1.00 13.67 ? 78   LEU A O   1 
ATOM   543  C CB  . LEU A 1 73  ? -0.542  -13.994 4.038   1.00 12.92 ? 78   LEU A CB  1 
ATOM   544  C CG  . LEU A 1 73  ? -1.310  -12.831 3.394   1.00 17.03 ? 78   LEU A CG  1 
ATOM   545  C CD1 . LEU A 1 73  ? -2.497  -13.134 2.492   1.00 18.28 ? 78   LEU A CD1 1 
ATOM   546  C CD2 . LEU A 1 73  ? -1.510  -11.634 4.367   1.00 13.07 ? 78   LEU A CD2 1 
ATOM   547  N N   . GLN A 1 74  ? 1.076   -16.500 4.792   1.00 12.98 ? 79   GLN A N   1 
ATOM   548  C CA  . GLN A 1 74  ? 2.280   -17.347 4.804   1.00 13.40 ? 79   GLN A CA  1 
ATOM   549  C C   . GLN A 1 74  ? 1.999   -18.776 4.356   1.00 13.81 ? 79   GLN A C   1 
ATOM   550  O O   . GLN A 1 74  ? 2.774   -19.363 3.583   1.00 13.76 ? 79   GLN A O   1 
ATOM   551  C CB  . GLN A 1 74  ? 2.896   -17.363 6.186   1.00 13.20 ? 79   GLN A CB  1 
ATOM   552  C CG  . GLN A 1 74  ? 3.423   -15.991 6.636   1.00 12.91 ? 79   GLN A CG  1 
ATOM   553  C CD  . GLN A 1 74  ? 4.018   -16.043 8.025   1.00 12.96 ? 79   GLN A CD  1 
ATOM   554  O OE1 . GLN A 1 74  ? 3.499   -16.737 8.906   1.00 14.94 ? 79   GLN A OE1 1 
ATOM   555  N NE2 . GLN A 1 74  ? 5.097   -15.278 8.246   1.00 14.48 ? 79   GLN A NE2 1 
ATOM   556  N N   . GLY A 1 75  ? 0.881   -19.332 4.820   1.00 14.20 ? 80   GLY A N   1 
ATOM   557  C CA  . GLY A 1 75  ? 0.478   -20.681 4.432   1.00 14.61 ? 80   GLY A CA  1 
ATOM   558  C C   . GLY A 1 75  ? 0.232   -20.811 2.938   1.00 15.30 ? 80   GLY A C   1 
ATOM   559  O O   . GLY A 1 75  ? 0.626   -21.824 2.328   1.00 15.89 ? 80   GLY A O   1 
ATOM   560  N N   . ALA A 1 76  ? -0.392  -19.789 2.346   1.00 14.34 ? 81   ALA A N   1 
ATOM   561  C CA  . ALA A 1 76  ? -0.627  -19.755 0.888   1.00 15.44 ? 81   ALA A CA  1 
ATOM   562  C C   . ALA A 1 76  ? 0.693   -19.810 0.109   1.00 16.11 ? 81   ALA A C   1 
ATOM   563  O O   . ALA A 1 76  ? 0.815   -20.549 -0.879  1.00 16.31 ? 81   ALA A O   1 
ATOM   564  C CB  . ALA A 1 76  ? -1.416  -18.510 0.514   1.00 15.49 ? 81   ALA A CB  1 
ATOM   565  N N   . LEU A 1 77  ? 1.685   -19.050 0.568   1.00 15.59 ? 82   LEU A N   1 
ATOM   566  C CA  . LEU A 1 77  ? 2.981   -19.008 -0.103  1.00 16.99 ? 82   LEU A CA  1 
ATOM   567  C C   . LEU A 1 77  ? 3.679   -20.363 -0.005  1.00 18.41 ? 82   LEU A C   1 
ATOM   568  O O   . LEU A 1 77  ? 4.301   -20.819 -0.969  1.00 18.70 ? 82   LEU A O   1 
ATOM   569  C CB  . LEU A 1 77  ? 3.848   -17.888 0.479   1.00 16.76 ? 82   LEU A CB  1 
ATOM   570  C CG  . LEU A 1 77  ? 3.311   -16.504 0.072   1.00 16.88 ? 82   LEU A CG  1 
ATOM   571  C CD1 . LEU A 1 77  ? 3.896   -15.389 0.953   1.00 17.18 ? 82   LEU A CD1 1 
ATOM   572  C CD2 . LEU A 1 77  ? 3.597   -16.251 -1.416  1.00 16.07 ? 82   LEU A CD2 1 
ATOM   573  N N   . GLU A 1 78  ? 3.540   -21.022 1.145   1.00 19.87 ? 83   GLU A N   1 
ATOM   574  C CA  . GLU A 1 78  ? 4.019   -22.410 1.300   1.00 21.72 ? 83   GLU A CA  1 
ATOM   575  C C   . GLU A 1 78  ? 3.336   -23.377 0.344   1.00 22.86 ? 83   GLU A C   1 
ATOM   576  O O   . GLU A 1 78  ? 4.016   -24.170 -0.336  1.00 22.89 ? 83   GLU A O   1 
ATOM   577  C CB  . GLU A 1 78  ? 3.753   -22.906 2.712   1.00 22.90 ? 83   GLU A CB  1 
ATOM   578  C CG  . GLU A 1 78  ? 4.716   -22.448 3.747   1.00 25.74 ? 83   GLU A CG  1 
ATOM   579  C CD  . GLU A 1 78  ? 4.645   -23.342 4.976   1.00 25.61 ? 83   GLU A CD  1 
ATOM   580  O OE1 . GLU A 1 78  ? 5.226   -22.997 6.018   1.00 27.42 ? 83   GLU A OE1 1 
ATOM   581  O OE2 . GLU A 1 78  ? 3.994   -24.406 4.893   1.00 32.38 ? 83   GLU A OE2 1 
ATOM   582  N N   . ALA A 1 79  ? 2.002   -23.308 0.296   1.00 23.05 ? 84   ALA A N   1 
ATOM   583  C CA  . ALA A 1 79  ? 1.184   -24.197 -0.534  1.00 24.09 ? 84   ALA A CA  1 
ATOM   584  C C   . ALA A 1 79  ? 1.481   -24.050 -2.023  1.00 24.03 ? 84   ALA A C   1 
ATOM   585  O O   . ALA A 1 79  ? 1.440   -25.032 -2.774  1.00 25.24 ? 84   ALA A O   1 
ATOM   586  C CB  . ALA A 1 79  ? -0.290  -23.947 -0.287  1.00 23.96 ? 84   ALA A CB  1 
ATOM   587  N N   . MET A 1 80  ? 1.768   -22.818 -2.444  1.00 23.27 ? 85   MET A N   1 
ATOM   588  C CA  . MET A 1 80  ? 2.038   -22.520 -3.843  1.00 21.82 ? 85   MET A CA  1 
ATOM   589  C C   . MET A 1 80  ? 3.469   -22.906 -4.213  1.00 23.40 ? 85   MET A C   1 
ATOM   590  O O   . MET A 1 80  ? 3.813   -22.912 -5.397  1.00 24.84 ? 85   MET A O   1 
ATOM   591  C CB  . MET A 1 80  ? 1.788   -21.030 -4.149  1.00 21.87 ? 85   MET A CB  1 
ATOM   592  C CG  . MET A 1 80  ? 0.285   -20.601 -4.276  1.00 19.38 ? 85   MET A CG  1 
ATOM   593  S SD  . MET A 1 80  ? -0.043  -18.860 -4.684  1.00 15.86 ? 85   MET A SD  1 
ATOM   594  C CE  . MET A 1 80  ? 0.524   -18.007 -3.223  1.00 20.90 ? 85   MET A CE  1 
ATOM   595  N N   . GLY A 1 81  ? 4.295   -23.212 -3.206  1.00 23.39 ? 86   GLY A N   1 
ATOM   596  C CA  . GLY A 1 81  ? 5.696   -23.576 -3.402  1.00 23.94 ? 86   GLY A CA  1 
ATOM   597  C C   . GLY A 1 81  ? 6.642   -22.395 -3.515  1.00 23.95 ? 86   GLY A C   1 
ATOM   598  O O   . GLY A 1 81  ? 7.826   -22.563 -3.841  1.00 24.71 ? 86   GLY A O   1 
ATOM   599  N N   . ASP A 1 82  ? 6.138   -21.198 -3.221  1.00 23.45 ? 87   ASP A N   1 
ATOM   600  C CA  . ASP A 1 82  ? 6.959   -19.981 -3.298  1.00 23.87 ? 87   ASP A CA  1 
ATOM   601  C C   . ASP A 1 82  ? 7.879   -19.767 -2.118  1.00 23.99 ? 87   ASP A C   1 
ATOM   602  O O   . ASP A 1 82  ? 8.840   -18.974 -2.192  1.00 24.08 ? 87   ASP A O   1 
ATOM   603  C CB  . ASP A 1 82  ? 6.062   -18.778 -3.503  1.00 24.01 ? 87   ASP A CB  1 
ATOM   604  C CG  . ASP A 1 82  ? 5.328   -18.866 -4.784  1.00 25.61 ? 87   ASP A CG  1 
ATOM   605  O OD1 . ASP A 1 82  ? 6.000   -18.978 -5.843  1.00 27.39 ? 87   ASP A OD1 1 
ATOM   606  O OD2 . ASP A 1 82  ? 4.086   -18.876 -4.738  1.00 28.22 ? 87   ASP A OD2 1 
ATOM   607  N N   . LYS A 1 83  ? 7.573   -20.466 -1.028  1.00 24.13 ? 88   LYS A N   1 
ATOM   608  C CA  . LYS A 1 83  ? 8.356   -20.400 0.185   1.00 24.87 ? 88   LYS A CA  1 
ATOM   609  C C   . LYS A 1 83  ? 8.490   -21.811 0.736   1.00 26.07 ? 88   LYS A C   1 
ATOM   610  O O   . LYS A 1 83  ? 7.586   -22.631 0.563   1.00 25.59 ? 88   LYS A O   1 
ATOM   611  C CB  . LYS A 1 83  ? 7.684   -19.478 1.214   1.00 24.12 ? 88   LYS A CB  1 
ATOM   612  C CG  . LYS A 1 83  ? 7.595   -18.020 0.793   1.00 22.94 ? 88   LYS A CG  1 
ATOM   613  C CD  . LYS A 1 83  ? 8.948   -17.329 0.706   1.00 22.53 ? 88   LYS A CD  1 
ATOM   614  C CE  . LYS A 1 83  ? 8.769   -15.902 0.208   1.00 23.41 ? 88   LYS A CE  1 
ATOM   615  N NZ  . LYS A 1 83  ? 10.073  -15.210 0.105   1.00 25.83 ? 88   LYS A NZ  1 
ATOM   616  N N   . PRO A 1 84  ? 9.615   -22.093 1.400   1.00 28.02 ? 89   PRO A N   1 
ATOM   617  C CA  . PRO A 1 84  ? 9.816   -23.445 1.910   1.00 29.42 ? 89   PRO A CA  1 
ATOM   618  C C   . PRO A 1 84  ? 8.928   -23.761 3.115   1.00 30.34 ? 89   PRO A C   1 
ATOM   619  O O   . PRO A 1 84  ? 8.377   -22.841 3.737   1.00 30.44 ? 89   PRO A O   1 
ATOM   620  C CB  . PRO A 1 84  ? 11.302  -23.464 2.292   1.00 29.14 ? 89   PRO A CB  1 
ATOM   621  C CG  . PRO A 1 84  ? 11.709  -22.049 2.450   1.00 29.46 ? 89   PRO A CG  1 
ATOM   622  C CD  . PRO A 1 84  ? 10.745  -21.192 1.699   1.00 28.01 ? 89   PRO A CD  1 
ATOM   623  N N   . PRO A 1 85  ? 8.762   -25.059 3.434   1.00 31.02 ? 90   PRO A N   1 
ATOM   624  C CA  . PRO A 1 85  ? 8.106   -25.453 4.674   1.00 30.71 ? 90   PRO A CA  1 
ATOM   625  C C   . PRO A 1 85  ? 8.729   -24.747 5.881   1.00 29.52 ? 90   PRO A C   1 
ATOM   626  O O   . PRO A 1 85  ? 9.953   -24.558 5.938   1.00 29.66 ? 90   PRO A O   1 
ATOM   627  C CB  . PRO A 1 85  ? 8.361   -26.964 4.736   1.00 30.94 ? 90   PRO A CB  1 
ATOM   628  C CG  . PRO A 1 85  ? 8.469   -27.370 3.318   1.00 31.58 ? 90   PRO A CG  1 
ATOM   629  C CD  . PRO A 1 85  ? 9.167   -26.234 2.634   1.00 31.63 ? 90   PRO A CD  1 
ATOM   630  N N   . GLY A 1 86  ? 7.881   -24.329 6.817   1.00 27.59 ? 91   GLY A N   1 
ATOM   631  C CA  . GLY A 1 86  ? 8.317   -23.544 7.967   1.00 25.13 ? 91   GLY A CA  1 
ATOM   632  C C   . GLY A 1 86  ? 8.074   -22.046 7.803   1.00 23.43 ? 91   GLY A C   1 
ATOM   633  O O   . GLY A 1 86  ? 8.181   -21.284 8.765   1.00 23.12 ? 91   GLY A O   1 
ATOM   634  N N   . PHE A 1 87  ? 7.740   -21.612 6.588   1.00 21.10 ? 92   PHE A N   1 
ATOM   635  C CA  . PHE A 1 87  ? 7.508   -20.185 6.351   1.00 19.69 ? 92   PHE A CA  1 
ATOM   636  C C   . PHE A 1 87  ? 6.312   -19.694 7.169   1.00 19.19 ? 92   PHE A C   1 
ATOM   637  O O   . PHE A 1 87  ? 6.331   -18.589 7.708   1.00 19.47 ? 92   PHE A O   1 
ATOM   638  C CB  . PHE A 1 87  ? 7.271   -19.909 4.865   1.00 18.55 ? 92   PHE A CB  1 
ATOM   639  C CG  . PHE A 1 87  ? 7.284   -18.446 4.515   1.00 18.09 ? 92   PHE A CG  1 
ATOM   640  C CD1 . PHE A 1 87  ? 8.487   -17.754 4.421   1.00 18.33 ? 92   PHE A CD1 1 
ATOM   641  C CD2 . PHE A 1 87  ? 6.089   -17.763 4.291   1.00 17.20 ? 92   PHE A CD2 1 
ATOM   642  C CE1 . PHE A 1 87  ? 8.512   -16.382 4.092   1.00 17.48 ? 92   PHE A CE1 1 
ATOM   643  C CE2 . PHE A 1 87  ? 6.098   -16.403 3.969   1.00 15.82 ? 92   PHE A CE2 1 
ATOM   644  C CZ  . PHE A 1 87  ? 7.307   -15.710 3.873   1.00 16.93 ? 92   PHE A CZ  1 
ATOM   645  N N   . ARG A 1 88  ? 5.283   -20.524 7.270   1.00 18.72 ? 93   ARG A N   1 
ATOM   646  C CA  . ARG A 1 88  ? 4.134   -20.205 8.109   1.00 18.62 ? 93   ARG A CA  1 
ATOM   647  C C   . ARG A 1 88  ? 4.547   -20.316 9.582   1.00 19.57 ? 93   ARG A C   1 
ATOM   648  O O   . ARG A 1 88  ? 4.998   -21.388 10.042  1.00 20.55 ? 93   ARG A O   1 
ATOM   649  C CB  . ARG A 1 88  ? 2.961   -21.133 7.792   1.00 18.72 ? 93   ARG A CB  1 
ATOM   650  C CG  . ARG A 1 88  ? 1.782   -20.904 8.698   1.00 19.15 ? 93   ARG A CG  1 
ATOM   651  C CD  . ARG A 1 88  ? 0.608   -21.798 8.368   1.00 21.39 ? 93   ARG A CD  1 
ATOM   652  N NE  . ARG A 1 88  ? -0.545  -21.281 9.067   1.00 21.89 ? 93   ARG A NE  1 
ATOM   653  C CZ  . ARG A 1 88  ? -1.753  -21.145 8.543   1.00 20.32 ? 93   ARG A CZ  1 
ATOM   654  N NH1 . ARG A 1 88  ? -2.011  -21.516 7.285   1.00 20.87 ? 93   ARG A NH1 1 
ATOM   655  N NH2 . ARG A 1 88  ? -2.705  -20.632 9.288   1.00 21.40 ? 93   ARG A NH2 1 
ATOM   656  N N   . GLY A 1 89  ? 4.363   -19.220 10.307  1.00 19.80 ? 94   GLY A N   1 
ATOM   657  C CA  . GLY A 1 89  ? 4.891   -19.078 11.660  1.00 20.25 ? 94   GLY A CA  1 
ATOM   658  C C   . GLY A 1 89  ? 6.221   -18.365 11.726  1.00 20.64 ? 94   GLY A C   1 
ATOM   659  O O   . GLY A 1 89  ? 6.691   -18.036 12.819  1.00 21.05 ? 94   GLY A O   1 
ATOM   660  N N   . SER A 1 90  ? 6.846   -18.113 10.576  1.00 20.48 ? 95   SER A N   1 
ATOM   661  C CA  . SER A 1 90  ? 8.136   -17.418 10.555  1.00 20.29 ? 95   SER A CA  1 
ATOM   662  C C   . SER A 1 90  ? 7.934   -15.901 10.693  1.00 20.54 ? 95   SER A C   1 
ATOM   663  O O   . SER A 1 90  ? 6.804   -15.413 10.623  1.00 20.46 ? 95   SER A O   1 
ATOM   664  C CB  . SER A 1 90  ? 8.902   -17.727 9.267   1.00 20.36 ? 95   SER A CB  1 
ATOM   665  O OG  . SER A 1 90  ? 8.382   -16.975 8.174   1.00 19.79 ? 95   SER A OG  1 
ATOM   666  N N   . ARG A 1 91  ? 9.036   -15.168 10.874  1.00 20.81 ? 96   ARG A N   1 
ATOM   667  C CA  . ARG A 1 91  ? 9.008   -13.697 10.931  1.00 21.28 ? 96   ARG A CA  1 
ATOM   668  C C   . ARG A 1 91  ? 9.667   -13.092 9.689   1.00 20.71 ? 96   ARG A C   1 
ATOM   669  O O   . ARG A 1 91  ? 10.343  -12.054 9.742   1.00 20.77 ? 96   ARG A O   1 
ATOM   670  C CB  . ARG A 1 91  ? 9.662   -13.175 12.225  1.00 22.66 ? 96   ARG A CB  1 
ATOM   671  C CG  . ARG A 1 91  ? 8.860   -13.485 13.481  1.00 26.04 ? 96   ARG A CG  1 
ATOM   672  C CD  . ARG A 1 91  ? 9.737   -13.364 14.710  1.00 32.73 ? 96   ARG A CD  1 
ATOM   673  N NE  . ARG A 1 91  ? 8.990   -13.651 15.930  1.00 42.79 ? 96   ARG A NE  1 
ATOM   674  C CZ  . ARG A 1 91  ? 9.510   -14.209 17.020  1.00 41.63 ? 96   ARG A CZ  1 
ATOM   675  N NH1 . ARG A 1 91  ? 10.796  -14.550 17.059  1.00 47.30 ? 96   ARG A NH1 1 
ATOM   676  N NH2 . ARG A 1 91  ? 8.737   -14.425 18.080  1.00 47.05 ? 96   ARG A NH2 1 
ATOM   677  N N   . ASN A 1 92  ? 9.440   -13.749 8.560   1.00 19.50 ? 97   ASN A N   1 
ATOM   678  C CA  . ASN A 1 92  ? 10.037  -13.345 7.311   1.00 20.06 ? 97   ASN A CA  1 
ATOM   679  C C   . ASN A 1 92  ? 9.199   -12.286 6.646   1.00 20.14 ? 97   ASN A C   1 
ATOM   680  O O   . ASN A 1 92  ? 7.980   -12.393 6.619   1.00 19.62 ? 97   ASN A O   1 
ATOM   681  C CB  . ASN A 1 92  ? 10.152  -14.531 6.376   1.00 20.29 ? 97   ASN A CB  1 
ATOM   682  C CG  . ASN A 1 92  ? 11.335  -15.404 6.708   1.00 22.68 ? 97   ASN A CG  1 
ATOM   683  O OD1 . ASN A 1 92  ? 12.465  -14.937 6.684   1.00 25.47 ? 97   ASN A OD1 1 
ATOM   684  N ND2 . ASN A 1 92  ? 11.082  -16.671 7.030   1.00 24.55 ? 97   ASN A ND2 1 
ATOM   685  N N   . TRP A 1 93  ? 9.860   -11.284 6.089   1.00 19.97 ? 98   TRP A N   1 
ATOM   686  C CA  . TRP A 1 93  ? 9.122   -10.257 5.363   1.00 20.19 ? 98   TRP A CA  1 
ATOM   687  C C   . TRP A 1 93  ? 8.674   -10.710 3.965   1.00 18.64 ? 98   TRP A C   1 
ATOM   688  O O   . TRP A 1 93  ? 9.190   -11.699 3.400   1.00 18.31 ? 98   TRP A O   1 
ATOM   689  C CB  . TRP A 1 93  ? 9.920   -8.959  5.306   1.00 31.11 ? 98   TRP A CB  1 
ATOM   690  C CG  . TRP A 1 93  ? 11.158  -9.008  4.530   1.00 33.24 ? 98   TRP A CG  1 
ATOM   691  C CD1 . TRP A 1 93  ? 12.387  -9.413  4.968   1.00 44.56 ? 98   TRP A CD1 1 
ATOM   692  C CD2 . TRP A 1 93  ? 11.336  -8.574  3.175   1.00 27.69 ? 98   TRP A CD2 1 
ATOM   693  N NE1 . TRP A 1 93  ? 13.318  -9.285  3.960   1.00 39.59 ? 98   TRP A NE1 1 
ATOM   694  C CE2 . TRP A 1 93  ? 12.700  -8.774  2.848   1.00 32.50 ? 98   TRP A CE2 1 
ATOM   695  C CE3 . TRP A 1 93  ? 10.477  -8.042  2.203   1.00 43.81 ? 98   TRP A CE3 1 
ATOM   696  C CZ2 . TRP A 1 93  ? 13.222  -8.468  1.581   1.00 34.93 ? 98   TRP A CZ2 1 
ATOM   697  C CZ3 . TRP A 1 93  ? 10.999  -7.740  0.940   1.00 27.08 ? 98   TRP A CZ3 1 
ATOM   698  C CH2 . TRP A 1 93  ? 12.360  -7.952  0.649   1.00 26.84 ? 98   TRP A CH2 1 
ATOM   699  N N   . ILE A 1 94  ? 7.668   -10.024 3.429   1.00 16.53 ? 99   ILE A N   1 
ATOM   700  C CA  . ILE A 1 94  ? 7.291   -10.223 2.031   1.00 15.09 ? 99   ILE A CA  1 
ATOM   701  C C   . ILE A 1 94  ? 7.228   -8.891  1.298   1.00 14.92 ? 99   ILE A C   1 
ATOM   702  O O   . ILE A 1 94  ? 7.186   -7.823  1.925   1.00 14.19 ? 99   ILE A O   1 
ATOM   703  C CB  . ILE A 1 94  ? 5.933   -10.979 1.868   1.00 14.20 ? 99   ILE A CB  1 
ATOM   704  C CG1 . ILE A 1 94  ? 4.763   -10.158 2.433   1.00 14.76 ? 99   ILE A CG1 1 
ATOM   705  C CG2 . ILE A 1 94  ? 6.022   -12.414 2.435   1.00 15.27 ? 99   ILE A CG2 1 
ATOM   706  C CD1 . ILE A 1 94  ? 3.381   -10.640 1.904   1.00 15.42 ? 99   ILE A CD1 1 
ATOM   707  N N   . GLY A 1 95  ? 7.235   -8.958  -0.030  1.00 14.84 ? 100  GLY A N   1 
ATOM   708  C CA  . GLY A 1 95  ? 7.102   -7.753  -0.851  1.00 15.60 ? 100  GLY A CA  1 
ATOM   709  C C   . GLY A 1 95  ? 6.127   -7.901  -1.994  1.00 15.63 ? 100  GLY A C   1 
ATOM   710  O O   . GLY A 1 95  ? 5.221   -8.726  -1.945  1.00 15.14 ? 100  GLY A O   1 
ATOM   711  N N   . CYS A 1 96  ? 6.321   -7.100  -3.044  1.00 16.07 ? 101  CYS A N   1 
ATOM   712  C CA  . CYS A 1 96  ? 5.361   -7.053  -4.145  1.00 17.07 ? 101  CYS A CA  1 
ATOM   713  C C   . CYS A 1 96  ? 5.180   -8.377  -4.875  1.00 17.12 ? 101  CYS A C   1 
ATOM   714  O O   . CYS A 1 96  ? 4.064   -8.713  -5.261  1.00 17.12 ? 101  CYS A O   1 
ATOM   715  C CB  . CYS A 1 96  ? 5.739   -5.953  -5.136  1.00 17.47 ? 101  CYS A CB  1 
ATOM   716  S SG  . CYS A 1 96  ? 5.602   -4.337  -4.416  1.00 22.77 ? 101  CYS A SG  1 
ATOM   717  N N   . VAL A 1 97  ? 6.277   -9.115  -5.079  1.00 17.06 ? 102  VAL A N   1 
ATOM   718  C CA  . VAL A 1 97  ? 6.194   -10.409 -5.759  1.00 18.16 ? 102  VAL A CA  1 
ATOM   719  C C   . VAL A 1 97  ? 5.230   -11.335 -5.016  1.00 17.86 ? 102  VAL A C   1 
ATOM   720  O O   . VAL A 1 97  ? 4.228   -11.792 -5.587  1.00 18.70 ? 102  VAL A O   1 
ATOM   721  C CB  . VAL A 1 97  ? 7.583   -11.069 -5.936  1.00 18.49 ? 102  VAL A CB  1 
ATOM   722  C CG1 . VAL A 1 97  ? 7.425   -12.516 -6.403  1.00 20.07 ? 102  VAL A CG1 1 
ATOM   723  C CG2 . VAL A 1 97  ? 8.418   -10.246 -6.921  1.00 20.86 ? 102  VAL A CG2 1 
ATOM   724  N N   . GLU A 1 98  ? 5.494   -11.549 -3.727  1.00 17.64 ? 103  GLU A N   1 
ATOM   725  C CA  . GLU A 1 98  ? 4.600   -12.385 -2.909  1.00 17.71 ? 103  GLU A CA  1 
ATOM   726  C C   . GLU A 1 98  ? 3.169   -11.845 -2.855  1.00 17.16 ? 103  GLU A C   1 
ATOM   727  O O   . GLU A 1 98  ? 2.206   -12.617 -2.910  1.00 16.74 ? 103  GLU A O   1 
ATOM   728  C CB  . GLU A 1 98  ? 5.154   -12.550 -1.491  1.00 18.30 ? 103  GLU A CB  1 
ATOM   729  C CG  . GLU A 1 98  ? 6.504   -13.268 -1.424  1.00 19.80 ? 103  GLU A CG  1 
ATOM   730  C CD  . GLU A 1 98  ? 7.703   -12.357 -1.577  1.00 21.52 ? 103  GLU A CD  1 
ATOM   731  O OE1 . GLU A 1 98  ? 8.834   -12.882 -1.507  1.00 25.82 ? 103  GLU A OE1 1 
ATOM   732  O OE2 . GLU A 1 98  ? 7.557   -11.128 -1.781  1.00 20.66 ? 103  GLU A OE2 1 
ATOM   733  N N   . ALA A 1 99  ? 3.022   -10.528 -2.725  1.00 16.90 ? 104  ALA A N   1 
ATOM   734  C CA  . ALA A 1 99  ? 1.694   -9.919  -2.700  1.00 17.04 ? 104  ALA A CA  1 
ATOM   735  C C   . ALA A 1 99  ? 0.875   -10.249 -3.946  1.00 17.53 ? 104  ALA A C   1 
ATOM   736  O O   . ALA A 1 99  ? -0.311  -10.612 -3.850  1.00 17.66 ? 104  ALA A O   1 
ATOM   737  C CB  . ALA A 1 99  ? 1.795   -8.392  -2.493  1.00 17.15 ? 104  ALA A CB  1 
ATOM   738  N N   . SER A 1 100 ? 1.506   -10.134 -5.119  1.00 17.15 ? 105  SER A N   1 
ATOM   739  C CA  . SER A 1 100 ? 0.836   -10.437 -6.389  1.00 18.35 ? 105  SER A CA  1 
ATOM   740  C C   . SER A 1 100 ? 0.389   -11.887 -6.447  1.00 18.25 ? 105  SER A C   1 
ATOM   741  O O   . SER A 1 100 ? -0.718  -12.171 -6.899  1.00 19.39 ? 105  SER A O   1 
ATOM   742  C CB  . SER A 1 100 ? 1.706   -10.064 -7.605  1.00 19.40 ? 105  SER A CB  1 
ATOM   743  O OG  . SER A 1 100 ? 2.886   -10.845 -7.708  1.00 23.02 ? 105  SER A OG  1 
ATOM   744  N N   . LEU A 1 101 ? 1.226   -12.794 -5.945  1.00 17.60 ? 106  LEU A N   1 
ATOM   745  C CA  . LEU A 1 101 ? 0.867   -14.222 -5.897  1.00 17.32 ? 106  LEU A CA  1 
ATOM   746  C C   . LEU A 1 101 ? -0.305  -14.489 -4.941  1.00 16.75 ? 106  LEU A C   1 
ATOM   747  O O   . LEU A 1 101 ? -1.221  -15.270 -5.255  1.00 16.70 ? 106  LEU A O   1 
ATOM   748  C CB  . LEU A 1 101 ? 2.092   -15.059 -5.536  1.00 18.14 ? 106  LEU A CB  1 
ATOM   749  C CG  . LEU A 1 101 ? 3.260   -15.000 -6.534  1.00 19.97 ? 106  LEU A CG  1 
ATOM   750  C CD1 . LEU A 1 101 ? 4.546   -15.586 -5.956  1.00 21.01 ? 106  LEU A CD1 1 
ATOM   751  C CD2 . LEU A 1 101 ? 2.881   -15.699 -7.826  1.00 22.66 ? 106  LEU A CD2 1 
ATOM   752  N N   . CYS A 1 102 ? -0.276  -13.847 -3.770  1.00 15.85 ? 107  CYS A N   1 
ATOM   753  C CA  . CYS A 1 102 ? -1.357  -14.006 -2.794  1.00 15.77 ? 107  CYS A CA  1 
ATOM   754  C C   . CYS A 1 102 ? -2.673  -13.388 -3.285  1.00 15.72 ? 107  CYS A C   1 
ATOM   755  O O   . CYS A 1 102 ? -3.732  -13.932 -3.052  1.00 14.96 ? 107  CYS A O   1 
ATOM   756  C CB  . CYS A 1 102 ? -0.977  -13.373 -1.460  1.00 16.07 ? 107  CYS A CB  1 
ATOM   757  S SG  . CYS A 1 102 ? 0.319   -14.245 -0.593  1.00 17.64 ? 107  CYS A SG  1 
ATOM   758  N N   . LEU A 1 103 ? -2.611  -12.253 -3.975  1.00 15.86 ? 108  LEU A N   1 
ATOM   759  C CA  . LEU A 1 103 ? -3.835  -11.676 -4.549  1.00 17.31 ? 108  LEU A CA  1 
ATOM   760  C C   . LEU A 1 103 ? -4.549  -12.675 -5.457  1.00 18.08 ? 108  LEU A C   1 
ATOM   761  O O   . LEU A 1 103 ? -5.775  -12.826 -5.389  1.00 18.60 ? 108  LEU A O   1 
ATOM   762  C CB  . LEU A 1 103 ? -3.508  -10.418 -5.345  1.00 17.82 ? 108  LEU A CB  1 
ATOM   763  C CG  . LEU A 1 103 ? -3.694  -8.985  -4.813  1.00 20.22 ? 108  LEU A CG  1 
ATOM   764  C CD1 . LEU A 1 103 ? -4.212  -8.772  -3.402  1.00 19.15 ? 108  LEU A CD1 1 
ATOM   765  C CD2 . LEU A 1 103 ? -2.584  -8.060  -5.253  1.00 18.61 ? 108  LEU A CD2 1 
ATOM   766  N N   . GLU A 1 104 ? -3.773  -13.364 -6.288  1.00 18.23 ? 109  GLU A N   1 
ATOM   767  C CA  . GLU A 1 104 ? -4.338  -14.362 -7.200  1.00 20.63 ? 109  GLU A CA  1 
ATOM   768  C C   . GLU A 1 104 ? -4.911  -15.555 -6.411  1.00 18.17 ? 109  GLU A C   1 
ATOM   769  O O   . GLU A 1 104 ? -6.029  -16.009 -6.662  1.00 18.15 ? 109  GLU A O   1 
ATOM   770  C CB  . GLU A 1 104 ? -3.258  -14.801 -8.185  1.00 20.48 ? 109  GLU A CB  1 
ATOM   771  C CG  . GLU A 1 104 ? -3.729  -15.723 -9.272  1.00 24.08 ? 109  GLU A CG  1 
ATOM   772  C CD  . GLU A 1 104 ? -2.589  -16.155 -10.183 1.00 31.81 ? 109  GLU A CD  1 
ATOM   773  O OE1 . GLU A 1 104 ? -2.901  -16.770 -11.235 1.00 33.47 ? 109  GLU A OE1 1 
ATOM   774  O OE2 . GLU A 1 104 ? -1.401  -15.895 -9.855  1.00 30.84 ? 109  GLU A OE2 1 
ATOM   775  N N   . HIS A 1 105 ? -4.164  -16.026 -5.422  1.00 17.07 ? 110  HIS A N   1 
ATOM   776  C CA  . HIS A 1 105 ? -4.586  -17.190 -4.621  1.00 16.59 ? 110  HIS A CA  1 
ATOM   777  C C   . HIS A 1 105 ? -5.910  -16.952 -3.899  1.00 16.64 ? 110  HIS A C   1 
ATOM   778  O O   . HIS A 1 105 ? -6.765  -17.835 -3.821  1.00 17.18 ? 110  HIS A O   1 
ATOM   779  C CB  . HIS A 1 105 ? -3.497  -17.500 -3.605  1.00 15.93 ? 110  HIS A CB  1 
ATOM   780  C CG  . HIS A 1 105 ? -3.683  -18.792 -2.880  1.00 15.05 ? 110  HIS A CG  1 
ATOM   781  N ND1 . HIS A 1 105 ? -4.226  -18.872 -1.617  1.00 15.55 ? 110  HIS A ND1 1 
ATOM   782  C CD2 . HIS A 1 105 ? -3.393  -20.061 -3.250  1.00 15.15 ? 110  HIS A CD2 1 
ATOM   783  C CE1 . HIS A 1 105 ? -4.234  -20.137 -1.223  1.00 12.86 ? 110  HIS A CE1 1 
ATOM   784  N NE2 . HIS A 1 105 ? -3.744  -20.876 -2.202  1.00 16.53 ? 110  HIS A NE2 1 
ATOM   785  N N   . PHE A 1 106 ? -6.085  -15.751 -3.367  1.00 16.50 ? 111  PHE A N   1 
ATOM   786  C CA  . PHE A 1 106 ? -7.272  -15.434 -2.563  1.00 16.62 ? 111  PHE A CA  1 
ATOM   787  C C   . PHE A 1 106 ? -8.387  -14.749 -3.359  1.00 18.05 ? 111  PHE A C   1 
ATOM   788  O O   . PHE A 1 106 ? -9.401  -14.339 -2.786  1.00 18.52 ? 111  PHE A O   1 
ATOM   789  C CB  . PHE A 1 106 ? -6.871  -14.582 -1.353  1.00 15.84 ? 111  PHE A CB  1 
ATOM   790  C CG  . PHE A 1 106 ? -6.091  -15.345 -0.319  1.00 15.06 ? 111  PHE A CG  1 
ATOM   791  C CD1 . PHE A 1 106 ? -4.705  -15.232 -0.248  1.00 14.60 ? 111  PHE A CD1 1 
ATOM   792  C CD2 . PHE A 1 106 ? -6.738  -16.213 0.549   1.00 15.58 ? 111  PHE A CD2 1 
ATOM   793  C CE1 . PHE A 1 106 ? -3.962  -15.949 0.686   1.00 15.19 ? 111  PHE A CE1 1 
ATOM   794  C CE2 . PHE A 1 106 ? -6.000  -16.948 1.487   1.00 15.17 ? 111  PHE A CE2 1 
ATOM   795  C CZ  . PHE A 1 106 ? -4.611  -16.797 1.567   1.00 16.03 ? 111  PHE A CZ  1 
ATOM   796  N N   . GLY A 1 107 ? -8.187  -14.606 -4.665  1.00 19.47 ? 112  GLY A N   1 
ATOM   797  C CA  . GLY A 1 107 ? -9.200  -14.029 -5.548  1.00 21.73 ? 112  GLY A CA  1 
ATOM   798  C C   . GLY A 1 107 ? -9.409  -12.544 -5.321  1.00 23.31 ? 112  GLY A C   1 
ATOM   799  O O   . GLY A 1 107 ? -10.501 -12.014 -5.583  1.00 25.49 ? 112  GLY A O   1 
ATOM   800  N N   . GLY A 1 108 ? -8.363  -11.872 -4.839  1.00 23.07 ? 113  GLY A N   1 
ATOM   801  C CA  . GLY A 1 108 ? -8.408  -10.432 -4.564  1.00 23.18 ? 113  GLY A CA  1 
ATOM   802  C C   . GLY A 1 108 ? -8.279  -9.655  -5.856  1.00 22.95 ? 113  GLY A C   1 
ATOM   803  O O   . GLY A 1 108 ? -8.259  -10.258 -6.959  1.00 22.99 ? 113  GLY A O   1 
ATOM   804  N N   . PRO A 1 109 ? -8.158  -8.306  -5.752  1.00 22.08 ? 114  PRO A N   1 
ATOM   805  C CA  . PRO A 1 109 ? -8.012  -7.567  -6.997  1.00 22.39 ? 114  PRO A CA  1 
ATOM   806  C C   . PRO A 1 109 ? -6.786  -8.048  -7.751  1.00 22.53 ? 114  PRO A C   1 
ATOM   807  O O   . PRO A 1 109 ? -5.870  -8.589  -7.151  1.00 22.53 ? 114  PRO A O   1 
ATOM   808  C CB  . PRO A 1 109 ? -7.827  -6.102  -6.562  1.00 21.92 ? 114  PRO A CB  1 
ATOM   809  C CG  . PRO A 1 109 ? -7.819  -6.077  -5.077  1.00 22.45 ? 114  PRO A CG  1 
ATOM   810  C CD  . PRO A 1 109 ? -8.148  -7.450  -4.551  1.00 22.07 ? 114  PRO A CD  1 
ATOM   811  N N   . GLN A 1 110 ? -6.777  -7.868  -9.057  1.00 23.43 ? 115  GLN A N   1 
ATOM   812  C CA  . GLN A 1 110 ? -5.640  -8.273  -9.877  1.00 25.00 ? 115  GLN A CA  1 
ATOM   813  C C   . GLN A 1 110 ? -4.421  -7.395  -9.560  1.00 24.49 ? 115  GLN A C   1 
ATOM   814  O O   . GLN A 1 110 ? -4.557  -6.183  -9.517  1.00 24.80 ? 115  GLN A O   1 
ATOM   815  C CB  . GLN A 1 110 ? -6.029  -8.145  -11.356 1.00 26.22 ? 115  GLN A CB  1 
ATOM   816  C CG  . GLN A 1 110 ? -4.981  -8.602  -12.352 1.00 33.69 ? 115  GLN A CG  1 
ATOM   817  C CD  . GLN A 1 110 ? -4.670  -10.083 -12.260 1.00 28.74 ? 115  GLN A CD  1 
ATOM   818  O OE1 . GLN A 1 110 ? -3.507  -10.472 -12.146 1.00 44.60 ? 115  GLN A OE1 1 
ATOM   819  N NE2 . GLN A 1 110 ? -5.711  -10.919 -12.298 1.00 45.77 ? 115  GLN A NE2 1 
ATOM   820  N N   . GLY A 1 111 ? -3.253  -8.016  -9.354  1.00 23.77 ? 116  GLY A N   1 
ATOM   821  C CA  . GLY A 1 111 ? -1.998  -7.325  -8.997  1.00 22.80 ? 116  GLY A CA  1 
ATOM   822  C C   . GLY A 1 111 ? -0.896  -7.348  -10.051 1.00 23.30 ? 116  GLY A C   1 
ATOM   823  O O   . GLY A 1 111 ? -0.172  -8.368  -10.216 1.00 24.66 ? 116  GLY A O   1 
ATOM   824  N N   . ARG A 1 112 ? -0.743  -6.216  -10.735 1.00 20.30 ? 117  ARG A N   1 
ATOM   825  C CA  . ARG A 1 112 ? 0.204   -6.069  -11.844 1.00 19.28 ? 117  ARG A CA  1 
ATOM   826  C C   . ARG A 1 112 ? 1.510   -5.433  -11.368 1.00 18.44 ? 117  ARG A C   1 
ATOM   827  O O   . ARG A 1 112 ? 1.507   -4.328  -10.811 1.00 17.02 ? 117  ARG A O   1 
ATOM   828  C CB  . ARG A 1 112 ? -0.424  -5.216  -12.941 1.00 19.63 ? 117  ARG A CB  1 
ATOM   829  C CG  . ARG A 1 112 ? 0.373   -5.178  -14.232 1.00 22.85 ? 117  ARG A CG  1 
ATOM   830  C CD  . ARG A 1 112 ? -0.307  -6.067  -15.223 1.00 27.59 ? 117  ARG A CD  1 
ATOM   831  N NE  . ARG A 1 112 ? 0.299   -6.059  -16.554 1.00 31.23 ? 117  ARG A NE  1 
ATOM   832  C CZ  . ARG A 1 112 ? 0.074   -7.022  -17.439 1.00 29.32 ? 117  ARG A CZ  1 
ATOM   833  N NH1 . ARG A 1 112 ? -0.707  -8.044  -17.095 1.00 33.69 ? 117  ARG A NH1 1 
ATOM   834  N NH2 . ARG A 1 112 ? 0.650   -6.994  -18.638 1.00 32.17 ? 117  ARG A NH2 1 
ATOM   835  N N   . LEU A 1 113 ? 2.614   -6.151  -11.573 1.00 17.87 ? 118  LEU A N   1 
ATOM   836  C CA  . LEU A 1 113 ? 3.919   -5.712  -11.093 1.00 18.87 ? 118  LEU A CA  1 
ATOM   837  C C   . LEU A 1 113 ? 4.583   -4.712  -12.025 1.00 19.84 ? 118  LEU A C   1 
ATOM   838  O O   . LEU A 1 113 ? 4.420   -4.770  -13.249 1.00 19.98 ? 118  LEU A O   1 
ATOM   839  C CB  . LEU A 1 113 ? 4.850   -6.907  -10.883 1.00 18.78 ? 118  LEU A CB  1 
ATOM   840  C CG  . LEU A 1 113 ? 4.470   -7.844  -9.735  1.00 19.20 ? 118  LEU A CG  1 
ATOM   841  C CD1 . LEU A 1 113 ? 5.319   -9.090  -9.744  1.00 20.83 ? 118  LEU A CD1 1 
ATOM   842  C CD2 . LEU A 1 113 ? 4.592   -7.091  -8.402  1.00 21.19 ? 118  LEU A CD2 1 
ATOM   843  N N   . CYS A 1 114 ? 5.360   -3.814  -11.431 1.00 21.39 ? 119  CYS A N   1 
ATOM   844  C CA  . CYS A 1 114 ? 6.112   -2.810  -12.169 1.00 22.04 ? 119  CYS A CA  1 
ATOM   845  C C   . CYS A 1 114 ? 7.417   -2.565  -11.411 1.00 22.83 ? 119  CYS A C   1 
ATOM   846  O O   . CYS A 1 114 ? 7.404   -2.409  -10.198 1.00 22.92 ? 119  CYS A O   1 
ATOM   847  C CB  . CYS A 1 114 ? 5.272   -1.540  -12.266 1.00 21.94 ? 119  CYS A CB  1 
ATOM   848  S SG  . CYS A 1 114 ? 6.056   -0.111  -13.003 1.00 24.74 ? 119  CYS A SG  1 
ATOM   849  N N   . HIS A 1 115 ? 8.548   -2.555  -12.121 1.00 23.63 ? 120  HIS A N   1 
ATOM   850  C CA  . HIS A 1 115 ? 9.830   -2.271  -11.490 1.00 24.62 ? 120  HIS A CA  1 
ATOM   851  C C   . HIS A 1 115 ? 10.286  -0.862  -11.850 1.00 24.81 ? 120  HIS A C   1 
ATOM   852  O O   . HIS A 1 115 ? 10.276  -0.495  -13.010 1.00 24.91 ? 120  HIS A O   1 
ATOM   853  C CB  . HIS A 1 115 ? 10.896  -3.294  -11.907 1.00 25.46 ? 120  HIS A CB  1 
ATOM   854  C CG  . HIS A 1 115 ? 12.219  -3.094  -11.230 1.00 27.98 ? 120  HIS A CG  1 
ATOM   855  N ND1 . HIS A 1 115 ? 13.302  -2.511  -11.858 1.00 31.06 ? 120  HIS A ND1 1 
ATOM   856  C CD2 . HIS A 1 115 ? 12.627  -3.383  -9.972  1.00 29.55 ? 120  HIS A CD2 1 
ATOM   857  C CE1 . HIS A 1 115 ? 14.318  -2.454  -11.016 1.00 30.10 ? 120  HIS A CE1 1 
ATOM   858  N NE2 . HIS A 1 115 ? 13.934  -2.975  -9.864  1.00 31.70 ? 120  HIS A NE2 1 
ATOM   859  N N   . LEU A 1 116 ? 10.641  -0.078  -10.840 1.00 25.34 ? 121  LEU A N   1 
ATOM   860  C CA  . LEU A 1 116 ? 11.243  1.242   -11.041 1.00 26.51 ? 121  LEU A CA  1 
ATOM   861  C C   . LEU A 1 116 ? 12.735  1.147   -10.756 1.00 26.97 ? 121  LEU A C   1 
ATOM   862  O O   . LEU A 1 116 ? 13.135  0.879   -9.629  1.00 27.21 ? 121  LEU A O   1 
ATOM   863  C CB  . LEU A 1 116 ? 10.665  2.276   -10.072 1.00 26.68 ? 121  LEU A CB  1 
ATOM   864  C CG  . LEU A 1 116 ? 9.182   2.601   -10.014 1.00 27.85 ? 121  LEU A CG  1 
ATOM   865  C CD1 . LEU A 1 116 ? 9.002   3.766   -9.049  1.00 30.63 ? 121  LEU A CD1 1 
ATOM   866  C CD2 . LEU A 1 116 ? 8.672   2.975   -11.382 1.00 28.78 ? 121  LEU A CD2 1 
ATOM   867  N N   . PRO A 1 117 ? 13.564  1.406   -11.766 1.00 27.92 ? 122  PRO A N   1 
ATOM   868  C CA  . PRO A 1 117 ? 15.001  1.431   -11.499 1.00 28.76 ? 122  PRO A CA  1 
ATOM   869  C C   . PRO A 1 117 ? 15.436  2.778   -10.915 1.00 29.76 ? 122  PRO A C   1 
ATOM   870  O O   . PRO A 1 117 ? 14.593  3.596   -10.540 1.00 29.42 ? 122  PRO A O   1 
ATOM   871  C CB  . PRO A 1 117 ? 15.603  1.217   -12.885 1.00 28.83 ? 122  PRO A CB  1 
ATOM   872  C CG  . PRO A 1 117 ? 14.613  1.851   -13.826 1.00 28.68 ? 122  PRO A CG  1 
ATOM   873  C CD  . PRO A 1 117 ? 13.242  1.691   -13.177 1.00 27.90 ? 122  PRO A CD  1 
ATOM   874  N N   . ARG A 1 118 ? 16.742  3.021   -10.854 1.00 30.76 ? 123  ARG A N   1 
ATOM   875  C CA  . ARG A 1 118 ? 17.226  4.351   -10.492 1.00 31.55 ? 123  ARG A CA  1 
ATOM   876  C C   . ARG A 1 118 ? 16.769  5.355   -11.548 1.00 31.74 ? 123  ARG A C   1 
ATOM   877  O O   . ARG A 1 118 ? 16.600  5.008   -12.726 1.00 31.76 ? 123  ARG A O   1 
ATOM   878  C CB  . ARG A 1 118 ? 18.749  4.347   -10.354 1.00 32.73 ? 123  ARG A CB  1 
ATOM   879  C CG  . ARG A 1 118 ? 19.283  3.423   -9.255  1.00 35.44 ? 123  ARG A CG  1 
ATOM   880  C CD  . ARG A 1 118 ? 20.769  3.712   -9.045  1.00 40.04 ? 123  ARG A CD  1 
ATOM   881  N NE  . ARG A 1 118 ? 21.433  2.804   -8.109  1.00 47.05 ? 123  ARG A NE  1 
ATOM   882  C CZ  . ARG A 1 118 ? 22.178  1.757   -8.467  1.00 41.87 ? 123  ARG A CZ  1 
ATOM   883  N NH1 . ARG A 1 118 ? 22.346  1.444   -9.747  1.00 50.99 ? 123  ARG A NH1 1 
ATOM   884  N NH2 . ARG A 1 118 ? 22.753  1.008   -7.541  1.00 50.29 ? 123  ARG A NH2 1 
ATOM   885  N N   . GLY A 1 119 ? 16.529  6.597   -11.134 1.00 31.47 ? 124  GLY A N   1 
ATOM   886  C CA  . GLY A 1 119 ? 16.043  7.605   -12.072 1.00 31.61 ? 124  GLY A CA  1 
ATOM   887  C C   . GLY A 1 119 ? 15.348  8.793   -11.436 1.00 31.64 ? 124  GLY A C   1 
ATOM   888  O O   . GLY A 1 119 ? 15.243  8.872   -10.227 1.00 31.38 ? 124  GLY A O   1 
ATOM   889  N N   . VAL A 1 120 ? 14.895  9.728   -12.278 1.00 32.49 ? 125  VAL A N   1 
ATOM   890  C CA  . VAL A 1 120 ? 14.177  10.925  -11.822 1.00 32.76 ? 125  VAL A CA  1 
ATOM   891  C C   . VAL A 1 120 ? 12.696  10.614  -11.551 1.00 33.11 ? 125  VAL A C   1 
ATOM   892  O O   . VAL A 1 120 ? 12.079  9.832   -12.274 1.00 32.97 ? 125  VAL A O   1 
ATOM   893  C CB  . VAL A 1 120 ? 14.285  12.126  -12.837 1.00 33.02 ? 125  VAL A CB  1 
ATOM   894  C CG1 . VAL A 1 120 ? 15.736  12.372  -13.262 1.00 32.44 ? 125  VAL A CG1 1 
ATOM   895  C CG2 . VAL A 1 120 ? 13.389  11.903  -14.068 1.00 33.10 ? 125  VAL A CG2 1 
ATOM   896  N N   . GLY A 1 121 ? 12.147  11.243  -10.514 1.00 33.43 ? 126  GLY A N   1 
ATOM   897  C CA  . GLY A 1 121 ? 10.727  11.132  -10.170 1.00 33.45 ? 126  GLY A CA  1 
ATOM   898  C C   . GLY A 1 121 ? 10.177  9.722   -10.002 1.00 33.51 ? 126  GLY A C   1 
ATOM   899  O O   . GLY A 1 121 ? 10.667  8.941   -9.177  1.00 33.10 ? 126  GLY A O   1 
ATOM   900  N N   . LEU A 1 122 ? 9.128   9.429   -10.773 1.00 33.05 ? 127  LEU A N   1 
ATOM   901  C CA  . LEU A 1 122 ? 8.543   8.095   -10.851 1.00 33.12 ? 127  LEU A CA  1 
ATOM   902  C C   . LEU A 1 122 ? 9.042   7.377   -12.097 1.00 32.96 ? 127  LEU A C   1 
ATOM   903  O O   . LEU A 1 122 ? 8.412   6.443   -12.577 1.00 32.26 ? 127  LEU A O   1 
ATOM   904  C CB  . LEU A 1 122 ? 7.010   8.161   -10.842 1.00 33.13 ? 127  LEU A CB  1 
ATOM   905  C CG  . LEU A 1 122 ? 6.344   8.300   -9.470  1.00 34.08 ? 127  LEU A CG  1 
ATOM   906  C CD1 . LEU A 1 122 ? 4.998   8.991   -9.606  1.00 33.04 ? 127  LEU A CD1 1 
ATOM   907  C CD2 . LEU A 1 122 ? 6.192   6.936   -8.810  1.00 34.28 ? 127  LEU A CD2 1 
ATOM   908  N N   . ARG A 1 123 ? 10.182  7.836   -12.617 1.00 33.43 ? 128  ARG A N   1 
ATOM   909  C CA  . ARG A 1 123 ? 10.876  7.155   -13.712 1.00 34.07 ? 128  ARG A CA  1 
ATOM   910  C C   . ARG A 1 123 ? 10.021  6.961   -14.972 1.00 34.62 ? 128  ARG A C   1 
ATOM   911  O O   . ARG A 1 123 ? 10.184  5.976   -15.688 1.00 35.29 ? 128  ARG A O   1 
ATOM   912  C CB  . ARG A 1 123 ? 11.424  5.801   -13.223 1.00 33.63 ? 128  ARG A CB  1 
ATOM   913  C CG  . ARG A 1 123 ? 12.608  5.871   -12.259 1.00 32.66 ? 128  ARG A CG  1 
ATOM   914  C CD  . ARG A 1 123 ? 12.238  6.282   -10.841 1.00 29.98 ? 128  ARG A CD  1 
ATOM   915  N NE  . ARG A 1 123 ? 13.181  5.734   -9.874  1.00 28.64 ? 128  ARG A NE  1 
ATOM   916  C CZ  . ARG A 1 123 ? 13.472  6.257   -8.683  1.00 26.40 ? 128  ARG A CZ  1 
ATOM   917  N NH1 . ARG A 1 123 ? 14.343  5.638   -7.906  1.00 26.18 ? 128  ARG A NH1 1 
ATOM   918  N NH2 . ARG A 1 123 ? 12.907  7.388   -8.265  1.00 27.11 ? 128  ARG A NH2 1 
ATOM   919  N N   . GLY A 1 124 ? 9.107   7.889   -15.238 1.00 34.74 ? 129  GLY A N   1 
ATOM   920  C CA  . GLY A 1 124 ? 8.254   7.795   -16.418 1.00 35.06 ? 129  GLY A CA  1 
ATOM   921  C C   . GLY A 1 124 ? 6.896   7.168   -16.169 1.00 34.82 ? 129  GLY A C   1 
ATOM   922  O O   . GLY A 1 124 ? 6.054   7.118   -17.078 1.00 35.84 ? 129  GLY A O   1 
ATOM   923  N N   . GLU A 1 125 ? 6.665   6.699   -14.945 1.00 33.19 ? 130  GLU A N   1 
ATOM   924  C CA  . GLU A 1 125 ? 5.406   6.029   -14.605 1.00 31.64 ? 130  GLU A CA  1 
ATOM   925  C C   . GLU A 1 125 ? 4.329   6.997   -14.104 1.00 30.15 ? 130  GLU A C   1 
ATOM   926  O O   . GLU A 1 125 ? 3.233   6.572   -13.739 1.00 28.80 ? 130  GLU A O   1 
ATOM   927  C CB  . GLU A 1 125 ? 5.635   4.899   -13.581 1.00 32.66 ? 130  GLU A CB  1 
ATOM   928  C CG  . GLU A 1 125 ? 6.657   3.830   -14.014 1.00 35.98 ? 130  GLU A CG  1 
ATOM   929  C CD  . GLU A 1 125 ? 6.129   2.859   -15.072 1.00 31.82 ? 130  GLU A CD  1 
ATOM   930  O OE1 . GLU A 1 125 ? 6.958   2.145   -15.687 1.00 41.29 ? 130  GLU A OE1 1 
ATOM   931  O OE2 . GLU A 1 125 ? 4.900   2.801   -15.298 1.00 40.40 ? 130  GLU A OE2 1 
ATOM   932  N N   . GLU A 1 126 ? 4.631   8.296   -14.095 1.00 28.85 ? 131  GLU A N   1 
ATOM   933  C CA  . GLU A 1 126 ? 3.648   9.312   -13.691 1.00 28.26 ? 131  GLU A CA  1 
ATOM   934  C C   . GLU A 1 126 ? 2.322   9.181   -14.437 1.00 27.46 ? 131  GLU A C   1 
ATOM   935  O O   . GLU A 1 126 ? 1.257   9.130   -13.813 1.00 26.52 ? 131  GLU A O   1 
ATOM   936  C CB  . GLU A 1 126 ? 4.207   10.739  -13.861 1.00 28.75 ? 131  GLU A CB  1 
ATOM   937  C CG  . GLU A 1 126 ? 5.368   11.097  -12.925 1.00 31.83 ? 131  GLU A CG  1 
ATOM   938  C CD  . GLU A 1 126 ? 6.741   10.664  -13.451 1.00 27.20 ? 131  GLU A CD  1 
ATOM   939  O OE1 . GLU A 1 126 ? 6.817   9.873   -14.417 1.00 36.14 ? 131  GLU A OE1 1 
ATOM   940  O OE2 . GLU A 1 126 ? 7.756   11.108  -12.887 1.00 35.32 ? 131  GLU A OE2 1 
ATOM   941  N N   . GLU A 1 127 ? 2.382   9.118   -15.768 1.00 26.75 ? 132  GLU A N   1 
ATOM   942  C CA  . GLU A 1 127 ? 1.164   9.038   -16.573 1.00 26.50 ? 132  GLU A CA  1 
ATOM   943  C C   . GLU A 1 127 ? 0.371   7.764   -16.313 1.00 25.57 ? 132  GLU A C   1 
ATOM   944  O O   . GLU A 1 127 ? -0.862  7.796   -16.265 1.00 25.38 ? 132  GLU A O   1 
ATOM   945  C CB  . GLU A 1 127 ? 1.488   9.164   -18.062 1.00 27.37 ? 132  GLU A CB  1 
ATOM   946  C CG  . GLU A 1 127 ? 1.878   10.580  -18.479 1.00 31.29 ? 132  GLU A CG  1 
ATOM   947  C CD  . GLU A 1 127 ? 0.721   11.571  -18.391 1.00 27.65 ? 132  GLU A CD  1 
ATOM   948  O OE1 . GLU A 1 127 ? 0.999   12.785  -18.331 1.00 40.24 ? 132  GLU A OE1 1 
ATOM   949  O OE2 . GLU A 1 127 ? -0.459  11.153  -18.383 1.00 37.49 ? 132  GLU A OE2 1 
ATOM   950  N N   . ARG A 1 128 ? 1.088   6.653   -16.153 1.00 24.86 ? 133  ARG A N   1 
ATOM   951  C CA  . ARG A 1 128 ? 0.477   5.373   -15.813 1.00 24.27 ? 133  ARG A CA  1 
ATOM   952  C C   . ARG A 1 128 ? -0.293  5.514   -14.504 1.00 22.93 ? 133  ARG A C   1 
ATOM   953  O O   . ARG A 1 128 ? -1.405  4.997   -14.385 1.00 22.03 ? 133  ARG A O   1 
ATOM   954  C CB  . ARG A 1 128 ? 1.547   4.281   -15.686 1.00 25.35 ? 133  ARG A CB  1 
ATOM   955  C CG  . ARG A 1 128 ? 1.098   3.028   -14.938 1.00 30.71 ? 133  ARG A CG  1 
ATOM   956  C CD  . ARG A 1 128 ? 0.999   1.813   -15.831 1.00 35.18 ? 133  ARG A CD  1 
ATOM   957  N NE  . ARG A 1 128 ? 2.279   1.114   -15.884 1.00 44.28 ? 133  ARG A NE  1 
ATOM   958  C CZ  . ARG A 1 128 ? 2.517   -0.097  -15.385 1.00 38.66 ? 133  ARG A CZ  1 
ATOM   959  N NH1 . ARG A 1 128 ? 3.729   -0.612  -15.491 1.00 46.05 ? 133  ARG A NH1 1 
ATOM   960  N NH2 . ARG A 1 128 ? 1.562   -0.803  -14.793 1.00 46.00 ? 133  ARG A NH2 1 
ATOM   961  N N   . LEU A 1 129 ? 0.289   6.227   -13.536 1.00 21.48 ? 134  LEU A N   1 
ATOM   962  C CA  . LEU A 1 129 ? -0.357  6.398   -12.222 1.00 20.69 ? 134  LEU A CA  1 
ATOM   963  C C   . LEU A 1 129 ? -1.619  7.270   -12.298 1.00 19.89 ? 134  LEU A C   1 
ATOM   964  O O   . LEU A 1 129 ? -2.652  6.924   -11.717 1.00 18.26 ? 134  LEU A O   1 
ATOM   965  C CB  . LEU A 1 129 ? 0.631   6.916   -11.173 1.00 20.65 ? 134  LEU A CB  1 
ATOM   966  C CG  . LEU A 1 129 ? 0.314   6.682   -9.697  1.00 22.99 ? 134  LEU A CG  1 
ATOM   967  C CD1 . LEU A 1 129 ? 0.043   5.185   -9.411  1.00 22.82 ? 134  LEU A CD1 1 
ATOM   968  C CD2 . LEU A 1 129 ? 1.490   7.183   -8.857  1.00 21.82 ? 134  LEU A CD2 1 
ATOM   969  N N   . TYR A 1 130 ? -1.553  8.389   -13.028 1.00 19.20 ? 135  TYR A N   1 
ATOM   970  C CA  . TYR A 1 130 ? -2.772  9.171   -13.298 1.00 19.73 ? 135  TYR A CA  1 
ATOM   971  C C   . TYR A 1 130 ? -3.868  8.350   -13.955 1.00 20.09 ? 135  TYR A C   1 
ATOM   972  O O   . TYR A 1 130 ? -5.013  8.400   -13.509 1.00 20.08 ? 135  TYR A O   1 
ATOM   973  C CB  . TYR A 1 130 ? -2.487  10.384  -14.186 1.00 20.13 ? 135  TYR A CB  1 
ATOM   974  C CG  . TYR A 1 130 ? -1.860  11.534  -13.462 1.00 19.87 ? 135  TYR A CG  1 
ATOM   975  C CD1 . TYR A 1 130 ? -2.570  12.268  -12.502 1.00 20.31 ? 135  TYR A CD1 1 
ATOM   976  C CD2 . TYR A 1 130 ? -0.552  11.891  -13.726 1.00 21.93 ? 135  TYR A CD2 1 
ATOM   977  C CE1 . TYR A 1 130 ? -1.968  13.331  -11.829 1.00 21.34 ? 135  TYR A CE1 1 
ATOM   978  C CE2 . TYR A 1 130 ? 0.049   12.953  -13.062 1.00 22.61 ? 135  TYR A CE2 1 
ATOM   979  C CZ  . TYR A 1 130 ? -0.659  13.667  -12.130 1.00 20.30 ? 135  TYR A CZ  1 
ATOM   980  O OH  . TYR A 1 130 ? -0.043  14.716  -11.476 1.00 21.24 ? 135  TYR A OH  1 
ATOM   981  N N   . SER A 1 131 ? -3.515  7.620   -15.018 1.00 20.61 ? 136  SER A N   1 
ATOM   982  C CA  . SER A 1 131 ? -4.478  6.806   -15.773 1.00 21.76 ? 136  SER A CA  1 
ATOM   983  C C   . SER A 1 131 ? -5.035  5.705   -14.896 1.00 21.31 ? 136  SER A C   1 
ATOM   984  O O   . SER A 1 131 ? -6.252  5.432   -14.891 1.00 21.66 ? 136  SER A O   1 
ATOM   985  C CB  . SER A 1 131 ? -3.819  6.183   -17.008 1.00 22.59 ? 136  SER A CB  1 
ATOM   986  O OG  . SER A 1 131 ? -3.450  7.172   -17.951 1.00 27.48 ? 136  SER A OG  1 
ATOM   987  N N   . HIS A 1 132 ? -4.135  5.095   -14.126 1.00 20.67 ? 137  HIS A N   1 
ATOM   988  C CA  . HIS A 1 132 ? -4.518  4.033   -13.201 1.00 19.81 ? 137  HIS A CA  1 
ATOM   989  C C   . HIS A 1 132 ? -5.661  4.483   -12.286 1.00 19.67 ? 137  HIS A C   1 
ATOM   990  O O   . HIS A 1 132 ? -6.706  3.827   -12.232 1.00 20.05 ? 137  HIS A O   1 
ATOM   991  C CB  . HIS A 1 132 ? -3.310  3.553   -12.397 1.00 19.24 ? 137  HIS A CB  1 
ATOM   992  C CG  . HIS A 1 132 ? -3.661  2.635   -11.261 1.00 17.67 ? 137  HIS A CG  1 
ATOM   993  N ND1 . HIS A 1 132 ? -3.981  1.306   -11.445 1.00 16.80 ? 137  HIS A ND1 1 
ATOM   994  C CD2 . HIS A 1 132 ? -3.717  2.856   -9.924  1.00 16.94 ? 137  HIS A CD2 1 
ATOM   995  C CE1 . HIS A 1 132 ? -4.233  0.753   -10.271 1.00 16.13 ? 137  HIS A CE1 1 
ATOM   996  N NE2 . HIS A 1 132 ? -4.066  1.668   -9.333  1.00 16.59 ? 137  HIS A NE2 1 
ATOM   997  N N   . PHE A 1 133 ? -5.485  5.596   -11.580 1.00 19.73 ? 138  PHE A N   1 
ATOM   998  C CA  . PHE A 1 133 ? -6.516  6.029   -10.639 1.00 19.91 ? 138  PHE A CA  1 
ATOM   999  C C   . PHE A 1 133 ? -7.772  6.518   -11.348 1.00 21.46 ? 138  PHE A C   1 
ATOM   1000 O O   . PHE A 1 133 ? -8.879  6.280   -10.893 1.00 21.61 ? 138  PHE A O   1 
ATOM   1001 C CB  . PHE A 1 133 ? -5.978  7.080   -9.676  1.00 19.71 ? 138  PHE A CB  1 
ATOM   1002 C CG  . PHE A 1 133 ? -4.998  6.513   -8.688  1.00 17.62 ? 138  PHE A CG  1 
ATOM   1003 C CD1 . PHE A 1 133 ? -5.364  5.430   -7.885  1.00 16.76 ? 138  PHE A CD1 1 
ATOM   1004 C CD2 . PHE A 1 133 ? -3.717  7.036   -8.568  1.00 17.42 ? 138  PHE A CD2 1 
ATOM   1005 C CE1 . PHE A 1 133 ? -4.452  4.882   -6.975  1.00 17.35 ? 138  PHE A CE1 1 
ATOM   1006 C CE2 . PHE A 1 133 ? -2.809  6.492   -7.657  1.00 16.53 ? 138  PHE A CE2 1 
ATOM   1007 C CZ  . PHE A 1 133 ? -3.184  5.430   -6.867  1.00 17.04 ? 138  PHE A CZ  1 
ATOM   1008 N N   . THR A 1 134 ? -7.571  7.188   -12.476 1.00 22.50 ? 139  THR A N   1 
ATOM   1009 C CA  . THR A 1 134 ? -8.674  7.727   -13.278 1.00 24.37 ? 139  THR A CA  1 
ATOM   1010 C C   . THR A 1 134 ? -9.591  6.650   -13.855 1.00 24.81 ? 139  THR A C   1 
ATOM   1011 O O   . THR A 1 134 ? -10.793 6.886   -14.029 1.00 26.16 ? 139  THR A O   1 
ATOM   1012 C CB  . THR A 1 134 ? -8.092  8.628   -14.386 1.00 24.40 ? 139  THR A CB  1 
ATOM   1013 O OG1 . THR A 1 134 ? -7.648  9.841   -13.774 1.00 26.72 ? 139  THR A OG1 1 
ATOM   1014 C CG2 . THR A 1 134 ? -9.111  8.940   -15.440 1.00 26.77 ? 139  THR A CG2 1 
ATOM   1015 N N   . THR A 1 135 ? -9.027  5.480   -14.147 1.00 24.75 ? 140  THR A N   1 
ATOM   1016 C CA  . THR A 1 135 ? -9.768  4.360   -14.742 1.00 24.78 ? 140  THR A CA  1 
ATOM   1017 C C   . THR A 1 135 ? -10.190 3.295   -13.722 1.00 24.30 ? 140  THR A C   1 
ATOM   1018 O O   . THR A 1 135 ? -10.382 2.117   -14.070 1.00 25.44 ? 140  THR A O   1 
ATOM   1019 C CB  . THR A 1 135 ? -8.975  3.704   -15.885 1.00 25.05 ? 140  THR A CB  1 
ATOM   1020 O OG1 . THR A 1 135 ? -7.778  3.108   -15.371 1.00 25.30 ? 140  THR A OG1 1 
ATOM   1021 C CG2 . THR A 1 135 ? -8.615  4.739   -16.976 1.00 25.62 ? 140  THR A CG2 1 
ATOM   1022 N N   . GLY A 1 136 ? -10.319 3.708   -12.467 1.00 23.04 ? 141  GLY A N   1 
ATOM   1023 C CA  . GLY A 1 136 ? -10.864 2.839   -11.420 1.00 21.44 ? 141  GLY A CA  1 
ATOM   1024 C C   . GLY A 1 136 ? -9.855  1.947   -10.714 1.00 20.67 ? 141  GLY A C   1 
ATOM   1025 O O   . GLY A 1 136 ? -10.253 1.012   -10.021 1.00 20.15 ? 141  GLY A O   1 
ATOM   1026 N N   . GLY A 1 137 ? -8.561  2.238   -10.873 1.00 18.91 ? 142  GLY A N   1 
ATOM   1027 C CA  . GLY A 1 137 ? -7.505  1.489   -10.192 1.00 17.70 ? 142  GLY A CA  1 
ATOM   1028 C C   . GLY A 1 137 ? -7.527  1.607   -8.674  1.00 16.24 ? 142  GLY A C   1 
ATOM   1029 O O   . GLY A 1 137 ? -8.003  2.599   -8.117  1.00 15.80 ? 142  GLY A O   1 
ATOM   1030 N N   . GLY A 1 138 ? -6.971  0.595   -8.013  1.00 15.47 ? 143  GLY A N   1 
ATOM   1031 C CA  . GLY A 1 138 ? -6.934  0.572   -6.558  1.00 14.76 ? 143  GLY A CA  1 
ATOM   1032 C C   . GLY A 1 138 ? -5.597  0.992   -5.972  1.00 14.70 ? 143  GLY A C   1 
ATOM   1033 O O   . GLY A 1 138 ? -4.748  1.510   -6.674  1.00 15.16 ? 143  GLY A O   1 
ATOM   1034 N N   . PRO A 1 139 ? -5.396  0.739   -4.672  1.00 13.96 ? 144  PRO A N   1 
ATOM   1035 C CA  . PRO A 1 139 ? -4.144  1.101   -4.008  1.00 13.25 ? 144  PRO A CA  1 
ATOM   1036 C C   . PRO A 1 139 ? -2.984  0.419   -4.696  1.00 13.02 ? 144  PRO A C   1 
ATOM   1037 O O   . PRO A 1 139 ? -3.113  -0.714  -5.188  1.00 13.54 ? 144  PRO A O   1 
ATOM   1038 C CB  . PRO A 1 139 ? -4.315  0.538   -2.599  1.00 13.60 ? 144  PRO A CB  1 
ATOM   1039 C CG  . PRO A 1 139 ? -5.803  0.428   -2.415  1.00 13.88 ? 144  PRO A CG  1 
ATOM   1040 C CD  . PRO A 1 139 ? -6.337  0.069   -3.758  1.00 14.48 ? 144  PRO A CD  1 
ATOM   1041 N N   . VAL A 1 140 ? -1.873  1.125   -4.758  1.00 12.68 ? 145  VAL A N   1 
ATOM   1042 C CA  . VAL A 1 140 ? -0.664  0.608   -5.383  1.00 12.51 ? 145  VAL A CA  1 
ATOM   1043 C C   . VAL A 1 140 ? 0.351   0.307   -4.275  1.00 12.43 ? 145  VAL A C   1 
ATOM   1044 O O   . VAL A 1 140 ? 0.803   1.218   -3.568  1.00 12.98 ? 145  VAL A O   1 
ATOM   1045 C CB  . VAL A 1 140 ? -0.074  1.664   -6.376  1.00 11.85 ? 145  VAL A CB  1 
ATOM   1046 C CG1 . VAL A 1 140 ? 1.194   1.108   -7.032  1.00 14.09 ? 145  VAL A CG1 1 
ATOM   1047 C CG2 . VAL A 1 140 ? -1.120  2.054   -7.441  1.00 12.93 ? 145  VAL A CG2 1 
ATOM   1048 N N   . MET A 1 141 ? 0.716   -0.963  -4.106  1.00 12.28 ? 146  MET A N   1 
ATOM   1049 C CA  . MET A 1 141 ? 1.720   -1.312  -3.098  1.00 11.71 ? 146  MET A CA  1 
ATOM   1050 C C   . MET A 1 141 ? 3.108   -0.899  -3.548  1.00 12.71 ? 146  MET A C   1 
ATOM   1051 O O   . MET A 1 141 ? 3.466   -1.098  -4.710  1.00 13.07 ? 146  MET A O   1 
ATOM   1052 C CB  . MET A 1 141 ? 1.709   -2.828  -2.850  1.00 11.54 ? 146  MET A CB  1 
ATOM   1053 C CG  . MET A 1 141 ? 2.778   -3.373  -1.861  1.00 12.97 ? 146  MET A CG  1 
ATOM   1054 S SD  . MET A 1 141 ? 2.374   -5.089  -1.382  1.00 8.48  ? 146  MET A SD  1 
ATOM   1055 C CE  . MET A 1 141 ? 3.824   -5.485  -0.373  1.00 13.82 ? 146  MET A CE  1 
ATOM   1056 N N   . VAL A 1 142 ? 3.879   -0.343  -2.630  1.00 13.67 ? 147  VAL A N   1 
ATOM   1057 C CA  . VAL A 1 142 ? 5.327   -0.103  -2.858  1.00 16.49 ? 147  VAL A CA  1 
ATOM   1058 C C   . VAL A 1 142 ? 6.086   -1.039  -1.923  1.00 18.55 ? 147  VAL A C   1 
ATOM   1059 O O   . VAL A 1 142 ? 5.903   -0.986  -0.700  1.00 18.02 ? 147  VAL A O   1 
ATOM   1060 C CB  . VAL A 1 142 ? 5.727   1.332   -2.520  1.00 16.89 ? 147  VAL A CB  1 
ATOM   1061 C CG1 . VAL A 1 142 ? 7.269   1.550   -2.718  1.00 18.16 ? 147  VAL A CG1 1 
ATOM   1062 C CG2 . VAL A 1 142 ? 4.881   2.319   -3.337  1.00 17.89 ? 147  VAL A CG2 1 
ATOM   1063 N N   . GLY A 1 143 ? 6.936   -1.893  -2.486  1.00 21.75 ? 148  GLY A N   1 
ATOM   1064 C CA  . GLY A 1 143 ? 7.623   -2.917  -1.698  1.00 25.74 ? 148  GLY A CA  1 
ATOM   1065 C C   . GLY A 1 143 ? 8.578   -2.267  -0.716  1.00 29.23 ? 148  GLY A C   1 
ATOM   1066 O O   . GLY A 1 143 ? 8.990   -1.118  -0.922  1.00 28.69 ? 148  GLY A O   1 
ATOM   1067 N N   . GLY A 1 144 ? 8.912   -2.988  0.358   1.00 32.48 ? 149  GLY A N   1 
ATOM   1068 C CA  . GLY A 1 144 ? 9.777   -2.446  1.413   1.00 37.49 ? 149  GLY A CA  1 
ATOM   1069 C C   . GLY A 1 144 ? 11.252  -2.779  1.268   1.00 41.03 ? 149  GLY A C   1 
ATOM   1070 O O   . GLY A 1 144 ? 12.025  -2.610  2.213   1.00 41.36 ? 149  GLY A O   1 
ATOM   1071 N N   . ASP A 1 145 ? 11.646  -3.241  0.082   1.00 44.65 ? 150  ASP A N   1 
ATOM   1072 C CA  . ASP A 1 145 ? 13.039  -3.625  -0.197  1.00 48.02 ? 150  ASP A CA  1 
ATOM   1073 C C   . ASP A 1 145 ? 13.973  -2.414  -0.174  1.00 49.20 ? 150  ASP A C   1 
ATOM   1074 O O   . ASP A 1 145 ? 13.660  -1.376  -0.762  1.00 49.81 ? 150  ASP A O   1 
ATOM   1075 C CB  . ASP A 1 145 ? 13.156  -4.320  -1.562  1.00 48.66 ? 150  ASP A CB  1 
ATOM   1076 C CG  . ASP A 1 145 ? 11.912  -5.108  -1.936  1.00 50.54 ? 150  ASP A CG  1 
ATOM   1077 O OD1 . ASP A 1 145 ? 11.941  -6.352  -1.833  1.00 51.86 ? 150  ASP A OD1 1 
ATOM   1078 O OD2 . ASP A 1 145 ? 10.905  -4.483  -2.335  1.00 50.88 ? 150  ASP A OD2 1 
ATOM   1079 N N   . ALA A 1 146 ? 15.107  -2.553  0.512   1.00 49.84 ? 151  ALA A N   1 
ATOM   1080 C CA  . ALA A 1 146 ? 16.172  -1.527  0.534   1.00 49.78 ? 151  ALA A CA  1 
ATOM   1081 C C   . ALA A 1 146 ? 15.842  -0.232  1.299   1.00 48.90 ? 151  ALA A C   1 
ATOM   1082 O O   . ALA A 1 146 ? 16.658  0.697   1.330   1.00 48.90 ? 151  ALA A O   1 
ATOM   1083 C CB  . ALA A 1 146 ? 16.676  -1.212  -0.899  1.00 50.29 ? 151  ALA A CB  1 
ATOM   1084 N N   . ASP A 1 147 ? 14.655  -0.173  1.907   1.00 46.94 ? 152  ASP A N   1 
ATOM   1085 C CA  . ASP A 1 147 ? 14.277  0.948   2.776   1.00 44.05 ? 152  ASP A CA  1 
ATOM   1086 C C   . ASP A 1 147 ? 13.515  0.475   4.013   1.00 41.71 ? 152  ASP A C   1 
ATOM   1087 O O   . ASP A 1 147 ? 13.239  1.268   4.920   1.00 41.02 ? 152  ASP A O   1 
ATOM   1088 C CB  . ASP A 1 147 ? 13.443  1.976   2.015   1.00 45.14 ? 152  ASP A CB  1 
ATOM   1089 C CG  . ASP A 1 147 ? 12.112  1.414   1.551   1.00 49.67 ? 152  ASP A CG  1 
ATOM   1090 O OD1 . ASP A 1 147 ? 12.103  0.595   0.601   1.00 46.63 ? 152  ASP A OD1 1 
ATOM   1091 O OD2 . ASP A 1 147 ? 11.080  1.796   2.135   1.00 46.40 ? 152  ASP A OD2 1 
ATOM   1092 N N   . ALA A 1 148 ? 13.185  -0.816  4.032   1.00 38.15 ? 153  ALA A N   1 
ATOM   1093 C CA  . ALA A 1 148 ? 12.455  -1.456  5.135   1.00 35.39 ? 153  ALA A CA  1 
ATOM   1094 C C   . ALA A 1 148 ? 11.106  -0.783  5.457   1.00 33.43 ? 153  ALA A C   1 
ATOM   1095 O O   . ALA A 1 148 ? 10.698  -0.699  6.617   1.00 32.67 ? 153  ALA A O   1 
ATOM   1096 C CB  . ALA A 1 148 ? 13.338  -1.561  6.379   1.00 34.82 ? 153  ALA A CB  1 
ATOM   1097 N N   . GLN A 1 149 ? 10.419  -0.300  4.423   1.00 31.68 ? 154  GLN A N   1 
ATOM   1098 C CA  . GLN A 1 149 ? 9.117   0.330   4.624   1.00 30.12 ? 154  GLN A CA  1 
ATOM   1099 C C   . GLN A 1 149 ? 8.177   0.113   3.434   1.00 27.40 ? 154  GLN A C   1 
ATOM   1100 O O   . GLN A 1 149 ? 8.242   0.855   2.438   1.00 26.41 ? 154  GLN A O   1 
ATOM   1101 C CB  . GLN A 1 149 ? 9.256   1.834   4.923   1.00 32.24 ? 154  GLN A CB  1 
ATOM   1102 C CG  . GLN A 1 149 ? 8.090   2.385   5.773   1.00 40.46 ? 154  GLN A CG  1 
ATOM   1103 C CD  . GLN A 1 149 ? 7.841   3.867   5.588   1.00 42.03 ? 154  GLN A CD  1 
ATOM   1104 O OE1 . GLN A 1 149 ? 7.310   4.303   4.563   1.00 53.93 ? 154  GLN A OE1 1 
ATOM   1105 N NE2 . GLN A 1 149 ? 8.196   4.652   6.599   1.00 54.18 ? 154  GLN A NE2 1 
ATOM   1106 N N   . SER A 1 150 ? 7.305   -0.897  3.548   1.00 23.62 ? 155  SER A N   1 
ATOM   1107 C CA  . SER A 1 150 ? 6.184   -1.054  2.605   1.00 21.43 ? 155  SER A CA  1 
ATOM   1108 C C   . SER A 1 150 ? 5.239   0.135   2.769   1.00 19.75 ? 155  SER A C   1 
ATOM   1109 O O   . SER A 1 150 ? 5.122   0.697   3.855   1.00 19.63 ? 155  SER A O   1 
ATOM   1110 C CB  . SER A 1 150 ? 5.404   -2.340  2.892   1.00 21.61 ? 155  SER A CB  1 
ATOM   1111 O OG  . SER A 1 150 ? 6.295   -3.440  2.949   1.00 24.23 ? 155  SER A OG  1 
ATOM   1112 N N   . LYS A 1 151 ? 4.606   0.542   1.677   1.00 17.83 ? 156  LYS A N   1 
ATOM   1113 C CA  . LYS A 1 151 ? 3.723   1.713   1.667   1.00 19.38 ? 156  LYS A CA  1 
ATOM   1114 C C   . LYS A 1 151 ? 2.642   1.405   0.646   1.00 16.08 ? 156  LYS A C   1 
ATOM   1115 O O   . LYS A 1 151 ? 2.851   0.572   -0.229  1.00 14.61 ? 156  LYS A O   1 
ATOM   1116 C CB  . LYS A 1 151 ? 4.467   2.999   1.202   1.00 18.41 ? 156  LYS A CB  1 
ATOM   1117 C CG  . LYS A 1 151 ? 5.911   3.189   1.704   1.00 24.97 ? 156  LYS A CG  1 
ATOM   1118 C CD  . LYS A 1 151 ? 6.715   4.124   0.764   1.00 20.77 ? 156  LYS A CD  1 
ATOM   1119 C CE  . LYS A 1 151 ? 8.194   4.255   1.169   1.00 31.34 ? 156  LYS A CE  1 
ATOM   1120 N NZ  . LYS A 1 151 ? 8.999   3.047   0.840   1.00 28.52 ? 156  LYS A NZ  1 
ATOM   1121 N N   . ALA A 1 152 ? 1.483   2.041   0.776   1.00 14.33 ? 157  ALA A N   1 
ATOM   1122 C CA  . ALA A 1 152 ? 0.499   2.033   -0.329  1.00 13.95 ? 157  ALA A CA  1 
ATOM   1123 C C   . ALA A 1 152 ? 0.344   3.435   -0.874  1.00 13.80 ? 157  ALA A C   1 
ATOM   1124 O O   . ALA A 1 152 ? 0.367   4.411   -0.105  1.00 14.45 ? 157  ALA A O   1 
ATOM   1125 C CB  . ALA A 1 152 ? -0.864  1.499   0.124   1.00 13.96 ? 157  ALA A CB  1 
ATOM   1126 N N   . LEU A 1 153 ? 0.185   3.532   -2.191  1.00 13.91 ? 158  LEU A N   1 
ATOM   1127 C CA  . LEU A 1 153 ? -0.013  4.805   -2.890  1.00 14.51 ? 158  LEU A CA  1 
ATOM   1128 C C   . LEU A 1 153 ? -1.507  4.900   -3.206  1.00 12.73 ? 158  LEU A C   1 
ATOM   1129 O O   . LEU A 1 153 ? -2.082  3.954   -3.727  1.00 13.29 ? 158  LEU A O   1 
ATOM   1130 C CB  . LEU A 1 153 ? 0.791   4.765   -4.205  1.00 15.47 ? 158  LEU A CB  1 
ATOM   1131 C CG  . LEU A 1 153 ? 1.660   5.863   -4.772  1.00 22.78 ? 158  LEU A CG  1 
ATOM   1132 C CD1 . LEU A 1 153 ? 2.705   5.210   -5.685  1.00 21.32 ? 158  LEU A CD1 1 
ATOM   1133 C CD2 . LEU A 1 153 ? 0.803   6.823   -5.541  1.00 25.36 ? 158  LEU A CD2 1 
ATOM   1134 N N   . LEU A 1 154 ? -2.137  6.026   -2.876  1.00 12.81 ? 159  LEU A N   1 
ATOM   1135 C CA  . LEU A 1 154 ? -3.592  6.186   -2.995  1.00 12.89 ? 159  LEU A CA  1 
ATOM   1136 C C   . LEU A 1 154 ? -4.025  7.295   -3.930  1.00 12.57 ? 159  LEU A C   1 
ATOM   1137 O O   . LEU A 1 154 ? -5.213  7.473   -4.176  1.00 13.44 ? 159  LEU A O   1 
ATOM   1138 C CB  . LEU A 1 154 ? -4.196  6.476   -1.612  1.00 13.03 ? 159  LEU A CB  1 
ATOM   1139 C CG  . LEU A 1 154 ? -3.893  5.465   -0.513  1.00 12.94 ? 159  LEU A CG  1 
ATOM   1140 C CD1 . LEU A 1 154 ? -4.383  6.030   0.800   1.00 12.05 ? 159  LEU A CD1 1 
ATOM   1141 C CD2 . LEU A 1 154 ? -4.561  4.142   -0.846  1.00 15.95 ? 159  LEU A CD2 1 
ATOM   1142 N N   . GLY A 1 155 ? -3.059  8.032   -4.453  1.00 12.33 ? 160  GLY A N   1 
ATOM   1143 C CA  . GLY A 1 155 ? -3.359  9.207   -5.268  1.00 12.60 ? 160  GLY A CA  1 
ATOM   1144 C C   . GLY A 1 155 ? -2.089  9.885   -5.718  1.00 12.79 ? 160  GLY A C   1 
ATOM   1145 O O   . GLY A 1 155 ? -0.991  9.578   -5.242  1.00 12.05 ? 160  GLY A O   1 
ATOM   1146 N N   . ILE A 1 156 ? -2.257  10.814  -6.650  1.00 13.13 ? 161  ILE A N   1 
ATOM   1147 C CA  . ILE A 1 156 ? -1.130  11.514  -7.275  1.00 14.09 ? 161  ILE A CA  1 
ATOM   1148 C C   . ILE A 1 156 ? -1.630  12.896  -7.669  1.00 14.67 ? 161  ILE A C   1 
ATOM   1149 O O   . ILE A 1 156 ? -2.792  13.045  -8.062  1.00 15.08 ? 161  ILE A O   1 
ATOM   1150 C CB  . ILE A 1 156 ? -0.565  10.726  -8.514  1.00 14.32 ? 161  ILE A CB  1 
ATOM   1151 C CG1 . ILE A 1 156 ? 0.591   11.476  -9.182  1.00 13.95 ? 161  ILE A CG1 1 
ATOM   1152 C CG2 . ILE A 1 156 ? -1.665  10.393  -9.533  1.00 14.25 ? 161  ILE A CG2 1 
ATOM   1153 C CD1 . ILE A 1 156 ? 1.333   10.647  -10.229 1.00 15.24 ? 161  ILE A CD1 1 
ATOM   1154 N N   . CYS A 1 157 ? -0.773  13.910  -7.522  1.00 15.57 ? 162  CYS A N   1 
ATOM   1155 C CA  . CYS A 1 157 ? -1.097  15.247  -8.017  1.00 16.85 ? 162  CYS A CA  1 
ATOM   1156 C C   . CYS A 1 157 ? 0.189   15.975  -8.332  1.00 17.41 ? 162  CYS A C   1 
ATOM   1157 O O   . CYS A 1 157 ? 1.273   15.496  -8.021  1.00 16.16 ? 162  CYS A O   1 
ATOM   1158 C CB  . CYS A 1 157 ? -1.920  16.060  -7.014  1.00 17.51 ? 162  CYS A CB  1 
ATOM   1159 S SG  . CYS A 1 157 ? -1.053  16.587  -5.521  1.00 22.58 ? 162  CYS A SG  1 
ATOM   1160 N N   . GLU A 1 158 ? 0.070   17.135  -8.960  1.00 18.65 ? 163  GLU A N   1 
ATOM   1161 C CA  . GLU A 1 158 ? 1.284   17.892  -9.265  1.00 20.01 ? 163  GLU A CA  1 
ATOM   1162 C C   . GLU A 1 158 ? 1.026   19.379  -9.280  1.00 21.65 ? 163  GLU A C   1 
ATOM   1163 O O   . GLU A 1 158 ? -0.095  19.817  -9.525  1.00 21.63 ? 163  GLU A O   1 
ATOM   1164 C CB  . GLU A 1 158 ? 1.908   17.438  -10.594 1.00 20.43 ? 163  GLU A CB  1 
ATOM   1165 C CG  . GLU A 1 158 ? 1.114   17.815  -11.835 1.00 21.07 ? 163  GLU A CG  1 
ATOM   1166 C CD  . GLU A 1 158 ? 1.615   17.111  -13.064 1.00 23.45 ? 163  GLU A CD  1 
ATOM   1167 O OE1 . GLU A 1 158 ? 1.865   17.813  -14.069 1.00 25.15 ? 163  GLU A OE1 1 
ATOM   1168 O OE2 . GLU A 1 158 ? 1.783   15.865  -13.034 1.00 24.81 ? 163  GLU A OE2 1 
ATOM   1169 N N   . GLY A 1 159 ? 2.087   20.144  -9.022  1.00 22.42 ? 164  GLY A N   1 
ATOM   1170 C CA  . GLY A 1 159 ? 2.013   21.599  -9.112  1.00 23.66 ? 164  GLY A CA  1 
ATOM   1171 C C   . GLY A 1 159 ? 2.272   22.131  -10.505 1.00 23.80 ? 164  GLY A C   1 
ATOM   1172 O O   . GLY A 1 159 ? 2.424   21.370  -11.471 1.00 23.02 ? 164  GLY A O   1 
ATOM   1173 N N   . PRO A 1 160 ? 2.319   23.465  -10.624 1.00 24.35 ? 165  PRO A N   1 
ATOM   1174 C CA  . PRO A 1 160 ? 2.536   24.189  -11.879 1.00 24.24 ? 165  PRO A CA  1 
ATOM   1175 C C   . PRO A 1 160 ? 3.755   23.692  -12.669 1.00 23.17 ? 165  PRO A C   1 
ATOM   1176 O O   . PRO A 1 160 ? 3.679   23.510  -13.901 1.00 23.78 ? 165  PRO A O   1 
ATOM   1177 C CB  . PRO A 1 160 ? 2.738   25.631  -11.401 1.00 24.29 ? 165  PRO A CB  1 
ATOM   1178 C CG  . PRO A 1 160 ? 1.953   25.707  -10.143 1.00 24.96 ? 165  PRO A CG  1 
ATOM   1179 C CD  . PRO A 1 160 ? 2.150   24.385  -9.479  1.00 25.03 ? 165  PRO A CD  1 
ATOM   1180 N N   . GLY A 1 161 ? 4.863   23.465  -11.969 1.00 21.54 ? 166  GLY A N   1 
ATOM   1181 C CA  . GLY A 1 161 ? 6.079   22.968  -12.613 1.00 18.52 ? 166  GLY A CA  1 
ATOM   1182 C C   . GLY A 1 161 ? 6.139   21.450  -12.712 1.00 17.20 ? 166  GLY A C   1 
ATOM   1183 O O   . GLY A 1 161 ? 7.182   20.896  -13.044 1.00 15.13 ? 166  GLY A O   1 
ATOM   1184 N N   . SER A 1 162 ? 4.997   20.795  -12.483 1.00 16.97 ? 167  SER A N   1 
ATOM   1185 C CA  . SER A 1 162 ? 4.878   19.328  -12.565 1.00 17.83 ? 167  SER A CA  1 
ATOM   1186 C C   . SER A 1 162 ? 5.726   18.565  -11.548 1.00 17.75 ? 167  SER A C   1 
ATOM   1187 O O   . SER A 1 162 ? 6.095   17.408  -11.771 1.00 18.97 ? 167  SER A O   1 
ATOM   1188 C CB  . SER A 1 162 ? 5.151   18.803  -13.979 1.00 18.04 ? 167  SER A CB  1 
ATOM   1189 O OG  . SER A 1 162 ? 4.233   19.351  -14.914 1.00 21.71 ? 167  SER A OG  1 
ATOM   1190 N N   . GLU A 1 163 ? 6.008   19.198  -10.426 1.00 18.41 ? 168  GLU A N   1 
ATOM   1191 C CA  . GLU A 1 163 ? 6.586   18.492  -9.289  1.00 19.08 ? 168  GLU A CA  1 
ATOM   1192 C C   . GLU A 1 163 ? 5.471   17.612  -8.740  1.00 18.85 ? 168  GLU A C   1 
ATOM   1193 O O   . GLU A 1 163 ? 4.418   18.111  -8.364  1.00 18.35 ? 168  GLU A O   1 
ATOM   1194 C CB  . GLU A 1 163 ? 7.086   19.479  -8.232  1.00 19.98 ? 168  GLU A CB  1 
ATOM   1195 C CG  . GLU A 1 163 ? 6.014   20.286  -7.484  1.00 24.58 ? 168  GLU A CG  1 
ATOM   1196 C CD  . GLU A 1 163 ? 5.538   21.553  -8.208  1.00 26.71 ? 168  GLU A CD  1 
ATOM   1197 O OE1 . GLU A 1 163 ? 5.116   22.514  -7.516  1.00 33.31 ? 168  GLU A OE1 1 
ATOM   1198 O OE2 . GLU A 1 163 ? 5.565   21.609  -9.456  1.00 31.03 ? 168  GLU A OE2 1 
ATOM   1199 N N   . VAL A 1 164 ? 5.717   16.308  -8.701  1.00 18.42 ? 169  VAL A N   1 
ATOM   1200 C CA  . VAL A 1 164 ? 4.684   15.343  -8.351  1.00 17.56 ? 169  VAL A CA  1 
ATOM   1201 C C   . VAL A 1 164 ? 4.664   15.003  -6.854  1.00 17.71 ? 169  VAL A C   1 
ATOM   1202 O O   . VAL A 1 164 ? 5.715   14.864  -6.217  1.00 18.35 ? 169  VAL A O   1 
ATOM   1203 C CB  . VAL A 1 164 ? 4.845   14.058  -9.217  1.00 17.63 ? 169  VAL A CB  1 
ATOM   1204 C CG1 . VAL A 1 164 ? 3.780   13.043  -8.883  1.00 19.20 ? 169  VAL A CG1 1 
ATOM   1205 C CG2 . VAL A 1 164 ? 4.797   14.395  -10.710 1.00 17.18 ? 169  VAL A CG2 1 
ATOM   1206 N N   . TYR A 1 165 ? 3.449   14.891  -6.317  1.00 17.07 ? 170  TYR A N   1 
ATOM   1207 C CA  . TYR A 1 165 ? 3.199   14.413  -4.965  1.00 16.74 ? 170  TYR A CA  1 
ATOM   1208 C C   . TYR A 1 165 ? 2.399   13.132  -5.058  1.00 15.69 ? 170  TYR A C   1 
ATOM   1209 O O   . TYR A 1 165 ? 1.570   12.972  -5.967  1.00 15.24 ? 170  TYR A O   1 
ATOM   1210 C CB  . TYR A 1 165 ? 2.351   15.406  -4.183  1.00 18.42 ? 170  TYR A CB  1 
ATOM   1211 C CG  . TYR A 1 165 ? 2.973   16.745  -3.980  1.00 20.07 ? 170  TYR A CG  1 
ATOM   1212 C CD1 . TYR A 1 165 ? 3.597   17.060  -2.776  1.00 21.03 ? 170  TYR A CD1 1 
ATOM   1213 C CD2 . TYR A 1 165 ? 2.903   17.720  -4.981  1.00 21.47 ? 170  TYR A CD2 1 
ATOM   1214 C CE1 . TYR A 1 165 ? 4.161   18.307  -2.577  1.00 25.66 ? 170  TYR A CE1 1 
ATOM   1215 C CE2 . TYR A 1 165 ? 3.469   18.962  -4.796  1.00 23.72 ? 170  TYR A CE2 1 
ATOM   1216 C CZ  . TYR A 1 165 ? 4.091   19.242  -3.596  1.00 22.51 ? 170  TYR A CZ  1 
ATOM   1217 O OH  . TYR A 1 165 ? 4.635   20.481  -3.419  1.00 26.09 ? 170  TYR A OH  1 
ATOM   1218 N N   . VAL A 1 166 ? 2.632   12.228  -4.108  1.00 14.70 ? 171  VAL A N   1 
ATOM   1219 C CA  . VAL A 1 166 ? 1.841   10.996  -4.039  1.00 14.09 ? 171  VAL A CA  1 
ATOM   1220 C C   . VAL A 1 166 ? 1.263   10.869  -2.642  1.00 13.93 ? 171  VAL A C   1 
ATOM   1221 O O   . VAL A 1 166 ? 1.872   11.310  -1.664  1.00 14.38 ? 171  VAL A O   1 
ATOM   1222 C CB  . VAL A 1 166 ? 2.663   9.719   -4.417  1.00 14.24 ? 171  VAL A CB  1 
ATOM   1223 C CG1 . VAL A 1 166 ? 2.904   9.636   -5.959  1.00 15.83 ? 171  VAL A CG1 1 
ATOM   1224 C CG2 . VAL A 1 166 ? 3.965   9.668   -3.652  1.00 15.63 ? 171  VAL A CG2 1 
ATOM   1225 N N   . LEU A 1 167 ? 0.075   10.280  -2.556  1.00 12.94 ? 172  LEU A N   1 
ATOM   1226 C CA  . LEU A 1 167 ? -0.613  10.129  -1.283  1.00 13.56 ? 172  LEU A CA  1 
ATOM   1227 C C   . LEU A 1 167 ? -0.242  8.773   -0.712  1.00 13.08 ? 172  LEU A C   1 
ATOM   1228 O O   . LEU A 1 167 ? -0.563  7.755   -1.303  1.00 13.04 ? 172  LEU A O   1 
ATOM   1229 C CB  . LEU A 1 167 ? -2.119  10.273  -1.530  1.00 13.45 ? 172  LEU A CB  1 
ATOM   1230 C CG  . LEU A 1 167 ? -3.114  10.108  -0.382  1.00 16.29 ? 172  LEU A CG  1 
ATOM   1231 C CD1 . LEU A 1 167 ? -2.782  10.932  0.812   1.00 19.67 ? 172  LEU A CD1 1 
ATOM   1232 C CD2 . LEU A 1 167 ? -4.540  10.440  -0.877  1.00 15.25 ? 172  LEU A CD2 1 
ATOM   1233 N N   . ILE A 1 168 ? 0.474   8.779   0.415   1.00 12.41 ? 173  ILE A N   1 
ATOM   1234 C CA  . ILE A 1 168 ? 1.113   7.577   0.966   1.00 13.15 ? 173  ILE A CA  1 
ATOM   1235 C C   . ILE A 1 168 ? 0.412   7.110   2.239   1.00 12.65 ? 173  ILE A C   1 
ATOM   1236 O O   . ILE A 1 168 ? 0.077   7.923   3.102   1.00 13.16 ? 173  ILE A O   1 
ATOM   1237 C CB  . ILE A 1 168 ? 2.623   7.850   1.274   1.00 14.49 ? 173  ILE A CB  1 
ATOM   1238 C CG1 . ILE A 1 168 ? 3.374   8.186   -0.029  1.00 16.53 ? 173  ILE A CG1 1 
ATOM   1239 C CG2 . ILE A 1 168 ? 3.286   6.683   2.045   1.00 15.97 ? 173  ILE A CG2 1 
ATOM   1240 C CD1 . ILE A 1 168 ? 3.444   7.039   -1.010  1.00 20.99 ? 173  ILE A CD1 1 
ATOM   1241 N N   . LEU A 1 169 ? 0.225   5.796   2.341   1.00 11.63 ? 174  LEU A N   1 
ATOM   1242 C CA  . LEU A 1 169 ? -0.341  5.134   3.514   1.00 11.96 ? 174  LEU A CA  1 
ATOM   1243 C C   . LEU A 1 169 ? 0.729   4.219   4.127   1.00 12.38 ? 174  LEU A C   1 
ATOM   1244 O O   . LEU A 1 169 ? 1.143   3.233   3.493   1.00 13.14 ? 174  LEU A O   1 
ATOM   1245 C CB  . LEU A 1 169 ? -1.570  4.316   3.082   1.00 12.39 ? 174  LEU A CB  1 
ATOM   1246 C CG  . LEU A 1 169 ? -2.337  3.594   4.194   1.00 12.75 ? 174  LEU A CG  1 
ATOM   1247 C CD1 . LEU A 1 169 ? -2.957  4.600   5.148   1.00 14.18 ? 174  LEU A CD1 1 
ATOM   1248 C CD2 . LEU A 1 169 ? -3.393  2.674   3.569   1.00 12.43 ? 174  LEU A CD2 1 
ATOM   1249 N N   . ASP A 1 170 ? 1.161   4.549   5.346   1.00 12.17 ? 175  ASP A N   1 
ATOM   1250 C CA  . ASP A 1 170 ? 2.253   3.857   6.052   1.00 12.89 ? 175  ASP A CA  1 
ATOM   1251 C C   . ASP A 1 170 ? 1.665   2.918   7.114   1.00 11.84 ? 175  ASP A C   1 
ATOM   1252 O O   . ASP A 1 170 ? 1.030   3.394   8.047   1.00 11.98 ? 175  ASP A O   1 
ATOM   1253 C CB  . ASP A 1 170 ? 3.112   4.917   6.734   1.00 13.77 ? 175  ASP A CB  1 
ATOM   1254 C CG  . ASP A 1 170 ? 4.306   4.359   7.463   1.00 16.38 ? 175  ASP A CG  1 
ATOM   1255 O OD1 . ASP A 1 170 ? 4.331   3.171   7.833   1.00 16.43 ? 175  ASP A OD1 1 
ATOM   1256 O OD2 . ASP A 1 170 ? 5.243   5.161   7.699   1.00 21.28 ? 175  ASP A OD2 1 
ATOM   1257 N N   . PRO A 1 171 ? 1.861   1.595   6.969   1.00 11.97 ? 176  PRO A N   1 
ATOM   1258 C CA  . PRO A 1 171 ? 1.266   0.618   7.892   1.00 11.66 ? 176  PRO A CA  1 
ATOM   1259 C C   . PRO A 1 171 ? 2.020   0.347   9.222   1.00 11.42 ? 176  PRO A C   1 
ATOM   1260 O O   . PRO A 1 171 ? 1.716   -0.629  9.904   1.00 11.90 ? 176  PRO A O   1 
ATOM   1261 C CB  . PRO A 1 171 ? 1.241   -0.655  7.050   1.00 12.39 ? 176  PRO A CB  1 
ATOM   1262 C CG  . PRO A 1 171 ? 2.513   -0.557  6.265   1.00 12.15 ? 176  PRO A CG  1 
ATOM   1263 C CD  . PRO A 1 171 ? 2.605   0.919   5.885   1.00 12.06 ? 176  PRO A CD  1 
ATOM   1264 N N   . HIS A 1 172 ? 2.985   1.186   9.585   1.00 11.51 ? 177  HIS A N   1 
ATOM   1265 C CA  . HIS A 1 172 ? 3.794   0.934   10.780  1.00 12.66 ? 177  HIS A CA  1 
ATOM   1266 C C   . HIS A 1 172 ? 3.197   1.381   12.111  1.00 12.45 ? 177  HIS A C   1 
ATOM   1267 O O   . HIS A 1 172 ? 3.871   1.299   13.134  1.00 13.17 ? 177  HIS A O   1 
ATOM   1268 C CB  . HIS A 1 172 ? 5.194   1.544   10.626  1.00 13.47 ? 177  HIS A CB  1 
ATOM   1269 C CG  . HIS A 1 172 ? 6.094   0.754   9.734   1.00 15.44 ? 177  HIS A CG  1 
ATOM   1270 N ND1 . HIS A 1 172 ? 7.467   0.800   9.840   1.00 19.57 ? 177  HIS A ND1 1 
ATOM   1271 C CD2 . HIS A 1 172 ? 5.824   -0.118  8.735   1.00 17.83 ? 177  HIS A CD2 1 
ATOM   1272 C CE1 . HIS A 1 172 ? 8.005   0.006   8.932   1.00 19.18 ? 177  HIS A CE1 1 
ATOM   1273 N NE2 . HIS A 1 172 ? 7.032   -0.555  8.239   1.00 18.43 ? 177  HIS A NE2 1 
ATOM   1274 N N   . TYR A 1 173 ? 1.945   1.837   12.109  1.00 12.75 ? 178  TYR A N   1 
ATOM   1275 C CA  . TYR A 1 173 ? 1.306   2.287   13.345  1.00 13.47 ? 178  TYR A CA  1 
ATOM   1276 C C   . TYR A 1 173 ? 1.213   1.106   14.314  1.00 13.56 ? 178  TYR A C   1 
ATOM   1277 O O   . TYR A 1 173 ? 0.797   0.004   13.930  1.00 13.24 ? 178  TYR A O   1 
ATOM   1278 C CB  . TYR A 1 173 ? -0.100  2.843   13.030  1.00 12.98 ? 178  TYR A CB  1 
ATOM   1279 C CG  . TYR A 1 173 ? -0.752  3.583   14.171  1.00 13.11 ? 178  TYR A CG  1 
ATOM   1280 C CD1 . TYR A 1 173 ? -0.868  4.974   14.142  1.00 12.33 ? 178  TYR A CD1 1 
ATOM   1281 C CD2 . TYR A 1 173 ? -1.271  2.895   15.274  1.00 12.24 ? 178  TYR A CD2 1 
ATOM   1282 C CE1 . TYR A 1 173 ? -1.485  5.683   15.211  1.00 12.52 ? 178  TYR A CE1 1 
ATOM   1283 C CE2 . TYR A 1 173 ? -1.866  3.587   16.340  1.00 14.16 ? 178  TYR A CE2 1 
ATOM   1284 C CZ  . TYR A 1 173 ? -1.968  4.969   16.294  1.00 13.83 ? 178  TYR A CZ  1 
ATOM   1285 O OH  . TYR A 1 173 ? -2.566  5.643   17.332  1.00 14.06 ? 178  TYR A OH  1 
ATOM   1286 N N   . TRP A 1 174 ? 1.603   1.344   15.565  1.00 13.99 ? 179  TRP A N   1 
ATOM   1287 C CA  . TRP A 1 174 ? 1.482   0.362   16.618  1.00 15.53 ? 179  TRP A CA  1 
ATOM   1288 C C   . TRP A 1 174 ? 0.605   0.959   17.710  1.00 15.93 ? 179  TRP A C   1 
ATOM   1289 O O   . TRP A 1 174 ? 0.954   1.982   18.314  1.00 16.13 ? 179  TRP A O   1 
ATOM   1290 C CB  . TRP A 1 174 ? 2.864   -0.012  17.175  1.00 16.23 ? 179  TRP A CB  1 
ATOM   1291 C CG  . TRP A 1 174 ? 2.806   -0.958  18.357  1.00 17.42 ? 179  TRP A CG  1 
ATOM   1292 C CD1 . TRP A 1 174 ? 2.984   -0.630  19.676  1.00 18.42 ? 179  TRP A CD1 1 
ATOM   1293 C CD2 . TRP A 1 174 ? 2.531   -2.365  18.327  1.00 16.97 ? 179  TRP A CD2 1 
ATOM   1294 N NE1 . TRP A 1 174 ? 2.852   -1.754  20.466  1.00 19.40 ? 179  TRP A NE1 1 
ATOM   1295 C CE2 . TRP A 1 174 ? 2.576   -2.830  19.663  1.00 18.83 ? 179  TRP A CE2 1 
ATOM   1296 C CE3 . TRP A 1 174 ? 2.257   -3.284  17.300  1.00 18.13 ? 179  TRP A CE3 1 
ATOM   1297 C CZ2 . TRP A 1 174 ? 2.335   -4.168  20.002  1.00 18.71 ? 179  TRP A CZ2 1 
ATOM   1298 C CZ3 . TRP A 1 174 ? 2.039   -4.621  17.639  1.00 18.64 ? 179  TRP A CZ3 1 
ATOM   1299 C CH2 . TRP A 1 174 ? 2.080   -5.048  18.976  1.00 18.61 ? 179  TRP A CH2 1 
ATOM   1300 N N   . GLY A 1 175 ? -0.520  0.309   17.959  1.00 16.63 ? 180  GLY A N   1 
ATOM   1301 C CA  . GLY A 1 175 ? -1.511  0.792   18.916  1.00 17.51 ? 180  GLY A CA  1 
ATOM   1302 C C   . GLY A 1 175 ? -2.874  0.760   18.273  1.00 18.73 ? 180  GLY A C   1 
ATOM   1303 O O   . GLY A 1 175 ? -3.078  0.095   17.243  1.00 19.15 ? 180  GLY A O   1 
ATOM   1304 N N   . THR A 1 176 ? -3.821  1.465   18.874  1.00 18.80 ? 181  THR A N   1 
ATOM   1305 C CA  . THR A 1 176 ? -5.148  1.539   18.290  1.00 20.30 ? 181  THR A CA  1 
ATOM   1306 C C   . THR A 1 176 ? -5.457  2.969   17.844  1.00 19.33 ? 181  THR A C   1 
ATOM   1307 O O   . THR A 1 176 ? -5.754  3.832   18.673  1.00 19.80 ? 181  THR A O   1 
ATOM   1308 C CB  . THR A 1 176 ? -6.231  0.978   19.254  1.00 21.17 ? 181  THR A CB  1 
ATOM   1309 O OG1 . THR A 1 176 ? -5.846  -0.336  19.681  1.00 24.52 ? 181  THR A OG1 1 
ATOM   1310 C CG2 . THR A 1 176 ? -7.572  0.900   18.538  1.00 22.86 ? 181  THR A CG2 1 
ATOM   1311 N N   . PRO A 1 177 ? -5.371  3.234   16.527  1.00 18.70 ? 182  PRO A N   1 
ATOM   1312 C CA  . PRO A 1 177 ? -5.647  4.604   16.083  1.00 19.14 ? 182  PRO A CA  1 
ATOM   1313 C C   . PRO A 1 177 ? -7.119  4.941   16.301  1.00 19.67 ? 182  PRO A C   1 
ATOM   1314 O O   . PRO A 1 177 ? -7.996  4.133   15.978  1.00 19.37 ? 182  PRO A O   1 
ATOM   1315 C CB  . PRO A 1 177 ? -5.301  4.582   14.593  1.00 19.31 ? 182  PRO A CB  1 
ATOM   1316 C CG  . PRO A 1 177 ? -5.304  3.153   14.196  1.00 18.48 ? 182  PRO A CG  1 
ATOM   1317 C CD  . PRO A 1 177 ? -5.051  2.322   15.407  1.00 18.95 ? 182  PRO A CD  1 
ATOM   1318 N N   . LYS A 1 178 ? -7.386  6.107   16.878  1.00 20.23 ? 183  LYS A N   1 
ATOM   1319 C CA  . LYS A 1 178 ? -8.769  6.483   17.211  1.00 21.38 ? 183  LYS A CA  1 
ATOM   1320 C C   . LYS A 1 178 ? -9.599  6.820   15.983  1.00 19.85 ? 183  LYS A C   1 
ATOM   1321 O O   . LYS A 1 178 ? -10.793 6.496   15.920  1.00 20.24 ? 183  LYS A O   1 
ATOM   1322 C CB  . LYS A 1 178 ? -8.800  7.678   18.177  1.00 23.45 ? 183  LYS A CB  1 
ATOM   1323 C CG  . LYS A 1 178 ? -8.802  7.298   19.631  1.00 29.27 ? 183  LYS A CG  1 
ATOM   1324 C CD  . LYS A 1 178 ? -8.731  8.532   20.531  1.00 33.68 ? 183  LYS A CD  1 
ATOM   1325 C CE  . LYS A 1 178 ? -8.747  8.160   22.027  1.00 36.04 ? 183  LYS A CE  1 
ATOM   1326 N NZ  . LYS A 1 178 ? -7.499  7.459   22.489  1.00 46.56 ? 183  LYS A NZ  1 
ATOM   1327 N N   . ASN A 1 179 ? -8.973  7.495   15.015  1.00 17.92 ? 184  ASN A N   1 
ATOM   1328 C CA  . ASN A 1 179 ? -9.688  8.009   13.859  1.00 16.54 ? 184  ASN A CA  1 
ATOM   1329 C C   . ASN A 1 179 ? -8.688  8.469   12.805  1.00 15.89 ? 184  ASN A C   1 
ATOM   1330 O O   . ASN A 1 179 ? -7.483  8.485   13.057  1.00 14.36 ? 184  ASN A O   1 
ATOM   1331 C CB  . ASN A 1 179 ? -10.627 9.161   14.270  1.00 16.75 ? 184  ASN A CB  1 
ATOM   1332 C CG  . ASN A 1 179 ? -9.896  10.242  15.022  1.00 16.54 ? 184  ASN A CG  1 
ATOM   1333 O OD1 . ASN A 1 179 ? -8.909  10.780  14.521  1.00 15.96 ? 184  ASN A OD1 1 
ATOM   1334 N ND2 . ASN A 1 179 ? -10.352 10.550  16.251  1.00 17.62 ? 184  ASN A ND2 1 
ATOM   1335 N N   . ARG A 1 180 ? -9.203  8.840   11.642  1.00 15.69 ? 185  ARG A N   1 
ATOM   1336 C CA  . ARG A 1 180 ? -8.364  9.239   10.513  1.00 16.44 ? 185  ARG A CA  1 
ATOM   1337 C C   . ARG A 1 180 ? -7.638  10.555  10.797  1.00 16.17 ? 185  ARG A C   1 
ATOM   1338 O O   . ARG A 1 180 ? -6.542  10.784  10.275  1.00 15.27 ? 185  ARG A O   1 
ATOM   1339 C CB  . ARG A 1 180 ? -9.183  9.326   9.221   1.00 16.47 ? 185  ARG A CB  1 
ATOM   1340 C CG  . ARG A 1 180 ? -10.302 10.362  9.237   1.00 17.05 ? 185  ARG A CG  1 
ATOM   1341 C CD  . ARG A 1 180 ? -11.017 10.457  7.891   1.00 19.82 ? 185  ARG A CD  1 
ATOM   1342 N NE  . ARG A 1 180 ? -11.633 9.206   7.473   1.00 25.83 ? 185  ARG A NE  1 
ATOM   1343 C CZ  . ARG A 1 180 ? -12.945 8.995   7.449   1.00 28.78 ? 185  ARG A CZ  1 
ATOM   1344 N NH1 . ARG A 1 180 ? -13.787 9.942   7.874   1.00 30.20 ? 185  ARG A NH1 1 
ATOM   1345 N NH2 . ARG A 1 180 ? -13.422 7.827   7.021   1.00 29.71 ? 185  ARG A NH2 1 
ATOM   1346 N N   . CYS A 1 181 ? -8.230  11.410  11.650  1.00 15.57 ? 186  CYS A N   1 
ATOM   1347 C CA  . CYS A 1 181 ? -7.579  12.678  11.972  1.00 16.98 ? 186  CYS A CA  1 
ATOM   1348 C C   . CYS A 1 181 ? -6.246  12.463  12.666  1.00 16.98 ? 186  CYS A C   1 
ATOM   1349 O O   . CYS A 1 181 ? -5.270  13.140  12.339  1.00 17.58 ? 186  CYS A O   1 
ATOM   1350 C CB  . CYS A 1 181 ? -8.460  13.572  12.833  1.00 17.58 ? 186  CYS A CB  1 
ATOM   1351 S SG  . CYS A 1 181 ? -9.674  14.437  11.884  1.00 21.59 ? 186  CYS A SG  1 
ATOM   1352 N N   . GLU A 1 182 ? -6.216  11.528  13.618  1.00 17.58 ? 187  GLU A N   1 
ATOM   1353 C CA  . GLU A 1 182 ? -4.978  11.134  14.299  1.00 18.14 ? 187  GLU A CA  1 
ATOM   1354 C C   . GLU A 1 182 ? -3.937  10.629  13.299  1.00 17.16 ? 187  GLU A C   1 
ATOM   1355 O O   . GLU A 1 182 ? -2.760  11.001  13.383  1.00 17.78 ? 187  GLU A O   1 
ATOM   1356 C CB  . GLU A 1 182 ? -5.250  10.058  15.359  1.00 18.94 ? 187  GLU A CB  1 
ATOM   1357 C CG  . GLU A 1 182 ? -6.287  10.468  16.418  1.00 26.79 ? 187  GLU A CG  1 
ATOM   1358 C CD  . GLU A 1 182 ? -5.698  11.040  17.696  1.00 29.19 ? 187  GLU A CD  1 
ATOM   1359 O OE1 . GLU A 1 182 ? -4.741  11.860  17.643  1.00 40.95 ? 187  GLU A OE1 1 
ATOM   1360 O OE2 . GLU A 1 182 ? -6.221  10.679  18.778  1.00 38.66 ? 187  GLU A OE2 1 
ATOM   1361 N N   . LEU A 1 183 ? -4.354  9.797   12.343  1.00 16.04 ? 188  LEU A N   1 
ATOM   1362 C CA  . LEU A 1 183 ? -3.417  9.307   11.317  1.00 15.69 ? 188  LEU A CA  1 
ATOM   1363 C C   . LEU A 1 183 ? -2.874  10.444  10.461  1.00 16.00 ? 188  LEU A C   1 
ATOM   1364 O O   . LEU A 1 183 ? -1.704  10.459  10.097  1.00 16.68 ? 188  LEU A O   1 
ATOM   1365 C CB  . LEU A 1 183 ? -4.104  8.267   10.417  1.00 15.22 ? 188  LEU A CB  1 
ATOM   1366 C CG  . LEU A 1 183 ? -4.534  6.981   11.132  1.00 14.19 ? 188  LEU A CG  1 
ATOM   1367 C CD1 . LEU A 1 183 ? -5.154  6.043   10.119  1.00 15.76 ? 188  LEU A CD1 1 
ATOM   1368 C CD2 . LEU A 1 183 ? -3.381  6.258   11.855  1.00 16.38 ? 188  LEU A CD2 1 
ATOM   1369 N N   . GLN A 1 184 ? -3.747  11.376  10.093  1.00 16.27 ? 189  GLN A N   1 
ATOM   1370 C CA  . GLN A 1 184 ? -3.350  12.520  9.268   1.00 16.27 ? 189  GLN A CA  1 
ATOM   1371 C C   . GLN A 1 184 ? -2.410  13.462  10.015  1.00 17.17 ? 189  GLN A C   1 
ATOM   1372 O O   . GLN A 1 184 ? -1.406  13.905  9.450   1.00 17.86 ? 189  GLN A O   1 
ATOM   1373 C CB  . GLN A 1 184 ? -4.582  13.275  8.789   1.00 15.58 ? 189  GLN A CB  1 
ATOM   1374 C CG  . GLN A 1 184 ? -5.416  12.490  7.780   1.00 14.84 ? 189  GLN A CG  1 
ATOM   1375 C CD  . GLN A 1 184 ? -6.751  13.118  7.484   1.00 17.17 ? 189  GLN A CD  1 
ATOM   1376 O OE1 . GLN A 1 184 ? -6.991  14.296  7.795   1.00 17.14 ? 189  GLN A OE1 1 
ATOM   1377 N NE2 . GLN A 1 184 ? -7.642  12.340  6.871   1.00 17.51 ? 189  GLN A NE2 1 
ATOM   1378 N N   . ALA A 1 185 ? -2.721  13.751  11.278  1.00 18.31 ? 190  ALA A N   1 
ATOM   1379 C CA  . ALA A 1 185 ? -1.912  14.679  12.092  1.00 18.71 ? 190  ALA A CA  1 
ATOM   1380 C C   . ALA A 1 185 ? -0.468  14.202  12.267  1.00 19.82 ? 190  ALA A C   1 
ATOM   1381 O O   . ALA A 1 185 ? 0.462   15.025  12.252  1.00 20.25 ? 190  ALA A O   1 
ATOM   1382 C CB  . ALA A 1 185 ? -2.551  14.883  13.453  1.00 19.11 ? 190  ALA A CB  1 
ATOM   1383 N N   . ALA A 1 186 ? -0.292  12.888  12.445  1.00 19.75 ? 191  ALA A N   1 
ATOM   1384 C CA  . ALA A 1 186 ? 1.034   12.290  12.633  1.00 20.39 ? 191  ALA A CA  1 
ATOM   1385 C C   . ALA A 1 186 ? 1.721   11.876  11.322  1.00 20.16 ? 191  ALA A C   1 
ATOM   1386 O O   . ALA A 1 186 ? 2.901   11.508  11.329  1.00 21.72 ? 191  ALA A O   1 
ATOM   1387 C CB  . ALA A 1 186 ? 0.959   11.132  13.595  1.00 21.47 ? 191  ALA A CB  1 
ATOM   1388 N N   . GLY A 1 187 ? 0.995   11.931  10.205  1.00 18.64 ? 192  GLY A N   1 
ATOM   1389 C CA  . GLY A 1 187 ? 1.554   11.623  8.879   1.00 17.40 ? 192  GLY A CA  1 
ATOM   1390 C C   . GLY A 1 187 ? 1.549   10.158  8.477   1.00 16.50 ? 192  GLY A C   1 
ATOM   1391 O O   . GLY A 1 187 ? 2.201   9.789   7.490   1.00 17.34 ? 192  GLY A O   1 
ATOM   1392 N N   . TRP A 1 188 ? 0.794   9.327   9.199   1.00 14.48 ? 193  TRP A N   1 
ATOM   1393 C CA  . TRP A 1 188 ? 0.600   7.910   8.812   1.00 13.73 ? 193  TRP A CA  1 
ATOM   1394 C C   . TRP A 1 188 ? -0.083  7.787   7.461   1.00 13.70 ? 193  TRP A C   1 
ATOM   1395 O O   . TRP A 1 188 ? 0.127   6.814   6.723   1.00 13.19 ? 193  TRP A O   1 
ATOM   1396 C CB  . TRP A 1 188 ? -0.217  7.167   9.866   1.00 13.68 ? 193  TRP A CB  1 
ATOM   1397 C CG  . TRP A 1 188 ? 0.489   7.146   11.194  1.00 13.09 ? 193  TRP A CG  1 
ATOM   1398 C CD1 . TRP A 1 188 ? 0.186   7.886   12.316  1.00 13.58 ? 193  TRP A CD1 1 
ATOM   1399 C CD2 . TRP A 1 188 ? 1.640   6.376   11.512  1.00 13.23 ? 193  TRP A CD2 1 
ATOM   1400 N NE1 . TRP A 1 188 ? 1.083   7.587   13.332  1.00 13.16 ? 193  TRP A NE1 1 
ATOM   1401 C CE2 . TRP A 1 188 ? 1.980   6.660   12.868  1.00 13.70 ? 193  TRP A CE2 1 
ATOM   1402 C CE3 . TRP A 1 188 ? 2.396   5.430   10.802  1.00 14.27 ? 193  TRP A CE3 1 
ATOM   1403 C CZ2 . TRP A 1 188 ? 3.061   6.053   13.512  1.00 13.99 ? 193  TRP A CZ2 1 
ATOM   1404 C CZ3 . TRP A 1 188 ? 3.488   4.824   11.451  1.00 14.65 ? 193  TRP A CZ3 1 
ATOM   1405 C CH2 . TRP A 1 188 ? 3.805   5.149   12.788  1.00 14.18 ? 193  TRP A CH2 1 
ATOM   1406 N N   . VAL A 1 189 ? -0.905  8.784   7.151   1.00 13.69 ? 194  VAL A N   1 
ATOM   1407 C CA  . VAL A 1 189 ? -1.413  8.956   5.805   1.00 14.03 ? 194  VAL A CA  1 
ATOM   1408 C C   . VAL A 1 189 ? -1.165  10.403  5.445   1.00 14.05 ? 194  VAL A C   1 
ATOM   1409 O O   . VAL A 1 189 ? -1.420  11.297  6.251   1.00 14.73 ? 194  VAL A O   1 
ATOM   1410 C CB  . VAL A 1 189 ? -2.920  8.651   5.706   1.00 14.18 ? 194  VAL A CB  1 
ATOM   1411 C CG1 . VAL A 1 189 ? -3.344  8.638   4.253   1.00 14.24 ? 194  VAL A CG1 1 
ATOM   1412 C CG2 . VAL A 1 189 ? -3.232  7.358   6.350   1.00 19.93 ? 194  VAL A CG2 1 
ATOM   1413 N N   . GLY A 1 190 ? -0.626  10.632  4.253   1.00 13.01 ? 195  GLY A N   1 
ATOM   1414 C CA  . GLY A 1 190 ? -0.326  12.003  3.848   1.00 13.44 ? 195  GLY A CA  1 
ATOM   1415 C C   . GLY A 1 190 ? 0.284   12.116  2.485   1.00 13.78 ? 195  GLY A C   1 
ATOM   1416 O O   . GLY A 1 190 ? 0.778   11.138  1.937   1.00 13.80 ? 195  GLY A O   1 
ATOM   1417 N N   . TRP A 1 191 ? 0.289   13.334  1.954   1.00 14.37 ? 196  TRP A N   1 
ATOM   1418 C CA  . TRP A 1 191 ? 0.932   13.593  0.667   1.00 15.10 ? 196  TRP A CA  1 
ATOM   1419 C C   . TRP A 1 191 ? 2.429   13.770  0.893   1.00 16.32 ? 196  TRP A C   1 
ATOM   1420 O O   . TRP A 1 191 ? 2.846   14.380  1.891   1.00 16.60 ? 196  TRP A O   1 
ATOM   1421 C CB  . TRP A 1 191 ? 0.361   14.860  0.042   1.00 15.52 ? 196  TRP A CB  1 
ATOM   1422 C CG  . TRP A 1 191 ? -1.038  14.729  -0.452  1.00 15.00 ? 196  TRP A CG  1 
ATOM   1423 C CD1 . TRP A 1 191 ? -2.187  15.135  0.182   1.00 15.51 ? 196  TRP A CD1 1 
ATOM   1424 C CD2 . TRP A 1 191 ? -1.433  14.196  -1.704  1.00 14.16 ? 196  TRP A CD2 1 
ATOM   1425 N NE1 . TRP A 1 191 ? -3.278  14.877  -0.619  1.00 15.41 ? 196  TRP A NE1 1 
ATOM   1426 C CE2 . TRP A 1 191 ? -2.843  14.300  -1.781  1.00 15.47 ? 196  TRP A CE2 1 
ATOM   1427 C CE3 . TRP A 1 191 ? -0.731  13.632  -2.781  1.00 14.14 ? 196  TRP A CE3 1 
ATOM   1428 C CZ2 . TRP A 1 191 ? -3.564  13.854  -2.890  1.00 14.27 ? 196  TRP A CZ2 1 
ATOM   1429 C CZ3 . TRP A 1 191 ? -1.443  13.189  -3.884  1.00 15.73 ? 196  TRP A CZ3 1 
ATOM   1430 C CH2 . TRP A 1 191 ? -2.845  13.302  -3.933  1.00 15.64 ? 196  TRP A CH2 1 
ATOM   1431 N N   . GLN A 1 192 ? 3.228   13.245  -0.032  1.00 17.20 ? 197  GLN A N   1 
ATOM   1432 C CA  . GLN A 1 192 ? 4.686   13.410  0.029   1.00 20.33 ? 197  GLN A CA  1 
ATOM   1433 C C   . GLN A 1 192 ? 5.212   13.662  -1.385  1.00 19.49 ? 197  GLN A C   1 
ATOM   1434 O O   . GLN A 1 192 ? 4.662   13.144  -2.355  1.00 18.68 ? 197  GLN A O   1 
ATOM   1435 C CB  . GLN A 1 192 ? 5.343   12.173  0.649   1.00 19.90 ? 197  GLN A CB  1 
ATOM   1436 C CG  . GLN A 1 192 ? 4.953   11.908  2.131   1.00 23.32 ? 197  GLN A CG  1 
ATOM   1437 C CD  . GLN A 1 192 ? 5.513   10.631  2.726   1.00 22.39 ? 197  GLN A CD  1 
ATOM   1438 O OE1 . GLN A 1 192 ? 4.854   9.977   3.560   1.00 29.52 ? 197  GLN A OE1 1 
ATOM   1439 N NE2 . GLN A 1 192 ? 6.737   10.279  2.346   1.00 29.74 ? 197  GLN A NE2 1 
ATOM   1440 N N   . LYS A 1 193 ? 6.278   14.459  -1.498  1.00 20.82 ? 198  LYS A N   1 
ATOM   1441 C CA  . LYS A 1 193 ? 6.898   14.705  -2.799  1.00 22.22 ? 198  LYS A CA  1 
ATOM   1442 C C   . LYS A 1 193 ? 7.533   13.427  -3.293  1.00 22.82 ? 198  LYS A C   1 
ATOM   1443 O O   . LYS A 1 193 ? 8.193   12.734  -2.535  1.00 23.37 ? 198  LYS A O   1 
ATOM   1444 C CB  . LYS A 1 193 ? 7.992   15.767  -2.696  1.00 22.79 ? 198  LYS A CB  1 
ATOM   1445 C CG  . LYS A 1 193 ? 7.507   17.159  -2.419  1.00 26.56 ? 198  LYS A CG  1 
ATOM   1446 C CD  . LYS A 1 193 ? 8.692   18.123  -2.403  1.00 30.85 ? 198  LYS A CD  1 
ATOM   1447 C CE  . LYS A 1 193 ? 8.204   19.559  -2.447  1.00 32.71 ? 198  LYS A CE  1 
ATOM   1448 N NZ  . LYS A 1 193 ? 7.784   19.960  -3.818  1.00 39.42 ? 198  LYS A NZ  1 
ATOM   1449 N N   . VAL A 1 194 ? 7.345   13.114  -4.568  1.00 24.25 ? 199  VAL A N   1 
ATOM   1450 C CA  . VAL A 1 194 ? 7.858   11.873  -5.132  1.00 25.86 ? 199  VAL A CA  1 
ATOM   1451 C C   . VAL A 1 194 ? 9.372   11.761  -4.962  1.00 28.11 ? 199  VAL A C   1 
ATOM   1452 O O   . VAL A 1 194 ? 9.910   10.665  -4.779  1.00 27.35 ? 199  VAL A O   1 
ATOM   1453 C CB  . VAL A 1 194 ? 7.435   11.727  -6.605  1.00 25.54 ? 199  VAL A CB  1 
ATOM   1454 C CG1 . VAL A 1 194 ? 8.350   10.777  -7.347  1.00 26.51 ? 199  VAL A CG1 1 
ATOM   1455 C CG2 . VAL A 1 194 ? 6.007   11.219  -6.671  1.00 24.89 ? 199  VAL A CG2 1 
ATOM   1456 N N   . LYS A 1 195 ? 10.049  12.905  -5.026  1.00 30.91 ? 200  LYS A N   1 
ATOM   1457 C CA  . LYS A 1 195 ? 11.500  12.969  -4.842  1.00 34.35 ? 200  LYS A CA  1 
ATOM   1458 C C   . LYS A 1 195 ? 11.939  12.396  -3.492  1.00 34.85 ? 200  LYS A C   1 
ATOM   1459 O O   . LYS A 1 195 ? 13.055  11.869  -3.369  1.00 35.50 ? 200  LYS A O   1 
ATOM   1460 C CB  . LYS A 1 195 ? 11.970  14.424  -4.994  1.00 35.36 ? 200  LYS A CB  1 
ATOM   1461 C CG  . LYS A 1 195 ? 13.481  14.631  -5.057  1.00 39.77 ? 200  LYS A CG  1 
ATOM   1462 C CD  . LYS A 1 195 ? 14.051  14.995  -3.682  1.00 46.08 ? 200  LYS A CD  1 
ATOM   1463 C CE  . LYS A 1 195 ? 15.544  15.305  -3.758  1.00 47.25 ? 200  LYS A CE  1 
ATOM   1464 N NZ  . LYS A 1 195 ? 15.838  16.487  -4.623  1.00 52.86 ? 200  LYS A NZ  1 
ATOM   1465 N N   . SER A 1 196 ? 11.064  12.495  -2.491  1.00 35.00 ? 201  SER A N   1 
ATOM   1466 C CA  . SER A 1 196 ? 11.357  12.029  -1.137  1.00 35.14 ? 201  SER A CA  1 
ATOM   1467 C C   . SER A 1 196 ? 10.895  10.598  -0.871  1.00 34.25 ? 201  SER A C   1 
ATOM   1468 O O   . SER A 1 196 ? 11.532  9.877   -0.113  1.00 35.15 ? 201  SER A O   1 
ATOM   1469 C CB  . SER A 1 196 ? 10.731  12.960  -0.105  1.00 35.64 ? 201  SER A CB  1 
ATOM   1470 O OG  . SER A 1 196 ? 9.320   12.873  -0.150  1.00 37.79 ? 201  SER A OG  1 
ATOM   1471 N N   . VAL A 1 197 ? 9.781   10.203  -1.479  1.00 32.67 ? 202  VAL A N   1 
ATOM   1472 C CA  . VAL A 1 197 ? 9.285   8.829   -1.391  1.00 31.04 ? 202  VAL A CA  1 
ATOM   1473 C C   . VAL A 1 197 ? 10.204  7.867   -2.146  1.00 30.53 ? 202  VAL A C   1 
ATOM   1474 O O   . VAL A 1 197 ? 10.559  6.797   -1.630  1.00 30.22 ? 202  VAL A O   1 
ATOM   1475 C CB  . VAL A 1 197 ? 7.832   8.725   -1.947  1.00 30.83 ? 202  VAL A CB  1 
ATOM   1476 C CG1 . VAL A 1 197 ? 7.326   7.290   -1.909  1.00 30.53 ? 202  VAL A CG1 1 
ATOM   1477 C CG2 . VAL A 1 197 ? 6.911   9.615   -1.160  1.00 30.54 ? 202  VAL A CG2 1 
ATOM   1478 N N   . PHE A 1 198 ? 10.595  8.263   -3.359  1.00 29.03 ? 203  PHE A N   1 
ATOM   1479 C CA  . PHE A 1 198 ? 11.354  7.400   -4.247  1.00 27.80 ? 203  PHE A CA  1 
ATOM   1480 C C   . PHE A 1 198 ? 12.749  7.959   -4.522  1.00 28.51 ? 203  PHE A C   1 
ATOM   1481 O O   . PHE A 1 198 ? 12.967  8.609   -5.545  1.00 28.60 ? 203  PHE A O   1 
ATOM   1482 C CB  . PHE A 1 198 ? 10.594  7.205   -5.561  1.00 27.54 ? 203  PHE A CB  1 
ATOM   1483 C CG  . PHE A 1 198 ? 9.222   6.614   -5.389  1.00 26.44 ? 203  PHE A CG  1 
ATOM   1484 C CD1 . PHE A 1 198 ? 9.062   5.252   -5.134  1.00 25.12 ? 203  PHE A CD1 1 
ATOM   1485 C CD2 . PHE A 1 198 ? 8.088   7.418   -5.497  1.00 26.18 ? 203  PHE A CD2 1 
ATOM   1486 C CE1 . PHE A 1 198 ? 7.786   4.708   -4.968  1.00 26.83 ? 203  PHE A CE1 1 
ATOM   1487 C CE2 . PHE A 1 198 ? 6.811   6.882   -5.343  1.00 25.96 ? 203  PHE A CE2 1 
ATOM   1488 C CZ  . PHE A 1 198 ? 6.660   5.528   -5.080  1.00 26.00 ? 203  PHE A CZ  1 
ATOM   1489 N N   . ASP A 1 199 ? 13.677  7.693   -3.603  1.00 28.93 ? 204  ASP A N   1 
ATOM   1490 C CA  . ASP A 1 199 ? 15.089  8.093   -3.735  1.00 29.82 ? 204  ASP A CA  1 
ATOM   1491 C C   . ASP A 1 199 ? 15.625  7.725   -5.120  1.00 29.90 ? 204  ASP A C   1 
ATOM   1492 O O   . ASP A 1 199 ? 15.448  6.603   -5.583  1.00 29.23 ? 204  ASP A O   1 
ATOM   1493 C CB  . ASP A 1 199 ? 15.904  7.416   -2.634  1.00 30.56 ? 204  ASP A CB  1 
ATOM   1494 C CG  . ASP A 1 199 ? 17.365  7.824   -2.640  1.00 33.85 ? 204  ASP A CG  1 
ATOM   1495 O OD1 . ASP A 1 199 ? 17.707  8.846   -2.004  1.00 35.34 ? 204  ASP A OD1 1 
ATOM   1496 O OD2 . ASP A 1 199 ? 18.179  7.095   -3.249  1.00 36.20 ? 204  ASP A OD2 1 
ATOM   1497 N N   . SER A 1 200 ? 16.271  8.677   -5.793  1.00 30.25 ? 205  SER A N   1 
ATOM   1498 C CA  . SER A 1 200 ? 16.680  8.460   -7.183  1.00 31.02 ? 205  SER A CA  1 
ATOM   1499 C C   . SER A 1 200 ? 17.759  7.383   -7.334  1.00 31.14 ? 205  SER A C   1 
ATOM   1500 O O   . SER A 1 200 ? 17.958  6.863   -8.435  1.00 30.27 ? 205  SER A O   1 
ATOM   1501 C CB  . SER A 1 200 ? 17.161  9.772   -7.809  1.00 31.13 ? 205  SER A CB  1 
ATOM   1502 O OG  . SER A 1 200 ? 18.341  10.198  -7.161  1.00 32.68 ? 205  SER A OG  1 
ATOM   1503 N N   . ASN A 1 201 ? 18.433  7.061   -6.229  1.00 32.15 ? 206  ASN A N   1 
ATOM   1504 C CA  . ASN A 1 201 ? 19.494  6.059   -6.210  1.00 34.02 ? 206  ASN A CA  1 
ATOM   1505 C C   . ASN A 1 201 ? 19.039  4.687   -5.705  1.00 33.82 ? 206  ASN A C   1 
ATOM   1506 O O   . ASN A 1 201 ? 19.862  3.794   -5.479  1.00 34.59 ? 206  ASN A O   1 
ATOM   1507 C CB  . ASN A 1 201 ? 20.684  6.562   -5.382  1.00 35.04 ? 206  ASN A CB  1 
ATOM   1508 C CG  . ASN A 1 201 ? 22.026  6.107   -5.942  1.00 38.54 ? 206  ASN A CG  1 
ATOM   1509 O OD1 . ASN A 1 201 ? 22.870  5.592   -5.207  1.00 40.98 ? 206  ASN A OD1 1 
ATOM   1510 N ND2 . ASN A 1 201 ? 22.229  6.297   -7.243  1.00 38.07 ? 206  ASN A ND2 1 
ATOM   1511 N N   . SER A 1 202 ? 17.731  4.512   -5.538  1.00 32.72 ? 207  SER A N   1 
ATOM   1512 C CA  . SER A 1 202 ? 17.190  3.223   -5.111  1.00 31.78 ? 207  SER A CA  1 
ATOM   1513 C C   . SER A 1 202 ? 16.301  2.648   -6.207  1.00 30.99 ? 207  SER A C   1 
ATOM   1514 O O   . SER A 1 202 ? 15.892  3.356   -7.129  1.00 30.08 ? 207  SER A O   1 
ATOM   1515 C CB  . SER A 1 202 ? 16.394  3.352   -3.806  1.00 32.06 ? 207  SER A CB  1 
ATOM   1516 O OG  . SER A 1 202 ? 17.159  3.926   -2.756  1.00 33.18 ? 207  SER A OG  1 
ATOM   1517 N N   . PHE A 1 203 ? 16.036  1.348   -6.107  1.00 30.74 ? 208  PHE A N   1 
ATOM   1518 C CA  . PHE A 1 203 ? 15.076  0.658   -6.962  1.00 30.76 ? 208  PHE A CA  1 
ATOM   1519 C C   . PHE A 1 203 ? 13.807  0.456   -6.127  1.00 29.30 ? 208  PHE A C   1 
ATOM   1520 O O   . PHE A 1 203 ? 13.879  0.348   -4.898  1.00 28.55 ? 208  PHE A O   1 
ATOM   1521 C CB  . PHE A 1 203 ? 15.628  -0.703  -7.416  1.00 34.05 ? 208  PHE A CB  1 
ATOM   1522 C CG  . PHE A 1 203 ? 16.910  -0.619  -8.232  1.00 36.62 ? 208  PHE A CG  1 
ATOM   1523 C CD1 . PHE A 1 203 ? 16.871  -0.740  -9.619  1.00 36.91 ? 208  PHE A CD1 1 
ATOM   1524 C CD2 . PHE A 1 203 ? 18.149  -0.448  -7.615  1.00 37.27 ? 208  PHE A CD2 1 
ATOM   1525 C CE1 . PHE A 1 203 ? 18.042  -0.672  -10.384 1.00 45.76 ? 208  PHE A CE1 1 
ATOM   1526 C CE2 . PHE A 1 203 ? 19.328  -0.378  -8.376  1.00 45.48 ? 208  PHE A CE2 1 
ATOM   1527 C CZ  . PHE A 1 203 ? 19.268  -0.491  -9.758  1.00 34.74 ? 208  PHE A CZ  1 
ATOM   1528 N N   . TYR A 1 204 ? 12.656  0.428   -6.799  1.00 27.37 ? 209  TYR A N   1 
ATOM   1529 C CA  . TYR A 1 204 ? 11.357  0.214   -6.143  1.00 25.66 ? 209  TYR A CA  1 
ATOM   1530 C C   . TYR A 1 204 ? 10.541  -0.770  -6.963  1.00 24.97 ? 209  TYR A C   1 
ATOM   1531 O O   . TYR A 1 204 ? 10.713  -0.887  -8.185  1.00 24.06 ? 209  TYR A O   1 
ATOM   1532 C CB  . TYR A 1 204 ? 10.591  1.542   -5.935  1.00 25.33 ? 209  TYR A CB  1 
ATOM   1533 C CG  . TYR A 1 204 ? 11.303  2.494   -4.991  1.00 25.04 ? 209  TYR A CG  1 
ATOM   1534 C CD1 . TYR A 1 204 ? 11.055  2.474   -3.610  1.00 23.77 ? 209  TYR A CD1 1 
ATOM   1535 C CD2 . TYR A 1 204 ? 12.261  3.382   -5.477  1.00 23.75 ? 209  TYR A CD2 1 
ATOM   1536 C CE1 . TYR A 1 204 ? 11.743  3.324   -2.748  1.00 23.84 ? 209  TYR A CE1 1 
ATOM   1537 C CE2 . TYR A 1 204 ? 12.951  4.234   -4.633  1.00 23.13 ? 209  TYR A CE2 1 
ATOM   1538 C CZ  . TYR A 1 204 ? 12.707  4.198   -3.279  1.00 24.00 ? 209  TYR A CZ  1 
ATOM   1539 O OH  . TYR A 1 204 ? 13.394  5.045   -2.461  1.00 23.60 ? 209  TYR A OH  1 
ATOM   1540 N N   . ASN A 1 205 ? 9.701   -1.537  -6.279  1.00 23.88 ? 210  ASN A N   1 
ATOM   1541 C CA  . ASN A 1 205 ? 8.745   -2.395  -6.950  1.00 23.71 ? 210  ASN A CA  1 
ATOM   1542 C C   . ASN A 1 205 ? 7.381   -1.861  -6.587  1.00 22.75 ? 210  ASN A C   1 
ATOM   1543 O O   . ASN A 1 205 ? 7.188   -1.376  -5.470  1.00 22.59 ? 210  ASN A O   1 
ATOM   1544 C CB  . ASN A 1 205 ? 8.891   -3.845  -6.489  1.00 24.87 ? 210  ASN A CB  1 
ATOM   1545 C CG  . ASN A 1 205 ? 10.215  -4.439  -6.886  1.00 29.21 ? 210  ASN A CG  1 
ATOM   1546 O OD1 . ASN A 1 205 ? 10.467  -4.664  -8.067  1.00 31.98 ? 210  ASN A OD1 1 
ATOM   1547 N ND2 . ASN A 1 205 ? 11.079  -4.691  -5.905  1.00 32.43 ? 210  ASN A ND2 1 
ATOM   1548 N N   . LEU A 1 206 ? 6.473   -1.901  -7.551  1.00 21.28 ? 211  LEU A N   1 
ATOM   1549 C CA  . LEU A 1 206 ? 5.090   -1.505  -7.355  1.00 20.66 ? 211  LEU A CA  1 
ATOM   1550 C C   . LEU A 1 206 ? 4.198   -2.661  -7.727  1.00 20.07 ? 211  LEU A C   1 
ATOM   1551 O O   . LEU A 1 206 ? 4.550   -3.484  -8.574  1.00 19.73 ? 211  LEU A O   1 
ATOM   1552 C CB  . LEU A 1 206 ? 4.717   -0.344  -8.273  1.00 21.07 ? 211  LEU A CB  1 
ATOM   1553 C CG  . LEU A 1 206 ? 5.581   0.917   -8.247  1.00 23.10 ? 211  LEU A CG  1 
ATOM   1554 C CD1 . LEU A 1 206 ? 4.921   1.962   -9.112  1.00 24.51 ? 211  LEU A CD1 1 
ATOM   1555 C CD2 . LEU A 1 206 ? 5.765   1.436   -6.829  1.00 24.86 ? 211  LEU A CD2 1 
ATOM   1556 N N   . CYS A 1 207 ? 3.030   -2.709  -7.099  1.00 18.71 ? 212  CYS A N   1 
ATOM   1557 C CA  . CYS A 1 207 ? 2.021   -3.688  -7.450  1.00 17.84 ? 212  CYS A CA  1 
ATOM   1558 C C   . CYS A 1 207 ? 0.726   -2.907  -7.570  1.00 16.89 ? 212  CYS A C   1 
ATOM   1559 O O   . CYS A 1 207 ? 0.171   -2.455  -6.566  1.00 15.70 ? 212  CYS A O   1 
ATOM   1560 C CB  . CYS A 1 207 ? 1.907   -4.772  -6.373  1.00 18.37 ? 212  CYS A CB  1 
ATOM   1561 S SG  . CYS A 1 207 ? 0.689   -6.057  -6.721  1.00 21.23 ? 212  CYS A SG  1 
ATOM   1562 N N   . PHE A 1 208 ? 0.282   -2.724  -8.805  1.00 16.60 ? 213  PHE A N   1 
ATOM   1563 C CA  . PHE A 1 208 ? -0.960  -2.018  -9.103  1.00 17.06 ? 213  PHE A CA  1 
ATOM   1564 C C   . PHE A 1 208 ? -2.115  -2.963  -8.945  1.00 17.75 ? 213  PHE A C   1 
ATOM   1565 O O   . PHE A 1 208 ? -2.034  -4.102  -9.402  1.00 18.89 ? 213  PHE A O   1 
ATOM   1566 C CB  . PHE A 1 208 ? -0.986  -1.542  -10.562 1.00 16.89 ? 213  PHE A CB  1 
ATOM   1567 C CG  . PHE A 1 208 ? -0.040  -0.426  -10.866 1.00 18.69 ? 213  PHE A CG  1 
ATOM   1568 C CD1 . PHE A 1 208 ? -0.499  0.887   -10.919 1.00 19.44 ? 213  PHE A CD1 1 
ATOM   1569 C CD2 . PHE A 1 208 ? 1.310   -0.685  -11.158 1.00 20.41 ? 213  PHE A CD2 1 
ATOM   1570 C CE1 . PHE A 1 208 ? 0.359   1.937   -11.232 1.00 20.07 ? 213  PHE A CE1 1 
ATOM   1571 C CE2 . PHE A 1 208 ? 2.190   0.366   -11.472 1.00 21.91 ? 213  PHE A CE2 1 
ATOM   1572 C CZ  . PHE A 1 208 ? 1.718   1.686   -11.510 1.00 20.56 ? 213  PHE A CZ  1 
ATOM   1573 N N   . THR A 1 209 ? -3.184  -2.504  -8.306  1.00 17.16 ? 214  THR A N   1 
ATOM   1574 C CA  . THR A 1 209 ? -4.382  -3.336  -8.174  1.00 17.56 ? 214  THR A CA  1 
ATOM   1575 C C   . THR A 1 209 ? -5.506  -2.864  -9.072  1.00 19.47 ? 214  THR A C   1 
ATOM   1576 O O   . THR A 1 209 ? -5.768  -1.664  -9.192  1.00 17.69 ? 214  THR A O   1 
ATOM   1577 C CB  . THR A 1 209 ? -4.919  -3.397  -6.730  1.00 16.85 ? 214  THR A CB  1 
ATOM   1578 O OG1 . THR A 1 209 ? -5.227  -2.082  -6.265  1.00 16.55 ? 214  THR A OG1 1 
ATOM   1579 C CG2 . THR A 1 209 ? -3.899  -4.028  -5.794  1.00 17.78 ? 214  THR A CG2 1 
ATOM   1580 N N   . ARG A 1 210 ? -6.180  -3.826  -9.697  1.00 21.89 ? 215  ARG A N   1 
ATOM   1581 C CA  . ARG A 1 210 ? -7.287  -3.491  -10.576 1.00 26.03 ? 215  ARG A CA  1 
ATOM   1582 C C   . ARG A 1 210 ? -8.411  -4.510  -10.452 1.00 27.34 ? 215  ARG A C   1 
ATOM   1583 O O   . ARG A 1 210 ? -8.174  -5.678  -10.134 1.00 27.02 ? 215  ARG A O   1 
ATOM   1584 C CB  . ARG A 1 210 ? -6.805  -3.353  -12.029 1.00 26.20 ? 215  ARG A CB  1 
ATOM   1585 C CG  . ARG A 1 210 ? -5.695  -2.290  -12.222 1.00 28.08 ? 215  ARG A CG  1 
ATOM   1586 C CD  . ARG A 1 210 ? -5.560  -1.807  -13.651 1.00 28.16 ? 215  ARG A CD  1 
ATOM   1587 N NE  . ARG A 1 210 ? -6.817  -1.308  -14.195 1.00 32.64 ? 215  ARG A NE  1 
ATOM   1588 C CZ  . ARG A 1 210 ? -7.240  -0.051  -14.132 1.00 31.01 ? 215  ARG A CZ  1 
ATOM   1589 N NH1 . ARG A 1 210 ? -6.520  0.881   -13.514 1.00 33.22 ? 215  ARG A NH1 1 
ATOM   1590 N NH2 . ARG A 1 210 ? -8.400  0.270   -14.687 1.00 33.69 ? 215  ARG A NH2 1 
ATOM   1591 N N   . LEU A 1 211 ? -9.633  -4.038  -10.678 1.00 29.65 ? 216  LEU A N   1 
ATOM   1592 C CA  . LEU A 1 211 ? -10.817 -4.884  -10.658 1.00 32.38 ? 216  LEU A CA  1 
ATOM   1593 C C   . LEU A 1 211 ? -11.859 -4.302  -11.606 1.00 33.27 ? 216  LEU A C   1 
ATOM   1594 O O   . LEU A 1 211 ? -12.475 -3.271  -11.309 1.00 34.47 ? 216  LEU A O   1 
ATOM   1595 C CB  . LEU A 1 211 ? -11.380 -4.978  -9.234  1.00 32.74 ? 216  LEU A CB  1 
ATOM   1596 C CG  . LEU A 1 211 ? -12.304 -6.158  -8.916  1.00 33.86 ? 216  LEU A CG  1 
ATOM   1597 C CD1 . LEU A 1 211 ? -11.584 -7.508  -9.039  1.00 33.76 ? 216  LEU A CD1 1 
ATOM   1598 C CD2 . LEU A 1 211 ? -12.896 -5.980  -7.529  1.00 33.36 ? 216  LEU A CD2 1 
HETATM 1599 O O   . HOH B 2 .   ? -7.265  0.773   11.290  1.00 12.78 ? 1217 HOH A O   1 
HETATM 1600 O O   . HOH B 2 .   ? -2.106  -0.124  5.284   1.00 13.13 ? 1218 HOH A O   1 
HETATM 1601 O O   . HOH B 2 .   ? -0.019  0.436   3.570   1.00 15.71 ? 1219 HOH A O   1 
HETATM 1602 O O   . HOH B 2 .   ? -7.131  -15.797 7.710   1.00 18.95 ? 1220 HOH A O   1 
HETATM 1603 O O   . HOH B 2 .   ? 8.086   -4.509  8.626   1.00 18.72 ? 1221 HOH A O   1 
HETATM 1604 O O   . HOH B 2 .   ? 9.012   18.842  -13.135 1.00 16.78 ? 1222 HOH A O   1 
HETATM 1605 O O   . HOH B 2 .   ? -9.662  4.483   -8.847  1.00 20.83 ? 1223 HOH A O   1 
HETATM 1606 O O   . HOH B 2 .   ? -1.192  -2.387  16.935  1.00 18.08 ? 1224 HOH A O   1 
HETATM 1607 O O   . HOH B 2 .   ? 6.858   -7.626  5.257   1.00 15.63 ? 1225 HOH A O   1 
HETATM 1608 O O   . HOH B 2 .   ? -4.587  -16.427 9.261   1.00 18.31 ? 1226 HOH A O   1 
HETATM 1609 O O   . HOH B 2 .   ? -6.143  15.277  -0.376  1.00 23.08 ? 1227 HOH A O   1 
HETATM 1610 O O   . HOH B 2 .   ? -6.801  -0.299  13.890  1.00 17.08 ? 1228 HOH A O   1 
HETATM 1611 O O   . HOH B 2 .   ? -2.791  -11.930 11.115  1.00 21.40 ? 1229 HOH A O   1 
HETATM 1612 O O   . HOH B 2 .   ? 3.701   21.797  -15.520 1.00 15.71 ? 1230 HOH A O   1 
HETATM 1613 O O   . HOH B 2 .   ? -12.045 8.065   11.393  1.00 17.67 ? 1231 HOH A O   1 
HETATM 1614 O O   . HOH B 2 .   ? -0.626  15.449  3.510   1.00 19.64 ? 1232 HOH A O   1 
HETATM 1615 O O   . HOH B 2 .   ? -0.444  13.751  6.923   1.00 19.71 ? 1233 HOH A O   1 
HETATM 1616 O O   . HOH B 2 .   ? -3.778  -20.252 3.546   1.00 20.64 ? 1234 HOH A O   1 
HETATM 1617 O O   . HOH B 2 .   ? -4.931  -19.579 8.853   1.00 30.14 ? 1235 HOH A O   1 
HETATM 1618 O O   . HOH B 2 .   ? -13.734 4.169   9.709   1.00 21.80 ? 1236 HOH A O   1 
HETATM 1619 O O   . HOH B 2 .   ? 8.843   -5.613  -3.282  1.00 25.50 ? 1237 HOH A O   1 
HETATM 1620 O O   . HOH B 2 .   ? -8.559  1.519   15.022  1.00 24.89 ? 1238 HOH A O   1 
HETATM 1621 O O   . HOH B 2 .   ? -2.640  4.333   19.855  1.00 26.46 ? 1239 HOH A O   1 
HETATM 1622 O O   . HOH B 2 .   ? 3.542   -3.243  -15.392 1.00 30.86 ? 1240 HOH A O   1 
HETATM 1623 O O   . HOH B 2 .   ? -6.161  -10.317 9.919   1.00 23.44 ? 1241 HOH A O   1 
HETATM 1624 O O   . HOH B 2 .   ? -5.493  15.819  11.750  1.00 26.89 ? 1242 HOH A O   1 
HETATM 1625 O O   . HOH B 2 .   ? 8.261   15.241  -9.883  1.00 24.02 ? 1243 HOH A O   1 
HETATM 1626 O O   . HOH B 2 .   ? 7.566   -5.146  1.559   1.00 21.09 ? 1244 HOH A O   1 
HETATM 1627 O O   . HOH B 2 .   ? 5.645   24.507  -9.198  1.00 28.78 ? 1245 HOH A O   1 
HETATM 1628 O O   . HOH B 2 .   ? -9.519  -1.396  -11.502 1.00 26.01 ? 1246 HOH A O   1 
HETATM 1629 O O   . HOH B 2 .   ? -12.853 9.494   17.212  1.00 26.50 ? 1247 HOH A O   1 
HETATM 1630 O O   . HOH B 2 .   ? -2.166  -10.877 -8.829  1.00 24.08 ? 1248 HOH A O   1 
HETATM 1631 O O   . HOH B 2 .   ? -7.618  -18.462 -6.627  1.00 26.41 ? 1249 HOH A O   1 
HETATM 1632 O O   . HOH B 2 .   ? 5.980   15.483  -13.746 1.00 26.22 ? 1250 HOH A O   1 
HETATM 1633 O O   . HOH B 2 .   ? 7.446   15.357  0.946   1.00 30.08 ? 1251 HOH A O   1 
HETATM 1634 O O   . HOH B 2 .   ? -11.145 -15.226 -1.032  1.00 26.90 ? 1252 HOH A O   1 
HETATM 1635 O O   . HOH B 2 .   ? -7.761  -15.221 -8.744  1.00 35.82 ? 1253 HOH A O   1 
HETATM 1636 O O   . HOH B 2 .   ? -5.689  16.783  7.518   1.00 28.36 ? 1254 HOH A O   1 
HETATM 1637 O O   . HOH B 2 .   ? -8.284  -9.562  8.169   1.00 26.59 ? 1255 HOH A O   1 
HETATM 1638 O O   . HOH B 2 .   ? -9.563  15.237  8.566   1.00 26.77 ? 1256 HOH A O   1 
HETATM 1639 O O   . HOH B 2 .   ? 2.021   -11.796 18.473  1.00 30.33 ? 1257 HOH A O   1 
HETATM 1640 O O   . HOH B 2 .   ? -13.749 -5.532  -1.282  1.00 29.95 ? 1258 HOH A O   1 
HETATM 1641 O O   . HOH B 2 .   ? 3.664   6.301   -17.826 1.00 31.04 ? 1259 HOH A O   1 
HETATM 1642 O O   . HOH B 2 .   ? -7.355  13.205  0.191   1.00 27.03 ? 1260 HOH A O   1 
HETATM 1643 O O   . HOH B 2 .   ? -7.111  -2.485  15.337  1.00 27.77 ? 1261 HOH A O   1 
HETATM 1644 O O   . HOH B 2 .   ? -5.396  -11.428 -8.350  1.00 34.47 ? 1262 HOH A O   1 
HETATM 1645 O O   . HOH B 2 .   ? 2.291   -8.834  -12.734 1.00 26.44 ? 1263 HOH A O   1 
HETATM 1646 O O   . HOH B 2 .   ? -9.788  11.958  -8.440  1.00 31.11 ? 1264 HOH A O   1 
HETATM 1647 O O   . HOH B 2 .   ? 1.711   21.136  -14.023 1.00 32.11 ? 1265 HOH A O   1 
HETATM 1648 O O   . HOH B 2 .   ? 5.415   -18.946 15.133  1.00 36.68 ? 1266 HOH A O   1 
HETATM 1649 O O   . HOH B 2 .   ? 13.956  11.071  -6.407  1.00 33.41 ? 1267 HOH A O   1 
HETATM 1650 O O   . HOH B 2 .   ? -12.535 -7.085  1.014   1.00 29.36 ? 1268 HOH A O   1 
HETATM 1651 O O   . HOH B 2 .   ? -17.058 0.098   -3.965  1.00 36.14 ? 1269 HOH A O   1 
HETATM 1652 O O   . HOH B 2 .   ? 8.548   15.344  -6.575  1.00 22.69 ? 1270 HOH A O   1 
HETATM 1653 O O   . HOH B 2 .   ? 13.109  4.852   -0.047  1.00 35.49 ? 1271 HOH A O   1 
HETATM 1654 O O   . HOH B 2 .   ? -3.119  8.144   17.000  1.00 33.61 ? 1272 HOH A O   1 
HETATM 1655 O O   . HOH B 2 .   ? -13.762 2.039   12.210  1.00 30.14 ? 1273 HOH A O   1 
HETATM 1656 O O   . HOH B 2 .   ? 7.996   -7.194  18.949  1.00 36.34 ? 1274 HOH A O   1 
HETATM 1657 O O   . HOH B 2 .   ? -11.085 5.185   -0.620  1.00 27.66 ? 1275 HOH A O   1 
HETATM 1658 O O   . HOH B 2 .   ? 11.688  -16.338 11.392  1.00 39.36 ? 1276 HOH A O   1 
HETATM 1659 O O   . HOH B 2 .   ? -13.506 -9.247  9.643   1.00 40.42 ? 1277 HOH A O   1 
HETATM 1660 O O   . HOH B 2 .   ? -9.528  16.960  1.432   1.00 39.12 ? 1278 HOH A O   1 
HETATM 1661 O O   . HOH B 2 .   ? 12.298  -10.552 11.320  1.00 35.20 ? 1279 HOH A O   1 
HETATM 1662 O O   . HOH B 2 .   ? 2.194   16.026  -16.320 1.00 39.98 ? 1280 HOH A O   1 
HETATM 1663 O O   . HOH B 2 .   ? 9.160   -8.187  -4.297  1.00 36.46 ? 1281 HOH A O   1 
HETATM 1664 O O   . HOH B 2 .   ? -11.801 6.398   9.154   1.00 31.23 ? 1282 HOH A O   1 
HETATM 1665 O O   . HOH B 2 .   ? 3.441   14.409  -14.489 1.00 37.57 ? 1283 HOH A O   1 
HETATM 1666 O O   . HOH B 2 .   ? 10.032  -13.958 -3.739  1.00 33.17 ? 1284 HOH A O   1 
HETATM 1667 O O   . HOH B 2 .   ? 1.832   15.346  4.712   1.00 52.63 ? 1285 HOH A O   1 
HETATM 1668 O O   . HOH B 2 .   ? -10.323 -14.411 1.242   1.00 42.08 ? 1286 HOH A O   1 
HETATM 1669 O O   . HOH B 2 .   ? 6.583   -0.254  18.808  1.00 33.41 ? 1287 HOH A O   1 
HETATM 1670 O O   . HOH B 2 .   ? -1.248  17.925  2.188   1.00 34.46 ? 1288 HOH A O   1 
HETATM 1671 O O   . HOH B 2 .   ? -5.183  6.592   19.738  1.00 47.81 ? 1289 HOH A O   1 
HETATM 1672 O O   . HOH B 2 .   ? 2.669   8.302   5.081   1.00 31.34 ? 1290 HOH A O   1 
HETATM 1673 O O   . HOH B 2 .   ? 6.532   -25.074 0.005   1.00 34.95 ? 1291 HOH A O   1 
HETATM 1674 O O   . HOH B 2 .   ? 20.027  7.791   -9.866  1.00 42.00 ? 1292 HOH A O   1 
HETATM 1675 O O   . HOH B 2 .   ? -4.862  -21.017 6.304   1.00 46.11 ? 1293 HOH A O   1 
HETATM 1676 O O   . HOH B 2 .   ? -7.347  13.118  -12.890 1.00 60.13 ? 1294 HOH A O   1 
HETATM 1677 O O   . HOH B 2 .   ? 5.070   -23.886 8.567   1.00 37.61 ? 1295 HOH A O   1 
HETATM 1678 O O   . HOH B 2 .   ? -11.587 -7.092  -2.958  1.00 40.59 ? 1296 HOH A O   1 
HETATM 1679 O O   . HOH B 2 .   ? -8.414  19.651  4.782   1.00 40.55 ? 1297 HOH A O   1 
HETATM 1680 O O   . HOH B 2 .   ? -11.324 7.977   -9.151  1.00 38.57 ? 1298 HOH A O   1 
HETATM 1681 O O   . HOH B 2 .   ? 0.425   -24.247 3.554   1.00 41.66 ? 1299 HOH A O   1 
HETATM 1682 O O   . HOH B 2 .   ? 7.983   13.736  -12.467 1.00 32.53 ? 1300 HOH A O   1 
HETATM 1683 O O   . HOH B 2 .   ? -7.550  20.927  -0.088  1.00 37.52 ? 1301 HOH A O   1 
HETATM 1684 O O   . HOH B 2 .   ? 2.992   11.549  5.512   1.00 34.23 ? 1302 HOH A O   1 
HETATM 1685 O O   . HOH B 2 .   ? 12.157  -0.393  -2.317  1.00 36.92 ? 1303 HOH A O   1 
HETATM 1686 O O   . HOH B 2 .   ? -19.025 3.552   -3.145  1.00 50.37 ? 1304 HOH A O   1 
HETATM 1687 O O   . HOH B 2 .   ? -10.657 8.873   -2.690  1.00 38.76 ? 1305 HOH A O   1 
HETATM 1688 O O   . HOH B 2 .   ? -4.426  -2.546  17.258  1.00 30.36 ? 1306 HOH A O   1 
HETATM 1689 O O   . HOH B 2 .   ? -0.429  -17.110 -7.472  1.00 35.88 ? 1307 HOH A O   1 
HETATM 1690 O O   . HOH B 2 .   ? -3.102  2.110   -16.016 1.00 50.86 ? 1308 HOH A O   1 
HETATM 1691 O O   . HOH B 2 .   ? -15.915 6.204   3.286   1.00 37.16 ? 1309 HOH A O   1 
HETATM 1692 O O   . HOH B 2 .   ? -13.536 -5.752  -14.389 1.00 55.96 ? 1310 HOH A O   1 
HETATM 1693 O O   . HOH B 2 .   ? 3.100   -22.010 12.247  1.00 32.68 ? 1311 HOH A O   1 
HETATM 1694 O O   . HOH B 2 .   ? -1.762  -5.696  18.859  1.00 50.72 ? 1312 HOH A O   1 
HETATM 1695 O O   . HOH B 2 .   ? 12.839  -12.154 6.036   1.00 39.96 ? 1313 HOH A O   1 
HETATM 1696 O O   . HOH B 2 .   ? 5.175   7.758   7.916   1.00 41.05 ? 1314 HOH A O   1 
HETATM 1697 O O   . HOH B 2 .   ? -6.583  16.325  -12.977 1.00 36.24 ? 1315 HOH A O   1 
HETATM 1698 O O   . HOH B 2 .   ? -1.428  10.022  16.073  1.00 38.07 ? 1316 HOH A O   1 
HETATM 1699 O O   . HOH B 2 .   ? -12.963 6.539   13.745  1.00 23.67 ? 1317 HOH A O   1 
HETATM 1700 O O   . HOH B 2 .   ? -4.877  -21.091 1.302   1.00 25.35 ? 1318 HOH A O   1 
HETATM 1701 O O   . HOH B 2 .   ? 6.431   -0.076  16.096  1.00 22.89 ? 1319 HOH A O   1 
HETATM 1702 O O   . HOH B 2 .   ? -5.456  8.003   17.810  1.00 38.89 ? 1320 HOH A O   1 
HETATM 1703 O O   . HOH B 2 .   ? 9.784   17.366  -10.879 1.00 20.92 ? 1321 HOH A O   1 
HETATM 1704 O O   . HOH B 2 .   ? 11.289  17.879  -8.745  1.00 33.41 ? 1322 HOH A O   1 
HETATM 1705 O O   . HOH B 2 .   ? -14.332 8.216   15.373  1.00 29.69 ? 1323 HOH A O   1 
HETATM 1706 O O   . HOH B 2 .   ? -0.336  19.938  3.710   1.00 41.40 ? 1324 HOH A O   1 
HETATM 1707 O O   . HOH B 2 .   ? 7.231   4.280   9.169   1.00 30.13 ? 1325 HOH A O   1 
HETATM 1708 O O   . HOH B 2 .   ? 8.620   1.580   12.375  1.00 22.30 ? 1326 HOH A O   1 
HETATM 1709 O O   . HOH B 2 .   ? 8.880   -0.120  14.833  1.00 35.37 ? 1327 HOH A O   1 
# 
